data_1W4S
# 
_entry.id   1W4S 
# 
_audit_conform.dict_name       mmcif_pdbx.dic 
_audit_conform.dict_version    5.391 
_audit_conform.dict_location   http://mmcif.pdb.org/dictionaries/ascii/mmcif_pdbx.dic 
# 
loop_
_database_2.database_id 
_database_2.database_code 
_database_2.pdbx_database_accession 
_database_2.pdbx_DOI 
PDB   1W4S         pdb_00001w4s 10.2210/pdb1w4s/pdb 
PDBE  EBI-20609    ?            ?                   
WWPDB D_1290020609 ?            ?                   
# 
loop_
_pdbx_audit_revision_history.ordinal 
_pdbx_audit_revision_history.data_content_type 
_pdbx_audit_revision_history.major_revision 
_pdbx_audit_revision_history.minor_revision 
_pdbx_audit_revision_history.revision_date 
1 'Structure model' 1 0 2005-04-27 
2 'Structure model' 1 1 2011-07-13 
3 'Structure model' 1 2 2024-05-08 
# 
_pdbx_audit_revision_details.ordinal             1 
_pdbx_audit_revision_details.revision_ordinal    1 
_pdbx_audit_revision_details.data_content_type   'Structure model' 
_pdbx_audit_revision_details.provider            repository 
_pdbx_audit_revision_details.type                'Initial release' 
_pdbx_audit_revision_details.description         ? 
_pdbx_audit_revision_details.details             ? 
# 
loop_
_pdbx_audit_revision_group.ordinal 
_pdbx_audit_revision_group.revision_ordinal 
_pdbx_audit_revision_group.data_content_type 
_pdbx_audit_revision_group.group 
1 2 'Structure model' Advisory                    
2 2 'Structure model' 'Version format compliance' 
3 3 'Structure model' 'Data collection'           
4 3 'Structure model' 'Database references'       
5 3 'Structure model' Other                       
# 
loop_
_pdbx_audit_revision_category.ordinal 
_pdbx_audit_revision_category.revision_ordinal 
_pdbx_audit_revision_category.data_content_type 
_pdbx_audit_revision_category.category 
1 3 'Structure model' chem_comp_atom       
2 3 'Structure model' chem_comp_bond       
3 3 'Structure model' database_2           
4 3 'Structure model' pdbx_database_status 
# 
loop_
_pdbx_audit_revision_item.ordinal 
_pdbx_audit_revision_item.revision_ordinal 
_pdbx_audit_revision_item.data_content_type 
_pdbx_audit_revision_item.item 
1 3 'Structure model' '_database_2.pdbx_DOI'                 
2 3 'Structure model' '_database_2.pdbx_database_accession'  
3 3 'Structure model' '_pdbx_database_status.status_code_sf' 
# 
_pdbx_database_status.status_code                     REL 
_pdbx_database_status.entry_id                        1W4S 
_pdbx_database_status.deposit_site                    PDBE 
_pdbx_database_status.process_site                    PDBE 
_pdbx_database_status.SG_entry                        . 
_pdbx_database_status.recvd_initial_deposition_date   2004-07-28 
_pdbx_database_status.pdb_format_compatible           Y 
_pdbx_database_status.status_code_sf                  REL 
_pdbx_database_status.status_code_mr                  ? 
_pdbx_database_status.status_code_cs                  ? 
_pdbx_database_status.methods_development_category    ? 
_pdbx_database_status.status_code_nmr_data            ? 
# 
loop_
_audit_author.name 
_audit_author.pdbx_ordinal 
'Oliver, A.W.' 1 
'Roe, S.M.'    2 
'Pearl, L.H.'  3 
# 
_citation.id                        primary 
_citation.title                     'Crystal Structure of the Proximal Bah Domain of the Polybromo Protein' 
_citation.journal_abbrev            Biochem.J. 
_citation.journal_volume            389 
_citation.page_first                657 
_citation.page_last                 ? 
_citation.year                      2005 
_citation.journal_id_ASTM           BIJOAK 
_citation.country                   UK 
_citation.journal_id_ISSN           0264-6021 
_citation.journal_id_CSD            0043 
_citation.book_publisher            ? 
_citation.pdbx_database_id_PubMed   15839835 
_citation.pdbx_database_id_DOI      10.1042/BJ20050310 
# 
loop_
_citation_author.citation_id 
_citation_author.name 
_citation_author.ordinal 
_citation_author.identifier_ORCID 
primary 'Oliver, A.W.'  1 ? 
primary 'Jones, S.A.'   2 ? 
primary 'Roe, S.M.'     3 ? 
primary 'Matthews, S.'  4 ? 
primary 'Goodwin, G.H.' 5 ? 
primary 'Pearl, L.H.'   6 ? 
# 
loop_
_entity.id 
_entity.type 
_entity.src_method 
_entity.pdbx_description 
_entity.formula_weight 
_entity.pdbx_number_of_molecules 
_entity.pdbx_ec 
_entity.pdbx_mutation 
_entity.pdbx_fragment 
_entity.details 
1 polymer     man 'POLYBROMO 1 PROTEIN' 20326.361 1   ? ? 'BAH, RESIDUES 932-1103' ? 
2 non-polymer syn 'CHLORIDE ION'        35.453    1   ? ? ?                        ? 
3 water       nat water                 18.015    105 ? ? ?                        ? 
# 
_entity_name_com.entity_id   1 
_entity_name_com.name        POLYBROMO 
# 
_entity_poly.entity_id                      1 
_entity_poly.type                           'polypeptide(L)' 
_entity_poly.nstd_linkage                   no 
_entity_poly.nstd_monomer                   no 
_entity_poly.pdbx_seq_one_letter_code       
;HMSSGSAGLSSLHRTYSQDCSFKNSMYHVGDYVYVEPAEANLQPHIVCIERLWEDSAGEKWLYGCWFYRPNETFHLATRK
FLEKEVFKSDYYNKVPVSKILGKCVVMFVKEYFKLCPENFRDEDVYVCESRYSAKTKSFKKIKLWTMPVSSVRFVPRDVP
LPVVRVASVFANTD
;
_entity_poly.pdbx_seq_one_letter_code_can   
;HMSSGSAGLSSLHRTYSQDCSFKNSMYHVGDYVYVEPAEANLQPHIVCIERLWEDSAGEKWLYGCWFYRPNETFHLATRK
FLEKEVFKSDYYNKVPVSKILGKCVVMFVKEYFKLCPENFRDEDVYVCESRYSAKTKSFKKIKLWTMPVSSVRFVPRDVP
LPVVRVASVFANTD
;
_entity_poly.pdbx_strand_id                 A 
_entity_poly.pdbx_target_identifier         ? 
# 
loop_
_pdbx_entity_nonpoly.entity_id 
_pdbx_entity_nonpoly.name 
_pdbx_entity_nonpoly.comp_id 
2 'CHLORIDE ION' CL  
3 water          HOH 
# 
loop_
_entity_poly_seq.entity_id 
_entity_poly_seq.num 
_entity_poly_seq.mon_id 
_entity_poly_seq.hetero 
1 1   HIS n 
1 2   MET n 
1 3   SER n 
1 4   SER n 
1 5   GLY n 
1 6   SER n 
1 7   ALA n 
1 8   GLY n 
1 9   LEU n 
1 10  SER n 
1 11  SER n 
1 12  LEU n 
1 13  HIS n 
1 14  ARG n 
1 15  THR n 
1 16  TYR n 
1 17  SER n 
1 18  GLN n 
1 19  ASP n 
1 20  CYS n 
1 21  SER n 
1 22  PHE n 
1 23  LYS n 
1 24  ASN n 
1 25  SER n 
1 26  MET n 
1 27  TYR n 
1 28  HIS n 
1 29  VAL n 
1 30  GLY n 
1 31  ASP n 
1 32  TYR n 
1 33  VAL n 
1 34  TYR n 
1 35  VAL n 
1 36  GLU n 
1 37  PRO n 
1 38  ALA n 
1 39  GLU n 
1 40  ALA n 
1 41  ASN n 
1 42  LEU n 
1 43  GLN n 
1 44  PRO n 
1 45  HIS n 
1 46  ILE n 
1 47  VAL n 
1 48  CYS n 
1 49  ILE n 
1 50  GLU n 
1 51  ARG n 
1 52  LEU n 
1 53  TRP n 
1 54  GLU n 
1 55  ASP n 
1 56  SER n 
1 57  ALA n 
1 58  GLY n 
1 59  GLU n 
1 60  LYS n 
1 61  TRP n 
1 62  LEU n 
1 63  TYR n 
1 64  GLY n 
1 65  CYS n 
1 66  TRP n 
1 67  PHE n 
1 68  TYR n 
1 69  ARG n 
1 70  PRO n 
1 71  ASN n 
1 72  GLU n 
1 73  THR n 
1 74  PHE n 
1 75  HIS n 
1 76  LEU n 
1 77  ALA n 
1 78  THR n 
1 79  ARG n 
1 80  LYS n 
1 81  PHE n 
1 82  LEU n 
1 83  GLU n 
1 84  LYS n 
1 85  GLU n 
1 86  VAL n 
1 87  PHE n 
1 88  LYS n 
1 89  SER n 
1 90  ASP n 
1 91  TYR n 
1 92  TYR n 
1 93  ASN n 
1 94  LYS n 
1 95  VAL n 
1 96  PRO n 
1 97  VAL n 
1 98  SER n 
1 99  LYS n 
1 100 ILE n 
1 101 LEU n 
1 102 GLY n 
1 103 LYS n 
1 104 CYS n 
1 105 VAL n 
1 106 VAL n 
1 107 MET n 
1 108 PHE n 
1 109 VAL n 
1 110 LYS n 
1 111 GLU n 
1 112 TYR n 
1 113 PHE n 
1 114 LYS n 
1 115 LEU n 
1 116 CYS n 
1 117 PRO n 
1 118 GLU n 
1 119 ASN n 
1 120 PHE n 
1 121 ARG n 
1 122 ASP n 
1 123 GLU n 
1 124 ASP n 
1 125 VAL n 
1 126 TYR n 
1 127 VAL n 
1 128 CYS n 
1 129 GLU n 
1 130 SER n 
1 131 ARG n 
1 132 TYR n 
1 133 SER n 
1 134 ALA n 
1 135 LYS n 
1 136 THR n 
1 137 LYS n 
1 138 SER n 
1 139 PHE n 
1 140 LYS n 
1 141 LYS n 
1 142 ILE n 
1 143 LYS n 
1 144 LEU n 
1 145 TRP n 
1 146 THR n 
1 147 MET n 
1 148 PRO n 
1 149 VAL n 
1 150 SER n 
1 151 SER n 
1 152 VAL n 
1 153 ARG n 
1 154 PHE n 
1 155 VAL n 
1 156 PRO n 
1 157 ARG n 
1 158 ASP n 
1 159 VAL n 
1 160 PRO n 
1 161 LEU n 
1 162 PRO n 
1 163 VAL n 
1 164 VAL n 
1 165 ARG n 
1 166 VAL n 
1 167 ALA n 
1 168 SER n 
1 169 VAL n 
1 170 PHE n 
1 171 ALA n 
1 172 ASN n 
1 173 THR n 
1 174 ASP n 
# 
_entity_src_gen.entity_id                          1 
_entity_src_gen.pdbx_src_id                        1 
_entity_src_gen.pdbx_alt_source_flag               sample 
_entity_src_gen.pdbx_seq_type                      ? 
_entity_src_gen.pdbx_beg_seq_num                   ? 
_entity_src_gen.pdbx_end_seq_num                   ? 
_entity_src_gen.gene_src_common_name               CHICKEN 
_entity_src_gen.gene_src_genus                     ? 
_entity_src_gen.pdbx_gene_src_gene                 ? 
_entity_src_gen.gene_src_species                   ? 
_entity_src_gen.gene_src_strain                    ? 
_entity_src_gen.gene_src_tissue                    ? 
_entity_src_gen.gene_src_tissue_fraction           ? 
_entity_src_gen.gene_src_details                   ? 
_entity_src_gen.pdbx_gene_src_fragment             ? 
_entity_src_gen.pdbx_gene_src_scientific_name      'GALLUS GALLUS' 
_entity_src_gen.pdbx_gene_src_ncbi_taxonomy_id     9031 
_entity_src_gen.pdbx_gene_src_variant              ? 
_entity_src_gen.pdbx_gene_src_cell_line            ? 
_entity_src_gen.pdbx_gene_src_atcc                 ? 
_entity_src_gen.pdbx_gene_src_organ                ? 
_entity_src_gen.pdbx_gene_src_organelle            ? 
_entity_src_gen.pdbx_gene_src_cell                 ? 
_entity_src_gen.pdbx_gene_src_cellular_location    ? 
_entity_src_gen.host_org_common_name               ? 
_entity_src_gen.pdbx_host_org_scientific_name      'ESCHERICHIA COLI' 
_entity_src_gen.pdbx_host_org_ncbi_taxonomy_id     469008 
_entity_src_gen.host_org_genus                     ? 
_entity_src_gen.pdbx_host_org_gene                 ? 
_entity_src_gen.pdbx_host_org_organ                ? 
_entity_src_gen.host_org_species                   ? 
_entity_src_gen.pdbx_host_org_tissue               ? 
_entity_src_gen.pdbx_host_org_tissue_fraction      ? 
_entity_src_gen.pdbx_host_org_strain               'BL21(DE3)' 
_entity_src_gen.pdbx_host_org_variant              ? 
_entity_src_gen.pdbx_host_org_cell_line            ? 
_entity_src_gen.pdbx_host_org_atcc                 ? 
_entity_src_gen.pdbx_host_org_culture_collection   ? 
_entity_src_gen.pdbx_host_org_cell                 ? 
_entity_src_gen.pdbx_host_org_organelle            ? 
_entity_src_gen.pdbx_host_org_cellular_location    ? 
_entity_src_gen.pdbx_host_org_vector_type          ? 
_entity_src_gen.pdbx_host_org_vector               ? 
_entity_src_gen.host_org_details                   ? 
_entity_src_gen.expression_system_id               ? 
_entity_src_gen.plasmid_name                       PET-16B 
_entity_src_gen.plasmid_details                    ? 
_entity_src_gen.pdbx_description                   ? 
# 
loop_
_chem_comp.id 
_chem_comp.type 
_chem_comp.mon_nstd_flag 
_chem_comp.name 
_chem_comp.pdbx_synonyms 
_chem_comp.formula 
_chem_comp.formula_weight 
ALA 'L-peptide linking' y ALANINE         ? 'C3 H7 N O2'     89.093  
ARG 'L-peptide linking' y ARGININE        ? 'C6 H15 N4 O2 1' 175.209 
ASN 'L-peptide linking' y ASPARAGINE      ? 'C4 H8 N2 O3'    132.118 
ASP 'L-peptide linking' y 'ASPARTIC ACID' ? 'C4 H7 N O4'     133.103 
CL  non-polymer         . 'CHLORIDE ION'  ? 'Cl -1'          35.453  
CYS 'L-peptide linking' y CYSTEINE        ? 'C3 H7 N O2 S'   121.158 
GLN 'L-peptide linking' y GLUTAMINE       ? 'C5 H10 N2 O3'   146.144 
GLU 'L-peptide linking' y 'GLUTAMIC ACID' ? 'C5 H9 N O4'     147.129 
GLY 'peptide linking'   y GLYCINE         ? 'C2 H5 N O2'     75.067  
HIS 'L-peptide linking' y HISTIDINE       ? 'C6 H10 N3 O2 1' 156.162 
HOH non-polymer         . WATER           ? 'H2 O'           18.015  
ILE 'L-peptide linking' y ISOLEUCINE      ? 'C6 H13 N O2'    131.173 
LEU 'L-peptide linking' y LEUCINE         ? 'C6 H13 N O2'    131.173 
LYS 'L-peptide linking' y LYSINE          ? 'C6 H15 N2 O2 1' 147.195 
MET 'L-peptide linking' y METHIONINE      ? 'C5 H11 N O2 S'  149.211 
PHE 'L-peptide linking' y PHENYLALANINE   ? 'C9 H11 N O2'    165.189 
PRO 'L-peptide linking' y PROLINE         ? 'C5 H9 N O2'     115.130 
SER 'L-peptide linking' y SERINE          ? 'C3 H7 N O3'     105.093 
THR 'L-peptide linking' y THREONINE       ? 'C4 H9 N O3'     119.119 
TRP 'L-peptide linking' y TRYPTOPHAN      ? 'C11 H12 N2 O2'  204.225 
TYR 'L-peptide linking' y TYROSINE        ? 'C9 H11 N O3'    181.189 
VAL 'L-peptide linking' y VALINE          ? 'C5 H11 N O2'    117.146 
# 
loop_
_pdbx_poly_seq_scheme.asym_id 
_pdbx_poly_seq_scheme.entity_id 
_pdbx_poly_seq_scheme.seq_id 
_pdbx_poly_seq_scheme.mon_id 
_pdbx_poly_seq_scheme.ndb_seq_num 
_pdbx_poly_seq_scheme.pdb_seq_num 
_pdbx_poly_seq_scheme.auth_seq_num 
_pdbx_poly_seq_scheme.pdb_mon_id 
_pdbx_poly_seq_scheme.auth_mon_id 
_pdbx_poly_seq_scheme.pdb_strand_id 
_pdbx_poly_seq_scheme.pdb_ins_code 
_pdbx_poly_seq_scheme.hetero 
A 1 1   HIS 1   930  ?    ?   ?   A . n 
A 1 2   MET 2   931  ?    ?   ?   A . n 
A 1 3   SER 3   932  ?    ?   ?   A . n 
A 1 4   SER 4   933  ?    ?   ?   A . n 
A 1 5   GLY 5   934  ?    ?   ?   A . n 
A 1 6   SER 6   935  ?    ?   ?   A . n 
A 1 7   ALA 7   936  ?    ?   ?   A . n 
A 1 8   GLY 8   937  ?    ?   ?   A . n 
A 1 9   LEU 9   938  ?    ?   ?   A . n 
A 1 10  SER 10  939  ?    ?   ?   A . n 
A 1 11  SER 11  940  ?    ?   ?   A . n 
A 1 12  LEU 12  941  ?    ?   ?   A . n 
A 1 13  HIS 13  942  ?    ?   ?   A . n 
A 1 14  ARG 14  943  ?    ?   ?   A . n 
A 1 15  THR 15  944  ?    ?   ?   A . n 
A 1 16  TYR 16  945  ?    ?   ?   A . n 
A 1 17  SER 17  946  ?    ?   ?   A . n 
A 1 18  GLN 18  947  ?    ?   ?   A . n 
A 1 19  ASP 19  948  ?    ?   ?   A . n 
A 1 20  CYS 20  949  ?    ?   ?   A . n 
A 1 21  SER 21  950  ?    ?   ?   A . n 
A 1 22  PHE 22  951  ?    ?   ?   A . n 
A 1 23  LYS 23  952  ?    ?   ?   A . n 
A 1 24  ASN 24  953  ?    ?   ?   A . n 
A 1 25  SER 25  954  ?    ?   ?   A . n 
A 1 26  MET 26  955  955  MET MET A . n 
A 1 27  TYR 27  956  956  TYR TYR A . n 
A 1 28  HIS 28  957  957  HIS HIS A . n 
A 1 29  VAL 29  958  958  VAL VAL A . n 
A 1 30  GLY 30  959  959  GLY GLY A . n 
A 1 31  ASP 31  960  960  ASP ASP A . n 
A 1 32  TYR 32  961  961  TYR TYR A . n 
A 1 33  VAL 33  962  962  VAL VAL A . n 
A 1 34  TYR 34  963  963  TYR TYR A . n 
A 1 35  VAL 35  964  964  VAL VAL A . n 
A 1 36  GLU 36  965  965  GLU GLU A . n 
A 1 37  PRO 37  966  966  PRO PRO A . n 
A 1 38  ALA 38  967  967  ALA ALA A . n 
A 1 39  GLU 39  968  968  GLU GLU A . n 
A 1 40  ALA 40  969  969  ALA ALA A . n 
A 1 41  ASN 41  970  970  ASN ASN A . n 
A 1 42  LEU 42  971  971  LEU LEU A . n 
A 1 43  GLN 43  972  972  GLN GLN A . n 
A 1 44  PRO 44  973  973  PRO PRO A . n 
A 1 45  HIS 45  974  974  HIS HIS A . n 
A 1 46  ILE 46  975  975  ILE ILE A . n 
A 1 47  VAL 47  976  976  VAL VAL A . n 
A 1 48  CYS 48  977  977  CYS CYS A . n 
A 1 49  ILE 49  978  978  ILE ILE A . n 
A 1 50  GLU 50  979  979  GLU GLU A . n 
A 1 51  ARG 51  980  980  ARG ARG A . n 
A 1 52  LEU 52  981  981  LEU LEU A . n 
A 1 53  TRP 53  982  982  TRP TRP A . n 
A 1 54  GLU 54  983  983  GLU GLU A . n 
A 1 55  ASP 55  984  984  ASP ASP A . n 
A 1 56  SER 56  985  985  SER SER A . n 
A 1 57  ALA 57  986  986  ALA ALA A . n 
A 1 58  GLY 58  987  987  GLY GLY A . n 
A 1 59  GLU 59  988  988  GLU GLU A . n 
A 1 60  LYS 60  989  989  LYS LYS A . n 
A 1 61  TRP 61  990  990  TRP TRP A . n 
A 1 62  LEU 62  991  991  LEU LEU A . n 
A 1 63  TYR 63  992  992  TYR TYR A . n 
A 1 64  GLY 64  993  993  GLY GLY A . n 
A 1 65  CYS 65  994  994  CYS CYS A . n 
A 1 66  TRP 66  995  995  TRP TRP A . n 
A 1 67  PHE 67  996  996  PHE PHE A . n 
A 1 68  TYR 68  997  997  TYR TYR A . n 
A 1 69  ARG 69  998  998  ARG ARG A . n 
A 1 70  PRO 70  999  999  PRO PRO A . n 
A 1 71  ASN 71  1000 1000 ASN ASN A . n 
A 1 72  GLU 72  1001 1001 GLU GLU A . n 
A 1 73  THR 73  1002 1002 THR THR A . n 
A 1 74  PHE 74  1003 1003 PHE PHE A . n 
A 1 75  HIS 75  1004 1004 HIS HIS A . n 
A 1 76  LEU 76  1005 1005 LEU LEU A . n 
A 1 77  ALA 77  1006 1006 ALA ALA A . n 
A 1 78  THR 78  1007 1007 THR THR A . n 
A 1 79  ARG 79  1008 1008 ARG ARG A . n 
A 1 80  LYS 80  1009 1009 LYS LYS A . n 
A 1 81  PHE 81  1010 1010 PHE PHE A . n 
A 1 82  LEU 82  1011 1011 LEU LEU A . n 
A 1 83  GLU 83  1012 1012 GLU GLU A . n 
A 1 84  LYS 84  1013 1013 LYS LYS A . n 
A 1 85  GLU 85  1014 1014 GLU GLU A . n 
A 1 86  VAL 86  1015 1015 VAL VAL A . n 
A 1 87  PHE 87  1016 1016 PHE PHE A . n 
A 1 88  LYS 88  1017 1017 LYS LYS A . n 
A 1 89  SER 89  1018 1018 SER SER A . n 
A 1 90  ASP 90  1019 1019 ASP ASP A . n 
A 1 91  TYR 91  1020 1020 TYR TYR A . n 
A 1 92  TYR 92  1021 1021 TYR TYR A . n 
A 1 93  ASN 93  1022 1022 ASN ASN A . n 
A 1 94  LYS 94  1023 1023 LYS LYS A . n 
A 1 95  VAL 95  1024 1024 VAL VAL A . n 
A 1 96  PRO 96  1025 1025 PRO PRO A . n 
A 1 97  VAL 97  1026 1026 VAL VAL A . n 
A 1 98  SER 98  1027 1027 SER SER A . n 
A 1 99  LYS 99  1028 1028 LYS LYS A . n 
A 1 100 ILE 100 1029 1029 ILE ILE A . n 
A 1 101 LEU 101 1030 1030 LEU LEU A . n 
A 1 102 GLY 102 1031 1031 GLY GLY A . n 
A 1 103 LYS 103 1032 1032 LYS LYS A . n 
A 1 104 CYS 104 1033 1033 CYS CYS A . n 
A 1 105 VAL 105 1034 1034 VAL VAL A . n 
A 1 106 VAL 106 1035 1035 VAL VAL A . n 
A 1 107 MET 107 1036 1036 MET MET A . n 
A 1 108 PHE 108 1037 1037 PHE PHE A . n 
A 1 109 VAL 109 1038 1038 VAL VAL A . n 
A 1 110 LYS 110 1039 1039 LYS LYS A . n 
A 1 111 GLU 111 1040 1040 GLU GLU A . n 
A 1 112 TYR 112 1041 1041 TYR TYR A . n 
A 1 113 PHE 113 1042 1042 PHE PHE A . n 
A 1 114 LYS 114 1043 1043 LYS LYS A . n 
A 1 115 LEU 115 1044 1044 LEU LEU A . n 
A 1 116 CYS 116 1045 1045 CYS CYS A . n 
A 1 117 PRO 117 1046 1046 PRO PRO A . n 
A 1 118 GLU 118 1047 1047 GLU GLU A . n 
A 1 119 ASN 119 1048 1048 ASN ASN A . n 
A 1 120 PHE 120 1049 1049 PHE PHE A . n 
A 1 121 ARG 121 1050 1050 ARG ARG A . n 
A 1 122 ASP 122 1051 1051 ASP ASP A . n 
A 1 123 GLU 123 1052 1052 GLU GLU A . n 
A 1 124 ASP 124 1053 1053 ASP ASP A . n 
A 1 125 VAL 125 1054 1054 VAL VAL A . n 
A 1 126 TYR 126 1055 1055 TYR TYR A . n 
A 1 127 VAL 127 1056 1056 VAL VAL A . n 
A 1 128 CYS 128 1057 1057 CYS CYS A . n 
A 1 129 GLU 129 1058 1058 GLU GLU A . n 
A 1 130 SER 130 1059 1059 SER SER A . n 
A 1 131 ARG 131 1060 1060 ARG ARG A . n 
A 1 132 TYR 132 1061 1061 TYR TYR A . n 
A 1 133 SER 133 1062 1062 SER SER A . n 
A 1 134 ALA 134 1063 1063 ALA ALA A . n 
A 1 135 LYS 135 1064 1064 LYS LYS A . n 
A 1 136 THR 136 1065 1065 THR THR A . n 
A 1 137 LYS 137 1066 1066 LYS LYS A . n 
A 1 138 SER 138 1067 1067 SER SER A . n 
A 1 139 PHE 139 1068 1068 PHE PHE A . n 
A 1 140 LYS 140 1069 1069 LYS LYS A . n 
A 1 141 LYS 141 1070 1070 LYS LYS A . n 
A 1 142 ILE 142 1071 1071 ILE ILE A . n 
A 1 143 LYS 143 1072 1072 LYS LYS A . n 
A 1 144 LEU 144 1073 1073 LEU LEU A . n 
A 1 145 TRP 145 1074 1074 TRP TRP A . n 
A 1 146 THR 146 1075 1075 THR THR A . n 
A 1 147 MET 147 1076 1076 MET MET A . n 
A 1 148 PRO 148 1077 1077 PRO PRO A . n 
A 1 149 VAL 149 1078 1078 VAL VAL A . n 
A 1 150 SER 150 1079 1079 SER SER A . n 
A 1 151 SER 151 1080 1080 SER SER A . n 
A 1 152 VAL 152 1081 1081 VAL VAL A . n 
A 1 153 ARG 153 1082 1082 ARG ARG A . n 
A 1 154 PHE 154 1083 1083 PHE PHE A . n 
A 1 155 VAL 155 1084 1084 VAL VAL A . n 
A 1 156 PRO 156 1085 1085 PRO PRO A . n 
A 1 157 ARG 157 1086 1086 ARG ARG A . n 
A 1 158 ASP 158 1087 1087 ASP ASP A . n 
A 1 159 VAL 159 1088 1088 VAL VAL A . n 
A 1 160 PRO 160 1089 1089 PRO PRO A . n 
A 1 161 LEU 161 1090 1090 LEU LEU A . n 
A 1 162 PRO 162 1091 1091 PRO PRO A . n 
A 1 163 VAL 163 1092 1092 VAL VAL A . n 
A 1 164 VAL 164 1093 1093 VAL VAL A . n 
A 1 165 ARG 165 1094 1094 ARG ARG A . n 
A 1 166 VAL 166 1095 1095 VAL VAL A . n 
A 1 167 ALA 167 1096 1096 ALA ALA A . n 
A 1 168 SER 168 1097 1097 SER SER A . n 
A 1 169 VAL 169 1098 1098 VAL VAL A . n 
A 1 170 PHE 170 1099 1099 PHE PHE A . n 
A 1 171 ALA 171 1100 1100 ALA ALA A . n 
A 1 172 ASN 172 1101 ?    ?   ?   A . n 
A 1 173 THR 173 1102 ?    ?   ?   A . n 
A 1 174 ASP 174 1103 ?    ?   ?   A . n 
# 
loop_
_pdbx_nonpoly_scheme.asym_id 
_pdbx_nonpoly_scheme.entity_id 
_pdbx_nonpoly_scheme.mon_id 
_pdbx_nonpoly_scheme.ndb_seq_num 
_pdbx_nonpoly_scheme.pdb_seq_num 
_pdbx_nonpoly_scheme.auth_seq_num 
_pdbx_nonpoly_scheme.pdb_mon_id 
_pdbx_nonpoly_scheme.auth_mon_id 
_pdbx_nonpoly_scheme.pdb_strand_id 
_pdbx_nonpoly_scheme.pdb_ins_code 
B 2 CL  1   2101 2101 CL  CL  A . 
C 3 HOH 1   2001 2001 HOH HOH A . 
C 3 HOH 2   2002 2002 HOH HOH A . 
C 3 HOH 3   2003 2003 HOH HOH A . 
C 3 HOH 4   2004 2004 HOH HOH A . 
C 3 HOH 5   2005 2005 HOH HOH A . 
C 3 HOH 6   2006 2006 HOH HOH A . 
C 3 HOH 7   2007 2007 HOH HOH A . 
C 3 HOH 8   2008 2008 HOH HOH A . 
C 3 HOH 9   2009 2009 HOH HOH A . 
C 3 HOH 10  2010 2010 HOH HOH A . 
C 3 HOH 11  2011 2011 HOH HOH A . 
C 3 HOH 12  2012 2012 HOH HOH A . 
C 3 HOH 13  2013 2013 HOH HOH A . 
C 3 HOH 14  2014 2014 HOH HOH A . 
C 3 HOH 15  2015 2015 HOH HOH A . 
C 3 HOH 16  2016 2016 HOH HOH A . 
C 3 HOH 17  2017 2017 HOH HOH A . 
C 3 HOH 18  2018 2018 HOH HOH A . 
C 3 HOH 19  2019 2019 HOH HOH A . 
C 3 HOH 20  2020 2020 HOH HOH A . 
C 3 HOH 21  2021 2021 HOH HOH A . 
C 3 HOH 22  2022 2022 HOH HOH A . 
C 3 HOH 23  2023 2023 HOH HOH A . 
C 3 HOH 24  2024 2024 HOH HOH A . 
C 3 HOH 25  2025 2025 HOH HOH A . 
C 3 HOH 26  2026 2026 HOH HOH A . 
C 3 HOH 27  2027 2027 HOH HOH A . 
C 3 HOH 28  2028 2028 HOH HOH A . 
C 3 HOH 29  2029 2029 HOH HOH A . 
C 3 HOH 30  2030 2030 HOH HOH A . 
C 3 HOH 31  2031 2031 HOH HOH A . 
C 3 HOH 32  2032 2032 HOH HOH A . 
C 3 HOH 33  2033 2033 HOH HOH A . 
C 3 HOH 34  2034 2034 HOH HOH A . 
C 3 HOH 35  2035 2035 HOH HOH A . 
C 3 HOH 36  2036 2036 HOH HOH A . 
C 3 HOH 37  2037 2037 HOH HOH A . 
C 3 HOH 38  2038 2038 HOH HOH A . 
C 3 HOH 39  2039 2039 HOH HOH A . 
C 3 HOH 40  2040 2040 HOH HOH A . 
C 3 HOH 41  2041 2041 HOH HOH A . 
C 3 HOH 42  2042 2042 HOH HOH A . 
C 3 HOH 43  2043 2043 HOH HOH A . 
C 3 HOH 44  2044 2044 HOH HOH A . 
C 3 HOH 45  2045 2045 HOH HOH A . 
C 3 HOH 46  2046 2046 HOH HOH A . 
C 3 HOH 47  2047 2047 HOH HOH A . 
C 3 HOH 48  2048 2048 HOH HOH A . 
C 3 HOH 49  2049 2049 HOH HOH A . 
C 3 HOH 50  2050 2050 HOH HOH A . 
C 3 HOH 51  2051 2051 HOH HOH A . 
C 3 HOH 52  2052 2052 HOH HOH A . 
C 3 HOH 53  2053 2053 HOH HOH A . 
C 3 HOH 54  2054 2054 HOH HOH A . 
C 3 HOH 55  2055 2055 HOH HOH A . 
C 3 HOH 56  2056 2056 HOH HOH A . 
C 3 HOH 57  2057 2057 HOH HOH A . 
C 3 HOH 58  2058 2058 HOH HOH A . 
C 3 HOH 59  2059 2059 HOH HOH A . 
C 3 HOH 60  2060 2060 HOH HOH A . 
C 3 HOH 61  2061 2061 HOH HOH A . 
C 3 HOH 62  2062 2062 HOH HOH A . 
C 3 HOH 63  2063 2063 HOH HOH A . 
C 3 HOH 64  2064 2064 HOH HOH A . 
C 3 HOH 65  2065 2065 HOH HOH A . 
C 3 HOH 66  2066 2066 HOH HOH A . 
C 3 HOH 67  2067 2067 HOH HOH A . 
C 3 HOH 68  2068 2068 HOH HOH A . 
C 3 HOH 69  2069 2069 HOH HOH A . 
C 3 HOH 70  2070 2070 HOH HOH A . 
C 3 HOH 71  2071 2071 HOH HOH A . 
C 3 HOH 72  2072 2072 HOH HOH A . 
C 3 HOH 73  2073 2073 HOH HOH A . 
C 3 HOH 74  2074 2074 HOH HOH A . 
C 3 HOH 75  2075 2075 HOH HOH A . 
C 3 HOH 76  2076 2076 HOH HOH A . 
C 3 HOH 77  2077 2077 HOH HOH A . 
C 3 HOH 78  2078 2078 HOH HOH A . 
C 3 HOH 79  2079 2079 HOH HOH A . 
C 3 HOH 80  2080 2080 HOH HOH A . 
C 3 HOH 81  2081 2081 HOH HOH A . 
C 3 HOH 82  2082 2082 HOH HOH A . 
C 3 HOH 83  2083 2083 HOH HOH A . 
C 3 HOH 84  2084 2084 HOH HOH A . 
C 3 HOH 85  2085 2085 HOH HOH A . 
C 3 HOH 86  2086 2086 HOH HOH A . 
C 3 HOH 87  2087 2087 HOH HOH A . 
C 3 HOH 88  2088 2088 HOH HOH A . 
C 3 HOH 89  2089 2089 HOH HOH A . 
C 3 HOH 90  2090 2090 HOH HOH A . 
C 3 HOH 91  2091 2091 HOH HOH A . 
C 3 HOH 92  2092 2092 HOH HOH A . 
C 3 HOH 93  2093 2093 HOH HOH A . 
C 3 HOH 94  2094 2094 HOH HOH A . 
C 3 HOH 95  2095 2095 HOH HOH A . 
C 3 HOH 96  2096 2096 HOH HOH A . 
C 3 HOH 97  2097 2097 HOH HOH A . 
C 3 HOH 98  2098 2098 HOH HOH A . 
C 3 HOH 99  2099 2099 HOH HOH A . 
C 3 HOH 100 2100 2100 HOH HOH A . 
C 3 HOH 101 2106 2106 HOH HOH A . 
C 3 HOH 102 2102 2102 HOH HOH A . 
C 3 HOH 103 2103 2103 HOH HOH A . 
C 3 HOH 104 2104 2104 HOH HOH A . 
C 3 HOH 105 2105 2105 HOH HOH A . 
# 
loop_
_software.name 
_software.classification 
_software.version 
_software.citation_id 
_software.pdbx_ordinal 
REFMAC refinement       5.1.24 ? 1 
MOSFLM 'data reduction' .      ? 2 
SCALA  'data scaling'   .      ? 3 
SHARP  phasing          .      ? 4 
# 
_cell.entry_id           1W4S 
_cell.length_a           39.598 
_cell.length_b           57.712 
_cell.length_c           70.377 
_cell.angle_alpha        90.00 
_cell.angle_beta         90.00 
_cell.angle_gamma        90.00 
_cell.Z_PDB              4 
_cell.pdbx_unique_axis   ? 
# 
_symmetry.entry_id                         1W4S 
_symmetry.space_group_name_H-M             'P 21 21 21' 
_symmetry.pdbx_full_space_group_name_H-M   ? 
_symmetry.cell_setting                     ? 
_symmetry.Int_Tables_number                19 
# 
_exptl.entry_id          1W4S 
_exptl.method            'X-RAY DIFFRACTION' 
_exptl.crystals_number   1 
# 
_exptl_crystal.id                    1 
_exptl_crystal.density_meas          ? 
_exptl_crystal.density_Matthews      2.3 
_exptl_crystal.density_percent_sol   45 
_exptl_crystal.description           ? 
# 
_exptl_crystal_grow.crystal_id      1 
_exptl_crystal_grow.method          ? 
_exptl_crystal_grow.temp            ? 
_exptl_crystal_grow.temp_details    ? 
_exptl_crystal_grow.pH              8.00 
_exptl_crystal_grow.pdbx_pH_range   ? 
_exptl_crystal_grow.pdbx_details    '0.1M TRIS.HCL PH 8.0 0.6 TO 1.6M AMMONIUM SULPHATE 20% (W/V) SUCROSE' 
# 
_diffrn.id                     1 
_diffrn.ambient_temp           100.0 
_diffrn.ambient_temp_details   ? 
_diffrn.crystal_id             1 
# 
_diffrn_detector.diffrn_id              1 
_diffrn_detector.detector               CCD 
_diffrn_detector.type                   'ADSC CCD' 
_diffrn_detector.pdbx_collection_date   2003-09-18 
_diffrn_detector.details                ? 
# 
_diffrn_radiation.diffrn_id                        1 
_diffrn_radiation.wavelength_id                    1 
_diffrn_radiation.pdbx_monochromatic_or_laue_m_l   M 
_diffrn_radiation.monochromator                    ? 
_diffrn_radiation.pdbx_diffrn_protocol             'SINGLE WAVELENGTH' 
_diffrn_radiation.pdbx_scattering_type             x-ray 
# 
_diffrn_radiation_wavelength.id           1 
_diffrn_radiation_wavelength.wavelength   0.9330 
_diffrn_radiation_wavelength.wt           1.0 
# 
_diffrn_source.diffrn_id                   1 
_diffrn_source.source                      SYNCHROTRON 
_diffrn_source.type                        'ESRF BEAMLINE ID14-2' 
_diffrn_source.pdbx_synchrotron_site       ESRF 
_diffrn_source.pdbx_synchrotron_beamline   ID14-2 
_diffrn_source.pdbx_wavelength             0.9330 
_diffrn_source.pdbx_wavelength_list        ? 
# 
_reflns.pdbx_diffrn_id               1 
_reflns.pdbx_ordinal                 1 
_reflns.entry_id                     1W4S 
_reflns.observed_criterion_sigma_I   0.000 
_reflns.observed_criterion_sigma_F   ? 
_reflns.d_resolution_low             30.000 
_reflns.d_resolution_high            1.550 
_reflns.number_obs                   23961 
_reflns.number_all                   ? 
_reflns.percent_possible_obs         99.4 
_reflns.pdbx_Rmerge_I_obs            0.07000 
_reflns.pdbx_Rsym_value              ? 
_reflns.pdbx_netI_over_sigmaI        17.9000 
_reflns.B_iso_Wilson_estimate        23.64 
_reflns.pdbx_redundancy              4.700 
# 
_reflns_shell.pdbx_diffrn_id         1 
_reflns_shell.pdbx_ordinal           1 
_reflns_shell.d_res_high             1.55 
_reflns_shell.d_res_low              1.63 
_reflns_shell.percent_possible_all   100.0 
_reflns_shell.Rmerge_I_obs           0.26000 
_reflns_shell.pdbx_Rsym_value        ? 
_reflns_shell.meanI_over_sigI_obs    4.700 
_reflns_shell.pdbx_redundancy        4.70 
# 
_refine.pdbx_refine_id                           'X-RAY DIFFRACTION' 
_refine.entry_id                                 1W4S 
_refine.pdbx_diffrn_id                           1 
_refine.pdbx_TLS_residual_ADP_flag               'LIKELY RESIDUAL' 
_refine.ls_number_reflns_obs                     22719 
_refine.ls_number_reflns_all                     ? 
_refine.pdbx_ls_sigma_I                          ? 
_refine.pdbx_ls_sigma_F                          ? 
_refine.pdbx_data_cutoff_high_absF               ? 
_refine.pdbx_data_cutoff_low_absF                ? 
_refine.pdbx_data_cutoff_high_rms_absF           ? 
_refine.ls_d_res_low                             30.00 
_refine.ls_d_res_high                            1.55 
_refine.ls_percent_reflns_obs                    99.3 
_refine.ls_R_factor_obs                          0.201 
_refine.ls_R_factor_all                          ? 
_refine.ls_R_factor_R_work                       0.199 
_refine.ls_R_factor_R_free                       0.230 
_refine.ls_R_factor_R_free_error                 ? 
_refine.ls_R_factor_R_free_error_details         ? 
_refine.ls_percent_reflns_R_free                 5.000 
_refine.ls_number_reflns_R_free                  1186 
_refine.ls_number_parameters                     ? 
_refine.ls_number_restraints                     ? 
_refine.occupancy_min                            ? 
_refine.occupancy_max                            ? 
_refine.correlation_coeff_Fo_to_Fc               0.958 
_refine.correlation_coeff_Fo_to_Fc_free          0.950 
_refine.B_iso_mean                               21.05 
_refine.aniso_B[1][1]                            0.04000 
_refine.aniso_B[2][2]                            -1.29000 
_refine.aniso_B[3][3]                            1.24000 
_refine.aniso_B[1][2]                            0.00000 
_refine.aniso_B[1][3]                            0.00000 
_refine.aniso_B[2][3]                            0.00000 
_refine.solvent_model_details                    'BABINET MODEL WITH MASK' 
_refine.solvent_model_param_ksol                 ? 
_refine.solvent_model_param_bsol                 ? 
_refine.pdbx_solvent_vdw_probe_radii             1.40 
_refine.pdbx_solvent_ion_probe_radii             0.80 
_refine.pdbx_solvent_shrinkage_radii             0.80 
_refine.pdbx_ls_cross_valid_method               THROUGHOUT 
_refine.details                                  ? 
_refine.pdbx_starting_model                      ? 
_refine.pdbx_method_to_determine_struct          MAD 
_refine.pdbx_isotropic_thermal_model             ? 
_refine.pdbx_stereochemistry_target_values       'MAXIMUM LIKELIHOOD' 
_refine.pdbx_stereochem_target_val_spec_case     ? 
_refine.pdbx_R_Free_selection_details            RANDOM 
_refine.pdbx_overall_ESU_R                       0.087 
_refine.pdbx_overall_ESU_R_Free                  0.088 
_refine.overall_SU_ML                            0.062 
_refine.pdbx_overall_phase_error                 ? 
_refine.overall_SU_B                             1.708 
_refine.overall_SU_R_Cruickshank_DPI             ? 
_refine.pdbx_overall_SU_R_free_Cruickshank_DPI   ? 
_refine.pdbx_overall_SU_R_Blow_DPI               ? 
_refine.pdbx_overall_SU_R_free_Blow_DPI          ? 
# 
_refine_hist.pdbx_refine_id                   'X-RAY DIFFRACTION' 
_refine_hist.cycle_id                         LAST 
_refine_hist.pdbx_number_atoms_protein        1221 
_refine_hist.pdbx_number_atoms_nucleic_acid   0 
_refine_hist.pdbx_number_atoms_ligand         1 
_refine_hist.number_atoms_solvent             105 
_refine_hist.number_atoms_total               1327 
_refine_hist.d_res_high                       1.55 
_refine_hist.d_res_low                        30.00 
# 
loop_
_refine_ls_restr.type 
_refine_ls_restr.dev_ideal 
_refine_ls_restr.dev_ideal_target 
_refine_ls_restr.weight 
_refine_ls_restr.number 
_refine_ls_restr.pdbx_refine_id 
_refine_ls_restr.pdbx_restraint_function 
r_bond_refined_d             0.021 0.022 ? 1260 'X-RAY DIFFRACTION' ? 
r_bond_other_d               ?     ?     ? ?    'X-RAY DIFFRACTION' ? 
r_angle_refined_deg          1.849 1.941 ? 1708 'X-RAY DIFFRACTION' ? 
r_angle_other_deg            ?     ?     ? ?    'X-RAY DIFFRACTION' ? 
r_dihedral_angle_1_deg       6.298 5.000 ? 145  'X-RAY DIFFRACTION' ? 
r_dihedral_angle_2_deg       ?     ?     ? ?    'X-RAY DIFFRACTION' ? 
r_dihedral_angle_3_deg       ?     ?     ? ?    'X-RAY DIFFRACTION' ? 
r_dihedral_angle_4_deg       ?     ?     ? ?    'X-RAY DIFFRACTION' ? 
r_chiral_restr               0.135 0.200 ? 179  'X-RAY DIFFRACTION' ? 
r_gen_planes_refined         0.011 0.020 ? 956  'X-RAY DIFFRACTION' ? 
r_gen_planes_other           ?     ?     ? ?    'X-RAY DIFFRACTION' ? 
r_nbd_refined                0.222 0.200 ? 465  'X-RAY DIFFRACTION' ? 
r_nbd_other                  ?     ?     ? ?    'X-RAY DIFFRACTION' ? 
r_nbtor_refined              ?     ?     ? ?    'X-RAY DIFFRACTION' ? 
r_nbtor_other                ?     ?     ? ?    'X-RAY DIFFRACTION' ? 
r_xyhbond_nbd_refined        0.225 0.200 ? 71   'X-RAY DIFFRACTION' ? 
r_xyhbond_nbd_other          ?     ?     ? ?    'X-RAY DIFFRACTION' ? 
r_metal_ion_refined          ?     ?     ? ?    'X-RAY DIFFRACTION' ? 
r_metal_ion_other            ?     ?     ? ?    'X-RAY DIFFRACTION' ? 
r_symmetry_vdw_refined       0.270 0.200 ? 45   'X-RAY DIFFRACTION' ? 
r_symmetry_vdw_other         ?     ?     ? ?    'X-RAY DIFFRACTION' ? 
r_symmetry_hbond_refined     0.154 0.200 ? 11   'X-RAY DIFFRACTION' ? 
r_symmetry_hbond_other       ?     ?     ? ?    'X-RAY DIFFRACTION' ? 
r_symmetry_metal_ion_refined ?     ?     ? ?    'X-RAY DIFFRACTION' ? 
r_symmetry_metal_ion_other   ?     ?     ? ?    'X-RAY DIFFRACTION' ? 
r_mcbond_it                  1.382 1.500 ? 734  'X-RAY DIFFRACTION' ? 
r_mcbond_other               ?     ?     ? ?    'X-RAY DIFFRACTION' ? 
r_mcangle_it                 2.247 2.000 ? 1201 'X-RAY DIFFRACTION' ? 
r_mcangle_other              ?     ?     ? ?    'X-RAY DIFFRACTION' ? 
r_scbond_it                  3.479 3.000 ? 526  'X-RAY DIFFRACTION' ? 
r_scbond_other               ?     ?     ? ?    'X-RAY DIFFRACTION' ? 
r_scangle_it                 4.761 4.500 ? 507  'X-RAY DIFFRACTION' ? 
r_scangle_other              ?     ?     ? ?    'X-RAY DIFFRACTION' ? 
r_long_range_B_refined       ?     ?     ? ?    'X-RAY DIFFRACTION' ? 
r_long_range_B_other         ?     ?     ? ?    'X-RAY DIFFRACTION' ? 
r_rigid_bond_restr           ?     ?     ? ?    'X-RAY DIFFRACTION' ? 
r_sphericity_free            ?     ?     ? ?    'X-RAY DIFFRACTION' ? 
r_sphericity_bonded          ?     ?     ? ?    'X-RAY DIFFRACTION' ? 
# 
_refine_ls_shell.pdbx_refine_id                   'X-RAY DIFFRACTION' 
_refine_ls_shell.pdbx_total_number_of_bins_used   20 
_refine_ls_shell.d_res_high                       1.55 
_refine_ls_shell.d_res_low                        1.59 
_refine_ls_shell.number_reflns_R_work             1675 
_refine_ls_shell.R_factor_R_work                  0.2340 
_refine_ls_shell.percent_reflns_obs               ? 
_refine_ls_shell.R_factor_R_free                  0.2850 
_refine_ls_shell.R_factor_R_free_error            ? 
_refine_ls_shell.percent_reflns_R_free            ? 
_refine_ls_shell.number_reflns_R_free             90 
_refine_ls_shell.number_reflns_all                ? 
_refine_ls_shell.R_factor_all                     ? 
# 
_struct.entry_id                  1W4S 
_struct.title                     'Crystal structure of the proximal BAH domain of polybromo' 
_struct.pdbx_model_details        ? 
_struct.pdbx_CASP_flag            ? 
_struct.pdbx_model_type_details   ? 
# 
_struct_keywords.entry_id        1W4S 
_struct_keywords.pdbx_keywords   'NUCLEAR PROTEIN' 
_struct_keywords.text            
'POLYBROMO, BAH, BROMO-ASSOCIATED HOMOLOGY DOMAIN, CHROMATIN REMODELLING, PBAF, SWI/SNF-B, RSC, NUCLEAR PROTEIN' 
# 
loop_
_struct_asym.id 
_struct_asym.pdbx_blank_PDB_chainid_flag 
_struct_asym.pdbx_modified 
_struct_asym.entity_id 
_struct_asym.details 
A N N 1 ? 
B N N 2 ? 
C N N 3 ? 
# 
loop_
_struct_ref.id 
_struct_ref.db_name 
_struct_ref.db_code 
_struct_ref.entity_id 
_struct_ref.pdbx_seq_one_letter_code 
_struct_ref.pdbx_align_begin 
_struct_ref.pdbx_db_accession 
_struct_ref.pdbx_db_isoform 
1 PDB 1W4S   1 ? ? 1W4S   ? 
2 UNP Q90941 1 ? ? Q90941 ? 
# 
loop_
_struct_ref_seq.align_id 
_struct_ref_seq.ref_id 
_struct_ref_seq.pdbx_PDB_id_code 
_struct_ref_seq.pdbx_strand_id 
_struct_ref_seq.seq_align_beg 
_struct_ref_seq.pdbx_seq_align_beg_ins_code 
_struct_ref_seq.seq_align_end 
_struct_ref_seq.pdbx_seq_align_end_ins_code 
_struct_ref_seq.pdbx_db_accession 
_struct_ref_seq.db_align_beg 
_struct_ref_seq.pdbx_db_align_beg_ins_code 
_struct_ref_seq.db_align_end 
_struct_ref_seq.pdbx_db_align_end_ins_code 
_struct_ref_seq.pdbx_auth_seq_align_beg 
_struct_ref_seq.pdbx_auth_seq_align_end 
1 1 1W4S A 1 ? 2   ? 1W4S   930 ? 931  ? 930 931  
2 2 1W4S A 3 ? 174 ? Q90941 932 ? 1103 ? 932 1103 
# 
_pdbx_struct_assembly.id                   1 
_pdbx_struct_assembly.details              author_and_software_defined_assembly 
_pdbx_struct_assembly.method_details       PQS 
_pdbx_struct_assembly.oligomeric_details   monomeric 
_pdbx_struct_assembly.oligomeric_count     1 
# 
_pdbx_struct_assembly_gen.assembly_id       1 
_pdbx_struct_assembly_gen.oper_expression   1 
_pdbx_struct_assembly_gen.asym_id_list      A,B,C 
# 
_pdbx_struct_oper_list.id                   1 
_pdbx_struct_oper_list.type                 'identity operation' 
_pdbx_struct_oper_list.name                 1_555 
_pdbx_struct_oper_list.symmetry_operation   x,y,z 
_pdbx_struct_oper_list.matrix[1][1]         1.0000000000 
_pdbx_struct_oper_list.matrix[1][2]         0.0000000000 
_pdbx_struct_oper_list.matrix[1][3]         0.0000000000 
_pdbx_struct_oper_list.vector[1]            0.0000000000 
_pdbx_struct_oper_list.matrix[2][1]         0.0000000000 
_pdbx_struct_oper_list.matrix[2][2]         1.0000000000 
_pdbx_struct_oper_list.matrix[2][3]         0.0000000000 
_pdbx_struct_oper_list.vector[2]            0.0000000000 
_pdbx_struct_oper_list.matrix[3][1]         0.0000000000 
_pdbx_struct_oper_list.matrix[3][2]         0.0000000000 
_pdbx_struct_oper_list.matrix[3][3]         1.0000000000 
_pdbx_struct_oper_list.vector[3]            0.0000000000 
# 
_struct_biol.id   1 
# 
loop_
_struct_conf.conf_type_id 
_struct_conf.id 
_struct_conf.pdbx_PDB_helix_id 
_struct_conf.beg_label_comp_id 
_struct_conf.beg_label_asym_id 
_struct_conf.beg_label_seq_id 
_struct_conf.pdbx_beg_PDB_ins_code 
_struct_conf.end_label_comp_id 
_struct_conf.end_label_asym_id 
_struct_conf.end_label_seq_id 
_struct_conf.pdbx_end_PDB_ins_code 
_struct_conf.beg_auth_comp_id 
_struct_conf.beg_auth_asym_id 
_struct_conf.beg_auth_seq_id 
_struct_conf.end_auth_comp_id 
_struct_conf.end_auth_asym_id 
_struct_conf.end_auth_seq_id 
_struct_conf.pdbx_PDB_helix_class 
_struct_conf.details 
_struct_conf.pdbx_PDB_helix_length 
HELX_P HELX_P1 1 PRO A 70  ? GLU A 72  ? PRO A 999  GLU A 1001 5 ? 3 
HELX_P HELX_P2 2 VAL A 97  ? LYS A 99  ? VAL A 1026 LYS A 1028 5 ? 3 
HELX_P HELX_P3 3 VAL A 109 ? TYR A 112 ? VAL A 1038 TYR A 1041 1 ? 4 
HELX_P HELX_P4 4 ASP A 122 ? ASP A 124 ? ASP A 1051 ASP A 1053 5 ? 3 
# 
_struct_conf_type.id          HELX_P 
_struct_conf_type.criteria    ? 
_struct_conf_type.reference   ? 
# 
loop_
_struct_sheet.id 
_struct_sheet.type 
_struct_sheet.number_strands 
_struct_sheet.details 
AA ? 7 ? 
AB ? 2 ? 
AC ? 2 ? 
AD ? 2 ? 
# 
loop_
_struct_sheet_order.sheet_id 
_struct_sheet_order.range_id_1 
_struct_sheet_order.range_id_2 
_struct_sheet_order.offset 
_struct_sheet_order.sense 
AA 1 2 ? anti-parallel 
AA 2 3 ? parallel      
AA 3 4 ? parallel      
AA 4 5 ? anti-parallel 
AA 5 6 ? anti-parallel 
AA 6 7 ? anti-parallel 
AB 1 2 ? anti-parallel 
AC 1 2 ? anti-parallel 
AD 1 2 ? anti-parallel 
# 
loop_
_struct_sheet_range.sheet_id 
_struct_sheet_range.id 
_struct_sheet_range.beg_label_comp_id 
_struct_sheet_range.beg_label_asym_id 
_struct_sheet_range.beg_label_seq_id 
_struct_sheet_range.pdbx_beg_PDB_ins_code 
_struct_sheet_range.end_label_comp_id 
_struct_sheet_range.end_label_asym_id 
_struct_sheet_range.end_label_seq_id 
_struct_sheet_range.pdbx_end_PDB_ins_code 
_struct_sheet_range.beg_auth_comp_id 
_struct_sheet_range.beg_auth_asym_id 
_struct_sheet_range.beg_auth_seq_id 
_struct_sheet_range.end_auth_comp_id 
_struct_sheet_range.end_auth_asym_id 
_struct_sheet_range.end_auth_seq_id 
AA 1 TYR A 32  ? VAL A 35  ? TYR A 961  VAL A 964  
AA 2 ILE A 100 ? PHE A 108 ? ILE A 1029 PHE A 1037 
AA 3 VAL A 125 ? SER A 133 ? VAL A 1054 SER A 1062 
AA 4 GLU A 85  ? PRO A 96  ? GLU A 1014 PRO A 1025 
AA 5 LYS A 60  ? TYR A 68  ? LYS A 989  TYR A 997  
AA 6 HIS A 45  ? GLU A 54  ? HIS A 974  GLU A 983  
AA 7 TYR A 32  ? VAL A 35  ? TYR A 961  VAL A 964  
AB 1 LYS A 80  ? LEU A 82  ? LYS A 1009 LEU A 1011 
AB 2 ARG A 165 ? ALA A 167 ? ARG A 1094 ALA A 1096 
AC 1 LEU A 115 ? PRO A 117 ? LEU A 1044 PRO A 1046 
AC 2 PHE A 154 ? PRO A 156 ? PHE A 1083 PRO A 1085 
AD 1 VAL A 125 ? SER A 133 ? VAL A 1054 SER A 1062 
AD 2 SER A 138 ? LYS A 141 ? SER A 1067 LYS A 1070 
# 
loop_
_pdbx_struct_sheet_hbond.sheet_id 
_pdbx_struct_sheet_hbond.range_id_1 
_pdbx_struct_sheet_hbond.range_id_2 
_pdbx_struct_sheet_hbond.range_1_label_atom_id 
_pdbx_struct_sheet_hbond.range_1_label_comp_id 
_pdbx_struct_sheet_hbond.range_1_label_asym_id 
_pdbx_struct_sheet_hbond.range_1_label_seq_id 
_pdbx_struct_sheet_hbond.range_1_PDB_ins_code 
_pdbx_struct_sheet_hbond.range_1_auth_atom_id 
_pdbx_struct_sheet_hbond.range_1_auth_comp_id 
_pdbx_struct_sheet_hbond.range_1_auth_asym_id 
_pdbx_struct_sheet_hbond.range_1_auth_seq_id 
_pdbx_struct_sheet_hbond.range_2_label_atom_id 
_pdbx_struct_sheet_hbond.range_2_label_comp_id 
_pdbx_struct_sheet_hbond.range_2_label_asym_id 
_pdbx_struct_sheet_hbond.range_2_label_seq_id 
_pdbx_struct_sheet_hbond.range_2_PDB_ins_code 
_pdbx_struct_sheet_hbond.range_2_auth_atom_id 
_pdbx_struct_sheet_hbond.range_2_auth_comp_id 
_pdbx_struct_sheet_hbond.range_2_auth_asym_id 
_pdbx_struct_sheet_hbond.range_2_auth_seq_id 
AA 1 2 O TYR A 34  ? O TYR A 963  N LEU A 101 ? N LEU A 1030 
AA 2 3 N MET A 107 ? N MET A 1036 O TYR A 126 ? O TYR A 1055 
AA 3 4 O VAL A 127 ? O VAL A 1056 N VAL A 86  ? N VAL A 1015 
AA 4 5 N VAL A 95  ? N VAL A 1024 O LEU A 62  ? O LEU A 991  
AA 5 6 N PHE A 67  ? N PHE A 996  O ILE A 46  ? O ILE A 975  
AA 6 7 O VAL A 47  ? O VAL A 976  N VAL A 33  ? N VAL A 962  
AB 1 2 N PHE A 81  ? N PHE A 1010 O VAL A 166 ? O VAL A 1095 
AC 1 2 N CYS A 116 ? N CYS A 1045 O VAL A 155 ? O VAL A 1084 
AD 1 2 O ARG A 131 ? O ARG A 1060 N LYS A 140 ? N LYS A 1069 
# 
_struct_site.id                   AC1 
_struct_site.pdbx_evidence_code   Software 
_struct_site.pdbx_auth_asym_id    ? 
_struct_site.pdbx_auth_comp_id    ? 
_struct_site.pdbx_auth_seq_id     ? 
_struct_site.pdbx_auth_ins_code   ? 
_struct_site.pdbx_num_residues    3 
_struct_site.details              'BINDING SITE FOR RESIDUE CL A2101' 
# 
loop_
_struct_site_gen.id 
_struct_site_gen.site_id 
_struct_site_gen.pdbx_num_res 
_struct_site_gen.label_comp_id 
_struct_site_gen.label_asym_id 
_struct_site_gen.label_seq_id 
_struct_site_gen.pdbx_auth_ins_code 
_struct_site_gen.auth_comp_id 
_struct_site_gen.auth_asym_id 
_struct_site_gen.auth_seq_id 
_struct_site_gen.label_atom_id 
_struct_site_gen.label_alt_id 
_struct_site_gen.symmetry 
_struct_site_gen.details 
1 AC1 3 LEU A 76 ? LEU A 1005 . ? 1_555 ? 
2 AC1 3 ARG A 79 ? ARG A 1008 . ? 1_555 ? 
3 AC1 3 HOH C .  ? HOH A 2005 . ? 1_555 ? 
# 
loop_
_pdbx_validate_close_contact.id 
_pdbx_validate_close_contact.PDB_model_num 
_pdbx_validate_close_contact.auth_atom_id_1 
_pdbx_validate_close_contact.auth_asym_id_1 
_pdbx_validate_close_contact.auth_comp_id_1 
_pdbx_validate_close_contact.auth_seq_id_1 
_pdbx_validate_close_contact.PDB_ins_code_1 
_pdbx_validate_close_contact.label_alt_id_1 
_pdbx_validate_close_contact.auth_atom_id_2 
_pdbx_validate_close_contact.auth_asym_id_2 
_pdbx_validate_close_contact.auth_comp_id_2 
_pdbx_validate_close_contact.auth_seq_id_2 
_pdbx_validate_close_contact.PDB_ins_code_2 
_pdbx_validate_close_contact.label_alt_id_2 
_pdbx_validate_close_contact.dist 
1 1 NZ A LYS 1066 ? ? O A HOH 2087 ? ? 1.84 
2 1 NZ A LYS 1017 ? ? O A HOH 2057 ? ? 2.00 
3 1 O  A HOH 2003 ? ? O A HOH 2041 ? ? 2.09 
# 
_pdbx_validate_rmsd_bond.id                        1 
_pdbx_validate_rmsd_bond.PDB_model_num             1 
_pdbx_validate_rmsd_bond.auth_atom_id_1            CB 
_pdbx_validate_rmsd_bond.auth_asym_id_1            A 
_pdbx_validate_rmsd_bond.auth_comp_id_1            CYS 
_pdbx_validate_rmsd_bond.auth_seq_id_1             1045 
_pdbx_validate_rmsd_bond.PDB_ins_code_1            ? 
_pdbx_validate_rmsd_bond.label_alt_id_1            ? 
_pdbx_validate_rmsd_bond.auth_atom_id_2            SG 
_pdbx_validate_rmsd_bond.auth_asym_id_2            A 
_pdbx_validate_rmsd_bond.auth_comp_id_2            CYS 
_pdbx_validate_rmsd_bond.auth_seq_id_2             1045 
_pdbx_validate_rmsd_bond.PDB_ins_code_2            ? 
_pdbx_validate_rmsd_bond.label_alt_id_2            ? 
_pdbx_validate_rmsd_bond.bond_value                1.696 
_pdbx_validate_rmsd_bond.bond_target_value         1.812 
_pdbx_validate_rmsd_bond.bond_deviation            -0.116 
_pdbx_validate_rmsd_bond.bond_standard_deviation   0.016 
_pdbx_validate_rmsd_bond.linker_flag               N 
# 
_pdbx_validate_torsion.id              1 
_pdbx_validate_torsion.PDB_model_num   1 
_pdbx_validate_torsion.auth_comp_id    ASN 
_pdbx_validate_torsion.auth_asym_id    A 
_pdbx_validate_torsion.auth_seq_id     970 
_pdbx_validate_torsion.PDB_ins_code    ? 
_pdbx_validate_torsion.label_alt_id    ? 
_pdbx_validate_torsion.phi             81.24 
_pdbx_validate_torsion.psi             -7.80 
# 
_pdbx_refine_tls.pdbx_refine_id   'X-RAY DIFFRACTION' 
_pdbx_refine_tls.id               1 
_pdbx_refine_tls.details          ? 
_pdbx_refine_tls.method           refined 
_pdbx_refine_tls.origin_x         0.0381 
_pdbx_refine_tls.origin_y         0.2928 
_pdbx_refine_tls.origin_z         0.0507 
_pdbx_refine_tls.T[1][1]          0.0293 
_pdbx_refine_tls.T[2][2]          0.0212 
_pdbx_refine_tls.T[3][3]          0.0128 
_pdbx_refine_tls.T[1][2]          0.0248 
_pdbx_refine_tls.T[1][3]          -0.0140 
_pdbx_refine_tls.T[2][3]          -0.0111 
_pdbx_refine_tls.L[1][1]          1.2343 
_pdbx_refine_tls.L[2][2]          3.2754 
_pdbx_refine_tls.L[3][3]          2.5997 
_pdbx_refine_tls.L[1][2]          -0.9198 
_pdbx_refine_tls.L[1][3]          0.0161 
_pdbx_refine_tls.L[2][3]          -1.0522 
_pdbx_refine_tls.S[1][1]          0.0836 
_pdbx_refine_tls.S[1][2]          0.1394 
_pdbx_refine_tls.S[1][3]          0.0488 
_pdbx_refine_tls.S[2][1]          -0.1294 
_pdbx_refine_tls.S[2][2]          -0.1740 
_pdbx_refine_tls.S[2][3]          -0.0734 
_pdbx_refine_tls.S[3][1]          0.1440 
_pdbx_refine_tls.S[3][2]          0.1218 
_pdbx_refine_tls.S[3][3]          0.0904 
# 
_pdbx_refine_tls_group.pdbx_refine_id      'X-RAY DIFFRACTION' 
_pdbx_refine_tls_group.id                  1 
_pdbx_refine_tls_group.refine_tls_id       1 
_pdbx_refine_tls_group.beg_auth_asym_id    A 
_pdbx_refine_tls_group.beg_auth_seq_id     956 
_pdbx_refine_tls_group.beg_label_asym_id   ? 
_pdbx_refine_tls_group.beg_label_seq_id    ? 
_pdbx_refine_tls_group.end_auth_asym_id    A 
_pdbx_refine_tls_group.end_auth_seq_id     1100 
_pdbx_refine_tls_group.end_label_asym_id   ? 
_pdbx_refine_tls_group.end_label_seq_id    ? 
_pdbx_refine_tls_group.selection           ? 
_pdbx_refine_tls_group.selection_details   ? 
# 
_pdbx_database_remark.id     700 
_pdbx_database_remark.text   
;
SHEET
DETERMINATION METHOD: AUTHOR PROVIDED.
;
# 
_pdbx_distant_solvent_atoms.id                                1 
_pdbx_distant_solvent_atoms.PDB_model_num                     1 
_pdbx_distant_solvent_atoms.auth_atom_id                      O 
_pdbx_distant_solvent_atoms.label_alt_id                      ? 
_pdbx_distant_solvent_atoms.auth_asym_id                      A 
_pdbx_distant_solvent_atoms.auth_comp_id                      HOH 
_pdbx_distant_solvent_atoms.auth_seq_id                       2012 
_pdbx_distant_solvent_atoms.PDB_ins_code                      ? 
_pdbx_distant_solvent_atoms.neighbor_macromolecule_distance   6.80 
_pdbx_distant_solvent_atoms.neighbor_ligand_distance          . 
# 
loop_
_pdbx_unobs_or_zero_occ_residues.id 
_pdbx_unobs_or_zero_occ_residues.PDB_model_num 
_pdbx_unobs_or_zero_occ_residues.polymer_flag 
_pdbx_unobs_or_zero_occ_residues.occupancy_flag 
_pdbx_unobs_or_zero_occ_residues.auth_asym_id 
_pdbx_unobs_or_zero_occ_residues.auth_comp_id 
_pdbx_unobs_or_zero_occ_residues.auth_seq_id 
_pdbx_unobs_or_zero_occ_residues.PDB_ins_code 
_pdbx_unobs_or_zero_occ_residues.label_asym_id 
_pdbx_unobs_or_zero_occ_residues.label_comp_id 
_pdbx_unobs_or_zero_occ_residues.label_seq_id 
1  1 Y 1 A HIS 930  ? A HIS 1   
2  1 Y 1 A MET 931  ? A MET 2   
3  1 Y 1 A SER 932  ? A SER 3   
4  1 Y 1 A SER 933  ? A SER 4   
5  1 Y 1 A GLY 934  ? A GLY 5   
6  1 Y 1 A SER 935  ? A SER 6   
7  1 Y 1 A ALA 936  ? A ALA 7   
8  1 Y 1 A GLY 937  ? A GLY 8   
9  1 Y 1 A LEU 938  ? A LEU 9   
10 1 Y 1 A SER 939  ? A SER 10  
11 1 Y 1 A SER 940  ? A SER 11  
12 1 Y 1 A LEU 941  ? A LEU 12  
13 1 Y 1 A HIS 942  ? A HIS 13  
14 1 Y 1 A ARG 943  ? A ARG 14  
15 1 Y 1 A THR 944  ? A THR 15  
16 1 Y 1 A TYR 945  ? A TYR 16  
17 1 Y 1 A SER 946  ? A SER 17  
18 1 Y 1 A GLN 947  ? A GLN 18  
19 1 Y 1 A ASP 948  ? A ASP 19  
20 1 Y 1 A CYS 949  ? A CYS 20  
21 1 Y 1 A SER 950  ? A SER 21  
22 1 Y 1 A PHE 951  ? A PHE 22  
23 1 Y 1 A LYS 952  ? A LYS 23  
24 1 Y 1 A ASN 953  ? A ASN 24  
25 1 Y 1 A SER 954  ? A SER 25  
26 1 Y 1 A ASN 1101 ? A ASN 172 
27 1 Y 1 A THR 1102 ? A THR 173 
28 1 Y 1 A ASP 1103 ? A ASP 174 
# 
loop_
_chem_comp_atom.comp_id 
_chem_comp_atom.atom_id 
_chem_comp_atom.type_symbol 
_chem_comp_atom.pdbx_aromatic_flag 
_chem_comp_atom.pdbx_stereo_config 
_chem_comp_atom.pdbx_ordinal 
ALA N    N  N N 1   
ALA CA   C  N S 2   
ALA C    C  N N 3   
ALA O    O  N N 4   
ALA CB   C  N N 5   
ALA OXT  O  N N 6   
ALA H    H  N N 7   
ALA H2   H  N N 8   
ALA HA   H  N N 9   
ALA HB1  H  N N 10  
ALA HB2  H  N N 11  
ALA HB3  H  N N 12  
ALA HXT  H  N N 13  
ARG N    N  N N 14  
ARG CA   C  N S 15  
ARG C    C  N N 16  
ARG O    O  N N 17  
ARG CB   C  N N 18  
ARG CG   C  N N 19  
ARG CD   C  N N 20  
ARG NE   N  N N 21  
ARG CZ   C  N N 22  
ARG NH1  N  N N 23  
ARG NH2  N  N N 24  
ARG OXT  O  N N 25  
ARG H    H  N N 26  
ARG H2   H  N N 27  
ARG HA   H  N N 28  
ARG HB2  H  N N 29  
ARG HB3  H  N N 30  
ARG HG2  H  N N 31  
ARG HG3  H  N N 32  
ARG HD2  H  N N 33  
ARG HD3  H  N N 34  
ARG HE   H  N N 35  
ARG HH11 H  N N 36  
ARG HH12 H  N N 37  
ARG HH21 H  N N 38  
ARG HH22 H  N N 39  
ARG HXT  H  N N 40  
ASN N    N  N N 41  
ASN CA   C  N S 42  
ASN C    C  N N 43  
ASN O    O  N N 44  
ASN CB   C  N N 45  
ASN CG   C  N N 46  
ASN OD1  O  N N 47  
ASN ND2  N  N N 48  
ASN OXT  O  N N 49  
ASN H    H  N N 50  
ASN H2   H  N N 51  
ASN HA   H  N N 52  
ASN HB2  H  N N 53  
ASN HB3  H  N N 54  
ASN HD21 H  N N 55  
ASN HD22 H  N N 56  
ASN HXT  H  N N 57  
ASP N    N  N N 58  
ASP CA   C  N S 59  
ASP C    C  N N 60  
ASP O    O  N N 61  
ASP CB   C  N N 62  
ASP CG   C  N N 63  
ASP OD1  O  N N 64  
ASP OD2  O  N N 65  
ASP OXT  O  N N 66  
ASP H    H  N N 67  
ASP H2   H  N N 68  
ASP HA   H  N N 69  
ASP HB2  H  N N 70  
ASP HB3  H  N N 71  
ASP HD2  H  N N 72  
ASP HXT  H  N N 73  
CL  CL   CL N N 74  
CYS N    N  N N 75  
CYS CA   C  N R 76  
CYS C    C  N N 77  
CYS O    O  N N 78  
CYS CB   C  N N 79  
CYS SG   S  N N 80  
CYS OXT  O  N N 81  
CYS H    H  N N 82  
CYS H2   H  N N 83  
CYS HA   H  N N 84  
CYS HB2  H  N N 85  
CYS HB3  H  N N 86  
CYS HG   H  N N 87  
CYS HXT  H  N N 88  
GLN N    N  N N 89  
GLN CA   C  N S 90  
GLN C    C  N N 91  
GLN O    O  N N 92  
GLN CB   C  N N 93  
GLN CG   C  N N 94  
GLN CD   C  N N 95  
GLN OE1  O  N N 96  
GLN NE2  N  N N 97  
GLN OXT  O  N N 98  
GLN H    H  N N 99  
GLN H2   H  N N 100 
GLN HA   H  N N 101 
GLN HB2  H  N N 102 
GLN HB3  H  N N 103 
GLN HG2  H  N N 104 
GLN HG3  H  N N 105 
GLN HE21 H  N N 106 
GLN HE22 H  N N 107 
GLN HXT  H  N N 108 
GLU N    N  N N 109 
GLU CA   C  N S 110 
GLU C    C  N N 111 
GLU O    O  N N 112 
GLU CB   C  N N 113 
GLU CG   C  N N 114 
GLU CD   C  N N 115 
GLU OE1  O  N N 116 
GLU OE2  O  N N 117 
GLU OXT  O  N N 118 
GLU H    H  N N 119 
GLU H2   H  N N 120 
GLU HA   H  N N 121 
GLU HB2  H  N N 122 
GLU HB3  H  N N 123 
GLU HG2  H  N N 124 
GLU HG3  H  N N 125 
GLU HE2  H  N N 126 
GLU HXT  H  N N 127 
GLY N    N  N N 128 
GLY CA   C  N N 129 
GLY C    C  N N 130 
GLY O    O  N N 131 
GLY OXT  O  N N 132 
GLY H    H  N N 133 
GLY H2   H  N N 134 
GLY HA2  H  N N 135 
GLY HA3  H  N N 136 
GLY HXT  H  N N 137 
HIS N    N  N N 138 
HIS CA   C  N S 139 
HIS C    C  N N 140 
HIS O    O  N N 141 
HIS CB   C  N N 142 
HIS CG   C  Y N 143 
HIS ND1  N  Y N 144 
HIS CD2  C  Y N 145 
HIS CE1  C  Y N 146 
HIS NE2  N  Y N 147 
HIS OXT  O  N N 148 
HIS H    H  N N 149 
HIS H2   H  N N 150 
HIS HA   H  N N 151 
HIS HB2  H  N N 152 
HIS HB3  H  N N 153 
HIS HD1  H  N N 154 
HIS HD2  H  N N 155 
HIS HE1  H  N N 156 
HIS HE2  H  N N 157 
HIS HXT  H  N N 158 
HOH O    O  N N 159 
HOH H1   H  N N 160 
HOH H2   H  N N 161 
ILE N    N  N N 162 
ILE CA   C  N S 163 
ILE C    C  N N 164 
ILE O    O  N N 165 
ILE CB   C  N S 166 
ILE CG1  C  N N 167 
ILE CG2  C  N N 168 
ILE CD1  C  N N 169 
ILE OXT  O  N N 170 
ILE H    H  N N 171 
ILE H2   H  N N 172 
ILE HA   H  N N 173 
ILE HB   H  N N 174 
ILE HG12 H  N N 175 
ILE HG13 H  N N 176 
ILE HG21 H  N N 177 
ILE HG22 H  N N 178 
ILE HG23 H  N N 179 
ILE HD11 H  N N 180 
ILE HD12 H  N N 181 
ILE HD13 H  N N 182 
ILE HXT  H  N N 183 
LEU N    N  N N 184 
LEU CA   C  N S 185 
LEU C    C  N N 186 
LEU O    O  N N 187 
LEU CB   C  N N 188 
LEU CG   C  N N 189 
LEU CD1  C  N N 190 
LEU CD2  C  N N 191 
LEU OXT  O  N N 192 
LEU H    H  N N 193 
LEU H2   H  N N 194 
LEU HA   H  N N 195 
LEU HB2  H  N N 196 
LEU HB3  H  N N 197 
LEU HG   H  N N 198 
LEU HD11 H  N N 199 
LEU HD12 H  N N 200 
LEU HD13 H  N N 201 
LEU HD21 H  N N 202 
LEU HD22 H  N N 203 
LEU HD23 H  N N 204 
LEU HXT  H  N N 205 
LYS N    N  N N 206 
LYS CA   C  N S 207 
LYS C    C  N N 208 
LYS O    O  N N 209 
LYS CB   C  N N 210 
LYS CG   C  N N 211 
LYS CD   C  N N 212 
LYS CE   C  N N 213 
LYS NZ   N  N N 214 
LYS OXT  O  N N 215 
LYS H    H  N N 216 
LYS H2   H  N N 217 
LYS HA   H  N N 218 
LYS HB2  H  N N 219 
LYS HB3  H  N N 220 
LYS HG2  H  N N 221 
LYS HG3  H  N N 222 
LYS HD2  H  N N 223 
LYS HD3  H  N N 224 
LYS HE2  H  N N 225 
LYS HE3  H  N N 226 
LYS HZ1  H  N N 227 
LYS HZ2  H  N N 228 
LYS HZ3  H  N N 229 
LYS HXT  H  N N 230 
MET N    N  N N 231 
MET CA   C  N S 232 
MET C    C  N N 233 
MET O    O  N N 234 
MET CB   C  N N 235 
MET CG   C  N N 236 
MET SD   S  N N 237 
MET CE   C  N N 238 
MET OXT  O  N N 239 
MET H    H  N N 240 
MET H2   H  N N 241 
MET HA   H  N N 242 
MET HB2  H  N N 243 
MET HB3  H  N N 244 
MET HG2  H  N N 245 
MET HG3  H  N N 246 
MET HE1  H  N N 247 
MET HE2  H  N N 248 
MET HE3  H  N N 249 
MET HXT  H  N N 250 
PHE N    N  N N 251 
PHE CA   C  N S 252 
PHE C    C  N N 253 
PHE O    O  N N 254 
PHE CB   C  N N 255 
PHE CG   C  Y N 256 
PHE CD1  C  Y N 257 
PHE CD2  C  Y N 258 
PHE CE1  C  Y N 259 
PHE CE2  C  Y N 260 
PHE CZ   C  Y N 261 
PHE OXT  O  N N 262 
PHE H    H  N N 263 
PHE H2   H  N N 264 
PHE HA   H  N N 265 
PHE HB2  H  N N 266 
PHE HB3  H  N N 267 
PHE HD1  H  N N 268 
PHE HD2  H  N N 269 
PHE HE1  H  N N 270 
PHE HE2  H  N N 271 
PHE HZ   H  N N 272 
PHE HXT  H  N N 273 
PRO N    N  N N 274 
PRO CA   C  N S 275 
PRO C    C  N N 276 
PRO O    O  N N 277 
PRO CB   C  N N 278 
PRO CG   C  N N 279 
PRO CD   C  N N 280 
PRO OXT  O  N N 281 
PRO H    H  N N 282 
PRO HA   H  N N 283 
PRO HB2  H  N N 284 
PRO HB3  H  N N 285 
PRO HG2  H  N N 286 
PRO HG3  H  N N 287 
PRO HD2  H  N N 288 
PRO HD3  H  N N 289 
PRO HXT  H  N N 290 
SER N    N  N N 291 
SER CA   C  N S 292 
SER C    C  N N 293 
SER O    O  N N 294 
SER CB   C  N N 295 
SER OG   O  N N 296 
SER OXT  O  N N 297 
SER H    H  N N 298 
SER H2   H  N N 299 
SER HA   H  N N 300 
SER HB2  H  N N 301 
SER HB3  H  N N 302 
SER HG   H  N N 303 
SER HXT  H  N N 304 
THR N    N  N N 305 
THR CA   C  N S 306 
THR C    C  N N 307 
THR O    O  N N 308 
THR CB   C  N R 309 
THR OG1  O  N N 310 
THR CG2  C  N N 311 
THR OXT  O  N N 312 
THR H    H  N N 313 
THR H2   H  N N 314 
THR HA   H  N N 315 
THR HB   H  N N 316 
THR HG1  H  N N 317 
THR HG21 H  N N 318 
THR HG22 H  N N 319 
THR HG23 H  N N 320 
THR HXT  H  N N 321 
TRP N    N  N N 322 
TRP CA   C  N S 323 
TRP C    C  N N 324 
TRP O    O  N N 325 
TRP CB   C  N N 326 
TRP CG   C  Y N 327 
TRP CD1  C  Y N 328 
TRP CD2  C  Y N 329 
TRP NE1  N  Y N 330 
TRP CE2  C  Y N 331 
TRP CE3  C  Y N 332 
TRP CZ2  C  Y N 333 
TRP CZ3  C  Y N 334 
TRP CH2  C  Y N 335 
TRP OXT  O  N N 336 
TRP H    H  N N 337 
TRP H2   H  N N 338 
TRP HA   H  N N 339 
TRP HB2  H  N N 340 
TRP HB3  H  N N 341 
TRP HD1  H  N N 342 
TRP HE1  H  N N 343 
TRP HE3  H  N N 344 
TRP HZ2  H  N N 345 
TRP HZ3  H  N N 346 
TRP HH2  H  N N 347 
TRP HXT  H  N N 348 
TYR N    N  N N 349 
TYR CA   C  N S 350 
TYR C    C  N N 351 
TYR O    O  N N 352 
TYR CB   C  N N 353 
TYR CG   C  Y N 354 
TYR CD1  C  Y N 355 
TYR CD2  C  Y N 356 
TYR CE1  C  Y N 357 
TYR CE2  C  Y N 358 
TYR CZ   C  Y N 359 
TYR OH   O  N N 360 
TYR OXT  O  N N 361 
TYR H    H  N N 362 
TYR H2   H  N N 363 
TYR HA   H  N N 364 
TYR HB2  H  N N 365 
TYR HB3  H  N N 366 
TYR HD1  H  N N 367 
TYR HD2  H  N N 368 
TYR HE1  H  N N 369 
TYR HE2  H  N N 370 
TYR HH   H  N N 371 
TYR HXT  H  N N 372 
VAL N    N  N N 373 
VAL CA   C  N S 374 
VAL C    C  N N 375 
VAL O    O  N N 376 
VAL CB   C  N N 377 
VAL CG1  C  N N 378 
VAL CG2  C  N N 379 
VAL OXT  O  N N 380 
VAL H    H  N N 381 
VAL H2   H  N N 382 
VAL HA   H  N N 383 
VAL HB   H  N N 384 
VAL HG11 H  N N 385 
VAL HG12 H  N N 386 
VAL HG13 H  N N 387 
VAL HG21 H  N N 388 
VAL HG22 H  N N 389 
VAL HG23 H  N N 390 
VAL HXT  H  N N 391 
# 
loop_
_chem_comp_bond.comp_id 
_chem_comp_bond.atom_id_1 
_chem_comp_bond.atom_id_2 
_chem_comp_bond.value_order 
_chem_comp_bond.pdbx_aromatic_flag 
_chem_comp_bond.pdbx_stereo_config 
_chem_comp_bond.pdbx_ordinal 
ALA N   CA   sing N N 1   
ALA N   H    sing N N 2   
ALA N   H2   sing N N 3   
ALA CA  C    sing N N 4   
ALA CA  CB   sing N N 5   
ALA CA  HA   sing N N 6   
ALA C   O    doub N N 7   
ALA C   OXT  sing N N 8   
ALA CB  HB1  sing N N 9   
ALA CB  HB2  sing N N 10  
ALA CB  HB3  sing N N 11  
ALA OXT HXT  sing N N 12  
ARG N   CA   sing N N 13  
ARG N   H    sing N N 14  
ARG N   H2   sing N N 15  
ARG CA  C    sing N N 16  
ARG CA  CB   sing N N 17  
ARG CA  HA   sing N N 18  
ARG C   O    doub N N 19  
ARG C   OXT  sing N N 20  
ARG CB  CG   sing N N 21  
ARG CB  HB2  sing N N 22  
ARG CB  HB3  sing N N 23  
ARG CG  CD   sing N N 24  
ARG CG  HG2  sing N N 25  
ARG CG  HG3  sing N N 26  
ARG CD  NE   sing N N 27  
ARG CD  HD2  sing N N 28  
ARG CD  HD3  sing N N 29  
ARG NE  CZ   sing N N 30  
ARG NE  HE   sing N N 31  
ARG CZ  NH1  sing N N 32  
ARG CZ  NH2  doub N N 33  
ARG NH1 HH11 sing N N 34  
ARG NH1 HH12 sing N N 35  
ARG NH2 HH21 sing N N 36  
ARG NH2 HH22 sing N N 37  
ARG OXT HXT  sing N N 38  
ASN N   CA   sing N N 39  
ASN N   H    sing N N 40  
ASN N   H2   sing N N 41  
ASN CA  C    sing N N 42  
ASN CA  CB   sing N N 43  
ASN CA  HA   sing N N 44  
ASN C   O    doub N N 45  
ASN C   OXT  sing N N 46  
ASN CB  CG   sing N N 47  
ASN CB  HB2  sing N N 48  
ASN CB  HB3  sing N N 49  
ASN CG  OD1  doub N N 50  
ASN CG  ND2  sing N N 51  
ASN ND2 HD21 sing N N 52  
ASN ND2 HD22 sing N N 53  
ASN OXT HXT  sing N N 54  
ASP N   CA   sing N N 55  
ASP N   H    sing N N 56  
ASP N   H2   sing N N 57  
ASP CA  C    sing N N 58  
ASP CA  CB   sing N N 59  
ASP CA  HA   sing N N 60  
ASP C   O    doub N N 61  
ASP C   OXT  sing N N 62  
ASP CB  CG   sing N N 63  
ASP CB  HB2  sing N N 64  
ASP CB  HB3  sing N N 65  
ASP CG  OD1  doub N N 66  
ASP CG  OD2  sing N N 67  
ASP OD2 HD2  sing N N 68  
ASP OXT HXT  sing N N 69  
CYS N   CA   sing N N 70  
CYS N   H    sing N N 71  
CYS N   H2   sing N N 72  
CYS CA  C    sing N N 73  
CYS CA  CB   sing N N 74  
CYS CA  HA   sing N N 75  
CYS C   O    doub N N 76  
CYS C   OXT  sing N N 77  
CYS CB  SG   sing N N 78  
CYS CB  HB2  sing N N 79  
CYS CB  HB3  sing N N 80  
CYS SG  HG   sing N N 81  
CYS OXT HXT  sing N N 82  
GLN N   CA   sing N N 83  
GLN N   H    sing N N 84  
GLN N   H2   sing N N 85  
GLN CA  C    sing N N 86  
GLN CA  CB   sing N N 87  
GLN CA  HA   sing N N 88  
GLN C   O    doub N N 89  
GLN C   OXT  sing N N 90  
GLN CB  CG   sing N N 91  
GLN CB  HB2  sing N N 92  
GLN CB  HB3  sing N N 93  
GLN CG  CD   sing N N 94  
GLN CG  HG2  sing N N 95  
GLN CG  HG3  sing N N 96  
GLN CD  OE1  doub N N 97  
GLN CD  NE2  sing N N 98  
GLN NE2 HE21 sing N N 99  
GLN NE2 HE22 sing N N 100 
GLN OXT HXT  sing N N 101 
GLU N   CA   sing N N 102 
GLU N   H    sing N N 103 
GLU N   H2   sing N N 104 
GLU CA  C    sing N N 105 
GLU CA  CB   sing N N 106 
GLU CA  HA   sing N N 107 
GLU C   O    doub N N 108 
GLU C   OXT  sing N N 109 
GLU CB  CG   sing N N 110 
GLU CB  HB2  sing N N 111 
GLU CB  HB3  sing N N 112 
GLU CG  CD   sing N N 113 
GLU CG  HG2  sing N N 114 
GLU CG  HG3  sing N N 115 
GLU CD  OE1  doub N N 116 
GLU CD  OE2  sing N N 117 
GLU OE2 HE2  sing N N 118 
GLU OXT HXT  sing N N 119 
GLY N   CA   sing N N 120 
GLY N   H    sing N N 121 
GLY N   H2   sing N N 122 
GLY CA  C    sing N N 123 
GLY CA  HA2  sing N N 124 
GLY CA  HA3  sing N N 125 
GLY C   O    doub N N 126 
GLY C   OXT  sing N N 127 
GLY OXT HXT  sing N N 128 
HIS N   CA   sing N N 129 
HIS N   H    sing N N 130 
HIS N   H2   sing N N 131 
HIS CA  C    sing N N 132 
HIS CA  CB   sing N N 133 
HIS CA  HA   sing N N 134 
HIS C   O    doub N N 135 
HIS C   OXT  sing N N 136 
HIS CB  CG   sing N N 137 
HIS CB  HB2  sing N N 138 
HIS CB  HB3  sing N N 139 
HIS CG  ND1  sing Y N 140 
HIS CG  CD2  doub Y N 141 
HIS ND1 CE1  doub Y N 142 
HIS ND1 HD1  sing N N 143 
HIS CD2 NE2  sing Y N 144 
HIS CD2 HD2  sing N N 145 
HIS CE1 NE2  sing Y N 146 
HIS CE1 HE1  sing N N 147 
HIS NE2 HE2  sing N N 148 
HIS OXT HXT  sing N N 149 
HOH O   H1   sing N N 150 
HOH O   H2   sing N N 151 
ILE N   CA   sing N N 152 
ILE N   H    sing N N 153 
ILE N   H2   sing N N 154 
ILE CA  C    sing N N 155 
ILE CA  CB   sing N N 156 
ILE CA  HA   sing N N 157 
ILE C   O    doub N N 158 
ILE C   OXT  sing N N 159 
ILE CB  CG1  sing N N 160 
ILE CB  CG2  sing N N 161 
ILE CB  HB   sing N N 162 
ILE CG1 CD1  sing N N 163 
ILE CG1 HG12 sing N N 164 
ILE CG1 HG13 sing N N 165 
ILE CG2 HG21 sing N N 166 
ILE CG2 HG22 sing N N 167 
ILE CG2 HG23 sing N N 168 
ILE CD1 HD11 sing N N 169 
ILE CD1 HD12 sing N N 170 
ILE CD1 HD13 sing N N 171 
ILE OXT HXT  sing N N 172 
LEU N   CA   sing N N 173 
LEU N   H    sing N N 174 
LEU N   H2   sing N N 175 
LEU CA  C    sing N N 176 
LEU CA  CB   sing N N 177 
LEU CA  HA   sing N N 178 
LEU C   O    doub N N 179 
LEU C   OXT  sing N N 180 
LEU CB  CG   sing N N 181 
LEU CB  HB2  sing N N 182 
LEU CB  HB3  sing N N 183 
LEU CG  CD1  sing N N 184 
LEU CG  CD2  sing N N 185 
LEU CG  HG   sing N N 186 
LEU CD1 HD11 sing N N 187 
LEU CD1 HD12 sing N N 188 
LEU CD1 HD13 sing N N 189 
LEU CD2 HD21 sing N N 190 
LEU CD2 HD22 sing N N 191 
LEU CD2 HD23 sing N N 192 
LEU OXT HXT  sing N N 193 
LYS N   CA   sing N N 194 
LYS N   H    sing N N 195 
LYS N   H2   sing N N 196 
LYS CA  C    sing N N 197 
LYS CA  CB   sing N N 198 
LYS CA  HA   sing N N 199 
LYS C   O    doub N N 200 
LYS C   OXT  sing N N 201 
LYS CB  CG   sing N N 202 
LYS CB  HB2  sing N N 203 
LYS CB  HB3  sing N N 204 
LYS CG  CD   sing N N 205 
LYS CG  HG2  sing N N 206 
LYS CG  HG3  sing N N 207 
LYS CD  CE   sing N N 208 
LYS CD  HD2  sing N N 209 
LYS CD  HD3  sing N N 210 
LYS CE  NZ   sing N N 211 
LYS CE  HE2  sing N N 212 
LYS CE  HE3  sing N N 213 
LYS NZ  HZ1  sing N N 214 
LYS NZ  HZ2  sing N N 215 
LYS NZ  HZ3  sing N N 216 
LYS OXT HXT  sing N N 217 
MET N   CA   sing N N 218 
MET N   H    sing N N 219 
MET N   H2   sing N N 220 
MET CA  C    sing N N 221 
MET CA  CB   sing N N 222 
MET CA  HA   sing N N 223 
MET C   O    doub N N 224 
MET C   OXT  sing N N 225 
MET CB  CG   sing N N 226 
MET CB  HB2  sing N N 227 
MET CB  HB3  sing N N 228 
MET CG  SD   sing N N 229 
MET CG  HG2  sing N N 230 
MET CG  HG3  sing N N 231 
MET SD  CE   sing N N 232 
MET CE  HE1  sing N N 233 
MET CE  HE2  sing N N 234 
MET CE  HE3  sing N N 235 
MET OXT HXT  sing N N 236 
PHE N   CA   sing N N 237 
PHE N   H    sing N N 238 
PHE N   H2   sing N N 239 
PHE CA  C    sing N N 240 
PHE CA  CB   sing N N 241 
PHE CA  HA   sing N N 242 
PHE C   O    doub N N 243 
PHE C   OXT  sing N N 244 
PHE CB  CG   sing N N 245 
PHE CB  HB2  sing N N 246 
PHE CB  HB3  sing N N 247 
PHE CG  CD1  doub Y N 248 
PHE CG  CD2  sing Y N 249 
PHE CD1 CE1  sing Y N 250 
PHE CD1 HD1  sing N N 251 
PHE CD2 CE2  doub Y N 252 
PHE CD2 HD2  sing N N 253 
PHE CE1 CZ   doub Y N 254 
PHE CE1 HE1  sing N N 255 
PHE CE2 CZ   sing Y N 256 
PHE CE2 HE2  sing N N 257 
PHE CZ  HZ   sing N N 258 
PHE OXT HXT  sing N N 259 
PRO N   CA   sing N N 260 
PRO N   CD   sing N N 261 
PRO N   H    sing N N 262 
PRO CA  C    sing N N 263 
PRO CA  CB   sing N N 264 
PRO CA  HA   sing N N 265 
PRO C   O    doub N N 266 
PRO C   OXT  sing N N 267 
PRO CB  CG   sing N N 268 
PRO CB  HB2  sing N N 269 
PRO CB  HB3  sing N N 270 
PRO CG  CD   sing N N 271 
PRO CG  HG2  sing N N 272 
PRO CG  HG3  sing N N 273 
PRO CD  HD2  sing N N 274 
PRO CD  HD3  sing N N 275 
PRO OXT HXT  sing N N 276 
SER N   CA   sing N N 277 
SER N   H    sing N N 278 
SER N   H2   sing N N 279 
SER CA  C    sing N N 280 
SER CA  CB   sing N N 281 
SER CA  HA   sing N N 282 
SER C   O    doub N N 283 
SER C   OXT  sing N N 284 
SER CB  OG   sing N N 285 
SER CB  HB2  sing N N 286 
SER CB  HB3  sing N N 287 
SER OG  HG   sing N N 288 
SER OXT HXT  sing N N 289 
THR N   CA   sing N N 290 
THR N   H    sing N N 291 
THR N   H2   sing N N 292 
THR CA  C    sing N N 293 
THR CA  CB   sing N N 294 
THR CA  HA   sing N N 295 
THR C   O    doub N N 296 
THR C   OXT  sing N N 297 
THR CB  OG1  sing N N 298 
THR CB  CG2  sing N N 299 
THR CB  HB   sing N N 300 
THR OG1 HG1  sing N N 301 
THR CG2 HG21 sing N N 302 
THR CG2 HG22 sing N N 303 
THR CG2 HG23 sing N N 304 
THR OXT HXT  sing N N 305 
TRP N   CA   sing N N 306 
TRP N   H    sing N N 307 
TRP N   H2   sing N N 308 
TRP CA  C    sing N N 309 
TRP CA  CB   sing N N 310 
TRP CA  HA   sing N N 311 
TRP C   O    doub N N 312 
TRP C   OXT  sing N N 313 
TRP CB  CG   sing N N 314 
TRP CB  HB2  sing N N 315 
TRP CB  HB3  sing N N 316 
TRP CG  CD1  doub Y N 317 
TRP CG  CD2  sing Y N 318 
TRP CD1 NE1  sing Y N 319 
TRP CD1 HD1  sing N N 320 
TRP CD2 CE2  doub Y N 321 
TRP CD2 CE3  sing Y N 322 
TRP NE1 CE2  sing Y N 323 
TRP NE1 HE1  sing N N 324 
TRP CE2 CZ2  sing Y N 325 
TRP CE3 CZ3  doub Y N 326 
TRP CE3 HE3  sing N N 327 
TRP CZ2 CH2  doub Y N 328 
TRP CZ2 HZ2  sing N N 329 
TRP CZ3 CH2  sing Y N 330 
TRP CZ3 HZ3  sing N N 331 
TRP CH2 HH2  sing N N 332 
TRP OXT HXT  sing N N 333 
TYR N   CA   sing N N 334 
TYR N   H    sing N N 335 
TYR N   H2   sing N N 336 
TYR CA  C    sing N N 337 
TYR CA  CB   sing N N 338 
TYR CA  HA   sing N N 339 
TYR C   O    doub N N 340 
TYR C   OXT  sing N N 341 
TYR CB  CG   sing N N 342 
TYR CB  HB2  sing N N 343 
TYR CB  HB3  sing N N 344 
TYR CG  CD1  doub Y N 345 
TYR CG  CD2  sing Y N 346 
TYR CD1 CE1  sing Y N 347 
TYR CD1 HD1  sing N N 348 
TYR CD2 CE2  doub Y N 349 
TYR CD2 HD2  sing N N 350 
TYR CE1 CZ   doub Y N 351 
TYR CE1 HE1  sing N N 352 
TYR CE2 CZ   sing Y N 353 
TYR CE2 HE2  sing N N 354 
TYR CZ  OH   sing N N 355 
TYR OH  HH   sing N N 356 
TYR OXT HXT  sing N N 357 
VAL N   CA   sing N N 358 
VAL N   H    sing N N 359 
VAL N   H2   sing N N 360 
VAL CA  C    sing N N 361 
VAL CA  CB   sing N N 362 
VAL CA  HA   sing N N 363 
VAL C   O    doub N N 364 
VAL C   OXT  sing N N 365 
VAL CB  CG1  sing N N 366 
VAL CB  CG2  sing N N 367 
VAL CB  HB   sing N N 368 
VAL CG1 HG11 sing N N 369 
VAL CG1 HG12 sing N N 370 
VAL CG1 HG13 sing N N 371 
VAL CG2 HG21 sing N N 372 
VAL CG2 HG22 sing N N 373 
VAL CG2 HG23 sing N N 374 
VAL OXT HXT  sing N N 375 
# 
_atom_sites.entry_id                    1W4S 
_atom_sites.fract_transf_matrix[1][1]   0.01800098 
_atom_sites.fract_transf_matrix[1][2]   -0.00212792 
_atom_sites.fract_transf_matrix[1][3]   0.01758412 
_atom_sites.fract_transf_matrix[2][1]   -0.01164425 
_atom_sites.fract_transf_matrix[2][2]   0.00350504 
_atom_sites.fract_transf_matrix[2][3]   0.01234446 
_atom_sites.fract_transf_matrix[3][1]   -0.00285416 
_atom_sites.fract_transf_matrix[3][2]   -0.01386368 
_atom_sites.fract_transf_matrix[3][3]   0.00124413 
_atom_sites.fract_transf_vector[1]      0.683948 
_atom_sites.fract_transf_vector[2]      0.588995 
_atom_sites.fract_transf_vector[3]      0.133286 
# 
loop_
_atom_type.symbol 
C  
CL 
N  
O  
S  
# 
loop_
_atom_site.group_PDB 
_atom_site.id 
_atom_site.type_symbol 
_atom_site.label_atom_id 
_atom_site.label_alt_id 
_atom_site.label_comp_id 
_atom_site.label_asym_id 
_atom_site.label_entity_id 
_atom_site.label_seq_id 
_atom_site.pdbx_PDB_ins_code 
_atom_site.Cartn_x 
_atom_site.Cartn_y 
_atom_site.Cartn_z 
_atom_site.occupancy 
_atom_site.B_iso_or_equiv 
_atom_site.pdbx_formal_charge 
_atom_site.auth_seq_id 
_atom_site.auth_comp_id 
_atom_site.auth_asym_id 
_atom_site.auth_atom_id 
_atom_site.pdbx_PDB_model_num 
ATOM   1    N  N   . MET A 1 26  ? 2.339   -17.083 9.448   1.00 38.13 ? 955  MET A N   1 
ATOM   2    C  CA  . MET A 1 26  ? 2.349   -16.676 8.016   1.00 36.87 ? 955  MET A CA  1 
ATOM   3    C  C   . MET A 1 26  ? 2.683   -15.181 7.747   1.00 34.58 ? 955  MET A C   1 
ATOM   4    O  O   . MET A 1 26  ? 3.206   -14.845 6.665   1.00 36.00 ? 955  MET A O   1 
ATOM   5    C  CB  . MET A 1 26  ? 0.995   -17.010 7.395   1.00 39.26 ? 955  MET A CB  1 
ATOM   6    C  CG  . MET A 1 26  ? 1.021   -17.151 5.877   1.00 43.15 ? 955  MET A CG  1 
ATOM   7    S  SD  . MET A 1 26  ? -0.631  -17.244 5.216   1.00 57.14 ? 955  MET A SD  1 
ATOM   8    C  CE  . MET A 1 26  ? -1.231  -18.805 5.898   1.00 48.74 ? 955  MET A CE  1 
ATOM   9    N  N   . TYR A 1 27  ? 2.386   -14.298 8.710   1.00 29.79 ? 956  TYR A N   1 
ATOM   10   C  CA  . TYR A 1 27  ? 2.577   -12.844 8.516   1.00 25.13 ? 956  TYR A CA  1 
ATOM   11   C  C   . TYR A 1 27  ? 3.693   -12.277 9.365   1.00 23.08 ? 956  TYR A C   1 
ATOM   12   O  O   . TYR A 1 27  ? 3.953   -12.738 10.511  1.00 22.85 ? 956  TYR A O   1 
ATOM   13   C  CB  . TYR A 1 27  ? 1.255   -12.071 8.700   1.00 25.03 ? 956  TYR A CB  1 
ATOM   14   C  CG  . TYR A 1 27  ? 0.177   -12.610 7.812   1.00 23.57 ? 956  TYR A CG  1 
ATOM   15   C  CD1 . TYR A 1 27  ? 0.165   -12.331 6.456   1.00 22.77 ? 956  TYR A CD1 1 
ATOM   16   C  CD2 . TYR A 1 27  ? -0.812  -13.414 8.327   1.00 27.41 ? 956  TYR A CD2 1 
ATOM   17   C  CE1 . TYR A 1 27  ? -0.800  -12.844 5.631   1.00 23.31 ? 956  TYR A CE1 1 
ATOM   18   C  CE2 . TYR A 1 27  ? -1.794  -13.945 7.505   1.00 28.04 ? 956  TYR A CE2 1 
ATOM   19   C  CZ  . TYR A 1 27  ? -1.799  -13.651 6.183   1.00 26.02 ? 956  TYR A CZ  1 
ATOM   20   O  OH  . TYR A 1 27  ? -2.781  -14.202 5.387   1.00 29.68 ? 956  TYR A OH  1 
ATOM   21   N  N   . HIS A 1 28  ? 4.386   -11.290 8.807   1.00 21.53 ? 957  HIS A N   1 
ATOM   22   C  CA  . HIS A 1 28  ? 5.489   -10.636 9.503   1.00 21.06 ? 957  HIS A CA  1 
ATOM   23   C  C   . HIS A 1 28  ? 5.427   -9.150  9.355   1.00 20.46 ? 957  HIS A C   1 
ATOM   24   O  O   . HIS A 1 28  ? 4.885   -8.615  8.386   1.00 18.78 ? 957  HIS A O   1 
ATOM   25   C  CB  . HIS A 1 28  ? 6.824   -11.123 8.943   1.00 21.73 ? 957  HIS A CB  1 
ATOM   26   C  CG  . HIS A 1 28  ? 6.968   -12.619 8.973   1.00 26.68 ? 957  HIS A CG  1 
ATOM   27   N  ND1 . HIS A 1 28  ? 6.615   -13.421 7.906   1.00 34.03 ? 957  HIS A ND1 1 
ATOM   28   C  CD2 . HIS A 1 28  ? 7.383   -13.455 9.955   1.00 32.53 ? 957  HIS A CD2 1 
ATOM   29   C  CE1 . HIS A 1 28  ? 6.837   -14.688 8.217   1.00 33.11 ? 957  HIS A CE1 1 
ATOM   30   N  NE2 . HIS A 1 28  ? 7.310   -14.737 9.451   1.00 35.11 ? 957  HIS A NE2 1 
ATOM   31   N  N   . VAL A 1 29  ? 6.001   -8.455  10.325  1.00 19.24 ? 958  VAL A N   1 
ATOM   32   C  CA  . VAL A 1 29  ? 6.158   -7.029  10.287  1.00 18.94 ? 958  VAL A CA  1 
ATOM   33   C  C   . VAL A 1 29  ? 6.870   -6.655  8.985   1.00 18.24 ? 958  VAL A C   1 
ATOM   34   O  O   . VAL A 1 29  ? 7.877   -7.295  8.595   1.00 19.36 ? 958  VAL A O   1 
ATOM   35   C  CB  . VAL A 1 29  ? 6.920   -6.523  11.531  1.00 20.93 ? 958  VAL A CB  1 
ATOM   36   C  CG1 . VAL A 1 29  ? 7.193   -5.089  11.387  1.00 21.11 ? 958  VAL A CG1 1 
ATOM   37   C  CG2 . VAL A 1 29  ? 6.096   -6.868  12.828  1.00 20.30 ? 958  VAL A CG2 1 
ATOM   38   N  N   . GLY A 1 30  ? 6.337   -5.627  8.337   1.00 17.18 ? 959  GLY A N   1 
ATOM   39   C  CA  . GLY A 1 30  ? 6.898   -5.156  7.083   1.00 16.34 ? 959  GLY A CA  1 
ATOM   40   C  C   . GLY A 1 30  ? 6.176   -5.753  5.914   1.00 16.05 ? 959  GLY A C   1 
ATOM   41   O  O   . GLY A 1 30  ? 6.354   -5.227  4.804   1.00 16.53 ? 959  GLY A O   1 
ATOM   42   N  N   . ASP A 1 31  ? 5.425   -6.825  6.122   1.00 16.63 ? 960  ASP A N   1 
ATOM   43   C  CA  . ASP A 1 31  ? 4.576   -7.321  5.013   1.00 15.61 ? 960  ASP A CA  1 
ATOM   44   C  C   . ASP A 1 31  ? 3.468   -6.337  4.672   1.00 15.56 ? 960  ASP A C   1 
ATOM   45   O  O   . ASP A 1 31  ? 2.943   -5.632  5.568   1.00 16.14 ? 960  ASP A O   1 
ATOM   46   C  CB  . ASP A 1 31  ? 3.855   -8.610  5.404   1.00 16.94 ? 960  ASP A CB  1 
ATOM   47   C  CG  . ASP A 1 31  ? 4.774   -9.847  5.447   1.00 20.48 ? 960  ASP A CG  1 
ATOM   48   O  OD1 . ASP A 1 31  ? 5.961   -9.789  4.998   1.00 21.13 ? 960  ASP A OD1 1 
ATOM   49   O  OD2 . ASP A 1 31  ? 4.332   -10.934 5.916   1.00 21.29 ? 960  ASP A OD2 1 
ATOM   50   N  N   . TYR A 1 32  ? 3.069   -6.296  3.408   1.00 15.49 ? 961  TYR A N   1 
ATOM   51   C  CA  . TYR A 1 32  ? 1.859   -5.585  3.066   1.00 14.89 ? 961  TYR A CA  1 
ATOM   52   C  C   . TYR A 1 32  ? 0.800   -6.603  2.800   1.00 15.83 ? 961  TYR A C   1 
ATOM   53   O  O   . TYR A 1 32  ? 1.035   -7.661  2.163   1.00 15.94 ? 961  TYR A O   1 
ATOM   54   C  CB  . TYR A 1 32  ? 2.040   -4.721  1.796   1.00 16.07 ? 961  TYR A CB  1 
ATOM   55   C  CG  . TYR A 1 32  ? 3.021   -3.596  1.977   1.00 15.59 ? 961  TYR A CG  1 
ATOM   56   C  CD1 . TYR A 1 32  ? 2.573   -2.295  2.266   1.00 17.57 ? 961  TYR A CD1 1 
ATOM   57   C  CD2 . TYR A 1 32  ? 4.385   -3.803  1.808   1.00 15.34 ? 961  TYR A CD2 1 
ATOM   58   C  CE1 . TYR A 1 32  ? 3.465   -1.262  2.459   1.00 18.03 ? 961  TYR A CE1 1 
ATOM   59   C  CE2 . TYR A 1 32  ? 5.303   -2.770  1.937   1.00 15.59 ? 961  TYR A CE2 1 
ATOM   60   C  CZ  . TYR A 1 32  ? 4.846   -1.510  2.260   1.00 17.61 ? 961  TYR A CZ  1 
ATOM   61   O  OH  . TYR A 1 32  ? 5.754   -0.482  2.424   1.00 19.68 ? 961  TYR A OH  1 
ATOM   62   N  N   . VAL A 1 33  ? -0.424  -6.261  3.269   1.00 15.57 ? 962  VAL A N   1 
ATOM   63   C  CA  . VAL A 1 33  ? -1.555  -7.194  3.112   1.00 15.85 ? 962  VAL A CA  1 
ATOM   64   C  C   . VAL A 1 33  ? -2.800  -6.494  2.614   1.00 16.19 ? 962  VAL A C   1 
ATOM   65   O  O   . VAL A 1 33  ? -2.993  -5.306  2.816   1.00 16.18 ? 962  VAL A O   1 
ATOM   66   C  CB  . VAL A 1 33  ? -1.852  -7.924  4.421   1.00 15.58 ? 962  VAL A CB  1 
ATOM   67   C  CG1 . VAL A 1 33  ? -0.682  -8.932  4.788   1.00 17.97 ? 962  VAL A CG1 1 
ATOM   68   C  CG2 . VAL A 1 33  ? -2.070  -6.972  5.604   1.00 16.94 ? 962  VAL A CG2 1 
ATOM   69   N  N   . TYR A 1 34  ? -3.638  -7.244  1.920   1.00 14.93 ? 963  TYR A N   1 
ATOM   70   C  CA  . TYR A 1 34  ? -4.982  -6.812  1.610   1.00 15.36 ? 963  TYR A CA  1 
ATOM   71   C  C   . TYR A 1 34  ? -5.918  -7.161  2.733   1.00 15.10 ? 963  TYR A C   1 
ATOM   72   O  O   . TYR A 1 34  ? -5.928  -8.300  3.201   1.00 16.27 ? 963  TYR A O   1 
ATOM   73   C  CB  . TYR A 1 34  ? -5.408  -7.551  0.349   1.00 15.55 ? 963  TYR A CB  1 
ATOM   74   C  CG  . TYR A 1 34  ? -4.758  -7.197  -0.950  1.00 14.76 ? 963  TYR A CG  1 
ATOM   75   C  CD1 . TYR A 1 34  ? -4.788  -5.885  -1.473  1.00 17.29 ? 963  TYR A CD1 1 
ATOM   76   C  CD2 . TYR A 1 34  ? -4.137  -8.216  -1.710  1.00 14.19 ? 963  TYR A CD2 1 
ATOM   77   C  CE1 . TYR A 1 34  ? -4.225  -5.599  -2.741  1.00 17.72 ? 963  TYR A CE1 1 
ATOM   78   C  CE2 . TYR A 1 34  ? -3.545  -7.922  -2.930  1.00 15.94 ? 963  TYR A CE2 1 
ATOM   79   C  CZ  . TYR A 1 34  ? -3.613  -6.641  -3.450  1.00 16.58 ? 963  TYR A CZ  1 
ATOM   80   O  OH  . TYR A 1 34  ? -3.058  -6.396  -4.692  1.00 18.36 ? 963  TYR A OH  1 
ATOM   81   N  N   . VAL A 1 35  ? -6.656  -6.154  3.187   1.00 15.38 ? 964  VAL A N   1 
ATOM   82   C  CA  . VAL A 1 35  ? -7.562  -6.361  4.312   1.00 15.96 ? 964  VAL A CA  1 
ATOM   83   C  C   . VAL A 1 35  ? -8.973  -6.138  3.828   1.00 15.74 ? 964  VAL A C   1 
ATOM   84   O  O   . VAL A 1 35  ? -9.244  -5.187  3.129   1.00 16.36 ? 964  VAL A O   1 
ATOM   85   C  CB  . VAL A 1 35  ? -7.215  -5.336  5.461   1.00 18.20 ? 964  VAL A CB  1 
ATOM   86   C  CG1 . VAL A 1 35  ? -8.268  -5.281  6.601   1.00 19.73 ? 964  VAL A CG1 1 
ATOM   87   C  CG2 . VAL A 1 35  ? -5.735  -5.610  6.054   1.00 21.11 ? 964  VAL A CG2 1 
ATOM   88   N  N   . GLU A 1 36  ? -9.872  -7.060  4.196   1.00 15.99 ? 965  GLU A N   1 
ATOM   89   C  CA  . GLU A 1 36  ? -11.299 -7.027  3.826   1.00 17.28 ? 965  GLU A CA  1 
ATOM   90   C  C   . GLU A 1 36  ? -11.863 -5.687  4.260   1.00 17.60 ? 965  GLU A C   1 
ATOM   91   O  O   . GLU A 1 36  ? -11.630 -5.213  5.385   1.00 19.38 ? 965  GLU A O   1 
ATOM   92   C  CB  . GLU A 1 36  ? -12.064 -8.103  4.578   1.00 19.52 ? 965  GLU A CB  1 
ATOM   93   C  CG  . GLU A 1 36  ? -11.591 -9.532  4.439   1.00 24.75 ? 965  GLU A CG  1 
ATOM   94   C  CD  . GLU A 1 36  ? -12.442 -10.509 5.274   1.00 32.66 ? 965  GLU A CD  1 
ATOM   95   O  OE1 . GLU A 1 36  ? -13.506 -10.069 5.835   1.00 35.01 ? 965  GLU A OE1 1 
ATOM   96   O  OE2 . GLU A 1 36  ? -12.073 -11.721 5.348   1.00 34.15 ? 965  GLU A OE2 1 
ATOM   97   N  N   . PRO A 1 37  ? -12.574 -5.018  3.375   1.00 17.13 ? 966  PRO A N   1 
ATOM   98   C  CA  . PRO A 1 37  ? -13.169 -3.750  3.758   1.00 16.82 ? 966  PRO A CA  1 
ATOM   99   C  C   . PRO A 1 37  ? -14.453 -4.076  4.579   1.00 15.88 ? 966  PRO A C   1 
ATOM   100  O  O   . PRO A 1 37  ? -14.967 -5.205  4.570   1.00 16.41 ? 966  PRO A O   1 
ATOM   101  C  CB  . PRO A 1 37  ? -13.527 -3.104  2.427   1.00 19.62 ? 966  PRO A CB  1 
ATOM   102  C  CG  . PRO A 1 37  ? -13.778 -4.329  1.520   1.00 21.24 ? 966  PRO A CG  1 
ATOM   103  C  CD  . PRO A 1 37  ? -12.816 -5.407  1.969   1.00 18.19 ? 966  PRO A CD  1 
ATOM   104  N  N   . ALA A 1 38  ? -14.907 -3.045  5.272   1.00 16.69 ? 967  ALA A N   1 
ATOM   105  C  CA  . ALA A 1 38  ? -16.122 -3.168  6.097   1.00 16.08 ? 967  ALA A CA  1 
ATOM   106  C  C   . ALA A 1 38  ? -17.337 -3.407  5.241   1.00 16.01 ? 967  ALA A C   1 
ATOM   107  O  O   . ALA A 1 38  ? -18.208 -4.136  5.645   1.00 16.05 ? 967  ALA A O   1 
ATOM   108  C  CB  . ALA A 1 38  ? -16.316 -1.950  6.959   1.00 17.11 ? 967  ALA A CB  1 
ATOM   109  N  N   . GLU A 1 39  ? -17.395 -2.822  4.039   1.00 15.55 ? 968  GLU A N   1 
ATOM   110  C  CA  . GLU A 1 39  ? -18.471 -3.126  3.096   1.00 15.88 ? 968  GLU A CA  1 
ATOM   111  C  C   . GLU A 1 39  ? -17.917 -4.120  2.082   1.00 14.82 ? 968  GLU A C   1 
ATOM   112  O  O   . GLU A 1 39  ? -16.938 -3.774  1.376   1.00 15.46 ? 968  GLU A O   1 
ATOM   113  C  CB  . GLU A 1 39  ? -18.898 -1.871  2.357   1.00 16.47 ? 968  GLU A CB  1 
ATOM   114  C  CG  . GLU A 1 39  ? -19.357 -0.729  3.248   1.00 22.66 ? 968  GLU A CG  1 
ATOM   115  C  CD  . GLU A 1 39  ? -20.098 0.344   2.469   1.00 28.63 ? 968  GLU A CD  1 
ATOM   116  O  OE1 . GLU A 1 39  ? -20.673 0.024   1.400   1.00 26.86 ? 968  GLU A OE1 1 
ATOM   117  O  OE2 . GLU A 1 39  ? -20.089 1.510   2.935   1.00 33.13 ? 968  GLU A OE2 1 
ATOM   118  N  N   . ALA A 1 40  ? -18.492 -5.313  2.037   1.00 17.20 ? 969  ALA A N   1 
ATOM   119  C  CA  . ALA A 1 40  ? -18.051 -6.408  1.172   1.00 19.73 ? 969  ALA A CA  1 
ATOM   120  C  C   . ALA A 1 40  ? -18.026 -5.920  -0.283  1.00 21.10 ? 969  ALA A C   1 
ATOM   121  O  O   . ALA A 1 40  ? -18.875 -5.127  -0.700  1.00 21.98 ? 969  ALA A O   1 
ATOM   122  C  CB  . ALA A 1 40  ? -18.955 -7.600  1.314   1.00 20.82 ? 969  ALA A CB  1 
ATOM   123  N  N   . ASN A 1 41  ? -17.029 -6.339  -1.040  1.00 21.87 ? 970  ASN A N   1 
ATOM   124  C  CA  . ASN A 1 41  ? -16.993 -5.963  -2.483  1.00 21.99 ? 970  ASN A CA  1 
ATOM   125  C  C   . ASN A 1 41  ? -16.446 -4.563  -2.783  1.00 22.05 ? 970  ASN A C   1 
ATOM   126  O  O   . ASN A 1 41  ? -16.282 -4.222  -3.955  1.00 22.80 ? 970  ASN A O   1 
ATOM   127  C  CB  . ASN A 1 41  ? -18.353 -6.088  -3.189  1.00 22.14 ? 970  ASN A CB  1 
ATOM   128  C  CG  . ASN A 1 41  ? -18.761 -7.547  -3.472  1.00 22.56 ? 970  ASN A CG  1 
ATOM   129  O  OD1 . ASN A 1 41  ? -18.204 -8.475  -2.881  1.00 26.50 ? 970  ASN A OD1 1 
ATOM   130  N  ND2 . ASN A 1 41  ? -19.737 -7.736  -4.349  1.00 18.13 ? 970  ASN A ND2 1 
ATOM   131  N  N   . LEU A 1 42  ? -16.196 -3.733  -1.775  1.00 19.79 ? 971  LEU A N   1 
ATOM   132  C  CA  . LEU A 1 42  ? -15.296 -2.607  -2.027  1.00 19.61 ? 971  LEU A CA  1 
ATOM   133  C  C   . LEU A 1 42  ? -13.899 -3.134  -2.233  1.00 19.25 ? 971  LEU A C   1 
ATOM   134  O  O   . LEU A 1 42  ? -13.587 -4.282  -1.884  1.00 19.95 ? 971  LEU A O   1 
ATOM   135  C  CB  . LEU A 1 42  ? -15.368 -1.565  -0.916  1.00 19.11 ? 971  LEU A CB  1 
ATOM   136  C  CG  . LEU A 1 42  ? -16.732 -0.867  -0.809  1.00 21.02 ? 971  LEU A CG  1 
ATOM   137  C  CD1 . LEU A 1 42  ? -16.567 0.346   0.097   1.00 25.61 ? 971  LEU A CD1 1 
ATOM   138  C  CD2 . LEU A 1 42  ? -17.353 -0.427  -2.172  1.00 26.26 ? 971  LEU A CD2 1 
ATOM   139  N  N   . GLN A 1 43  ? -13.029 -2.339  -2.827  1.00 20.48 ? 972  GLN A N   1 
ATOM   140  C  CA  . GLN A 1 43  ? -11.647 -2.789  -2.972  1.00 20.73 ? 972  GLN A CA  1 
ATOM   141  C  C   . GLN A 1 43  ? -11.020 -3.013  -1.592  1.00 19.42 ? 972  GLN A C   1 
ATOM   142  O  O   . GLN A 1 43  ? -11.216 -2.192  -0.680  1.00 21.92 ? 972  GLN A O   1 
ATOM   143  C  CB  . GLN A 1 43  ? -10.821 -1.726  -3.727  1.00 21.87 ? 972  GLN A CB  1 
ATOM   144  C  CG  . GLN A 1 43  ? -11.225 -1.598  -5.152  1.00 28.71 ? 972  GLN A CG  1 
ATOM   145  C  CD  . GLN A 1 43  ? -10.241 -0.759  -5.928  1.00 35.06 ? 972  GLN A CD  1 
ATOM   146  O  OE1 . GLN A 1 43  ? -9.455  -1.286  -6.730  1.00 36.02 ? 972  GLN A OE1 1 
ATOM   147  N  NE2 . GLN A 1 43  ? -10.262 0.539   -5.682  1.00 36.27 ? 972  GLN A NE2 1 
ATOM   148  N  N   . PRO A 1 44  ? -10.257 -4.095  -1.427  1.00 18.40 ? 973  PRO A N   1 
ATOM   149  C  CA  . PRO A 1 44  ? -9.556  -4.311  -0.143  1.00 16.25 ? 973  PRO A CA  1 
ATOM   150  C  C   . PRO A 1 44  ? -8.566  -3.178  0.177   1.00 17.75 ? 973  PRO A C   1 
ATOM   151  O  O   . PRO A 1 44  ? -8.043  -2.491  -0.735  1.00 20.25 ? 973  PRO A O   1 
ATOM   152  C  CB  . PRO A 1 44  ? -8.815  -5.642  -0.332  1.00 17.86 ? 973  PRO A CB  1 
ATOM   153  C  CG  . PRO A 1 44  ? -9.592  -6.317  -1.492  1.00 20.86 ? 973  PRO A CG  1 
ATOM   154  C  CD  . PRO A 1 44  ? -9.961  -5.165  -2.402  1.00 18.88 ? 973  PRO A CD  1 
ATOM   155  N  N   . HIS A 1 45  ? -8.369  -2.969  1.451   1.00 16.43 ? 974  HIS A N   1 
ATOM   156  C  CA  . HIS A 1 45  ? -7.416  -1.971  1.901   1.00 16.35 ? 974  HIS A CA  1 
ATOM   157  C  C   . HIS A 1 45  ? -6.037  -2.507  1.840   1.00 17.71 ? 974  HIS A C   1 
ATOM   158  O  O   . HIS A 1 45  ? -5.824  -3.683  2.092   1.00 20.98 ? 974  HIS A O   1 
ATOM   159  C  CB  . HIS A 1 45  ? -7.704  -1.585  3.345   1.00 16.92 ? 974  HIS A CB  1 
ATOM   160  C  CG  . HIS A 1 45  ? -9.046  -0.975  3.528   1.00 18.93 ? 974  HIS A CG  1 
ATOM   161  N  ND1 . HIS A 1 45  ? -9.354  0.263   3.008   1.00 21.39 ? 974  HIS A ND1 1 
ATOM   162  C  CD2 . HIS A 1 45  ? -10.145 -1.429  4.142   1.00 21.63 ? 974  HIS A CD2 1 
ATOM   163  C  CE1 . HIS A 1 45  ? -10.630 0.537   3.290   1.00 20.79 ? 974  HIS A CE1 1 
ATOM   164  N  NE2 . HIS A 1 45  ? -11.114 -0.466  4.001   1.00 22.09 ? 974  HIS A NE2 1 
ATOM   165  N  N   . ILE A 1 46  ? -5.056  -1.683  1.485   1.00 16.35 ? 975  ILE A N   1 
ATOM   166  C  CA  . ILE A 1 46  ? -3.667  -2.136  1.515   1.00 15.58 ? 975  ILE A CA  1 
ATOM   167  C  C   . ILE A 1 46  ? -3.034  -1.667  2.790   1.00 17.25 ? 975  ILE A C   1 
ATOM   168  O  O   . ILE A 1 46  ? -3.052  -0.477  3.066   1.00 16.83 ? 975  ILE A O   1 
ATOM   169  C  CB  . ILE A 1 46  ? -2.943  -1.545  0.280   1.00 17.27 ? 975  ILE A CB  1 
ATOM   170  C  CG1 . ILE A 1 46  ? -3.489  -2.137  -0.990  1.00 17.29 ? 975  ILE A CG1 1 
ATOM   171  C  CG2 . ILE A 1 46  ? -1.372  -1.695  0.406   1.00 18.28 ? 975  ILE A CG2 1 
ATOM   172  C  CD1 . ILE A 1 46  ? -3.178  -1.267  -2.242  1.00 18.56 ? 975  ILE A CD1 1 
ATOM   173  N  N   . VAL A 1 47  ? -2.514  -2.568  3.616   1.00 16.62 ? 976  VAL A N   1 
ATOM   174  C  CA  . VAL A 1 47  ? -1.999  -2.216  4.920   1.00 15.51 ? 976  VAL A CA  1 
ATOM   175  C  C   . VAL A 1 47  ? -0.588  -2.718  5.099   1.00 16.00 ? 976  VAL A C   1 
ATOM   176  O  O   . VAL A 1 47  ? -0.321  -3.878  4.790   1.00 17.11 ? 976  VAL A O   1 
ATOM   177  C  CB  . VAL A 1 47  ? -2.928  -2.797  6.011   1.00 16.61 ? 976  VAL A CB  1 
ATOM   178  C  CG1 . VAL A 1 47  ? -2.428  -2.465  7.409   1.00 16.22 ? 976  VAL A CG1 1 
ATOM   179  C  CG2 . VAL A 1 47  ? -4.391  -2.307  5.862   1.00 17.14 ? 976  VAL A CG2 1 
ATOM   180  N  N   . CYS A 1 48  ? 0.330   -1.876  5.640   1.00 16.00 ? 977  CYS A N   1 
ATOM   181  C  CA  . CYS A 1 48  ? 1.655   -2.409  5.990   1.00 17.05 ? 977  CYS A CA  1 
ATOM   182  C  C   . CYS A 1 48  ? 1.579   -2.848  7.452   1.00 16.13 ? 977  CYS A C   1 
ATOM   183  O  O   . CYS A 1 48  ? 1.216   -2.013  8.319   1.00 17.98 ? 977  CYS A O   1 
ATOM   184  C  CB  . CYS A 1 48  ? 2.702   -1.301  5.907   1.00 16.55 ? 977  CYS A CB  1 
ATOM   185  S  SG  . CYS A 1 48  ? 4.393   -1.986  6.131   1.00 20.39 ? 977  CYS A SG  1 
ATOM   186  N  N   . ILE A 1 49  ? 1.994   -4.076  7.738   1.00 15.94 ? 978  ILE A N   1 
ATOM   187  C  CA  . ILE A 1 49  ? 1.964   -4.596  9.123   1.00 16.58 ? 978  ILE A CA  1 
ATOM   188  C  C   . ILE A 1 49  ? 3.141   -3.973  9.908   1.00 16.86 ? 978  ILE A C   1 
ATOM   189  O  O   . ILE A 1 49  ? 4.339   -4.237  9.608   1.00 18.97 ? 978  ILE A O   1 
ATOM   190  C  CB  . ILE A 1 49  ? 2.062   -6.087  9.110   1.00 15.93 ? 978  ILE A CB  1 
ATOM   191  C  CG1 . ILE A 1 49  ? 0.842   -6.743  8.413   1.00 17.17 ? 978  ILE A CG1 1 
ATOM   192  C  CG2 . ILE A 1 49  ? 2.206   -6.634  10.557  1.00 17.14 ? 978  ILE A CG2 1 
ATOM   193  C  CD1 . ILE A 1 49  ? 0.964   -8.269  8.309   1.00 21.84 ? 978  ILE A CD1 1 
ATOM   194  N  N   . GLU A 1 50  ? 2.806   -3.248  10.964  1.00 16.21 ? 979  GLU A N   1 
ATOM   195  C  CA  . GLU A 1 50  ? 3.819   -2.648  11.814  1.00 16.56 ? 979  GLU A CA  1 
ATOM   196  C  C   . GLU A 1 50  ? 3.991   -3.393  13.129  1.00 16.33 ? 979  GLU A C   1 
ATOM   197  O  O   . GLU A 1 50  ? 5.090   -3.346  13.677  1.00 16.21 ? 979  GLU A O   1 
ATOM   198  C  CB  . GLU A 1 50  ? 3.492   -1.215  12.114  1.00 17.84 ? 979  GLU A CB  1 
ATOM   199  C  CG  . GLU A 1 50  ? 3.191   -0.483  10.816  1.00 25.98 ? 979  GLU A CG  1 
ATOM   200  C  CD  . GLU A 1 50  ? 3.994   0.748   10.572  1.00 26.91 ? 979  GLU A CD  1 
ATOM   201  O  OE1 . GLU A 1 50  ? 4.914   1.053   11.327  1.00 34.93 ? 979  GLU A OE1 1 
ATOM   202  O  OE2 . GLU A 1 50  ? 3.667   1.343   9.515   1.00 30.88 ? 979  GLU A OE2 1 
ATOM   203  N  N   . ARG A 1 51  ? 2.916   -4.083  13.556  1.00 15.05 ? 980  ARG A N   1 
ATOM   204  C  CA  . ARG A 1 51  ? 2.933   -4.861  14.818  1.00 14.83 ? 980  ARG A CA  1 
ATOM   205  C  C   . ARG A 1 51  ? 1.998   -6.022  14.701  1.00 13.60 ? 980  ARG A C   1 
ATOM   206  O  O   . ARG A 1 51  ? 0.998   -5.930  14.005  1.00 15.49 ? 980  ARG A O   1 
ATOM   207  C  CB  . ARG A 1 51  ? 2.443   -4.006  16.004  1.00 16.01 ? 980  ARG A CB  1 
ATOM   208  C  CG  . ARG A 1 51  ? 3.289   -2.854  16.334  1.00 19.49 ? 980  ARG A CG  1 
ATOM   209  C  CD  . ARG A 1 51  ? 3.043   -2.325  17.681  1.00 30.64 ? 980  ARG A CD  1 
ATOM   210  N  NE  . ARG A 1 51  ? 3.216   -0.879  17.729  1.00 32.71 ? 980  ARG A NE  1 
ATOM   211  C  CZ  . ARG A 1 51  ? 4.306   -0.273  18.217  1.00 39.43 ? 980  ARG A CZ  1 
ATOM   212  N  NH1 . ARG A 1 51  ? 5.363   -0.979  18.657  1.00 38.88 ? 980  ARG A NH1 1 
ATOM   213  N  NH2 . ARG A 1 51  ? 4.357   1.043   18.248  1.00 38.48 ? 980  ARG A NH2 1 
ATOM   214  N  N   . LEU A 1 52  ? 2.322   -7.130  15.407  1.00 14.10 ? 981  LEU A N   1 
ATOM   215  C  CA  . LEU A 1 52  ? 1.448   -8.328  15.442  1.00 13.47 ? 981  LEU A CA  1 
ATOM   216  C  C   . LEU A 1 52  ? 1.331   -8.769  16.891  1.00 14.92 ? 981  LEU A C   1 
ATOM   217  O  O   . LEU A 1 52  ? 2.317   -8.672  17.619  1.00 15.62 ? 981  LEU A O   1 
ATOM   218  C  CB  . LEU A 1 52  ? 2.050   -9.487  14.684  1.00 14.60 ? 981  LEU A CB  1 
ATOM   219  C  CG  . LEU A 1 52  ? 1.944   -9.238  13.178  1.00 15.88 ? 981  LEU A CG  1 
ATOM   220  C  CD1 . LEU A 1 52  ? 3.035   -10.019 12.403  1.00 20.54 ? 981  LEU A CD1 1 
ATOM   221  C  CD2 . LEU A 1 52  ? 0.600   -9.633  12.630  1.00 19.52 ? 981  LEU A CD2 1 
ATOM   222  N  N   . TRP A 1 53  ? 0.140   -9.258  17.296  1.00 14.81 ? 982  TRP A N   1 
ATOM   223  C  CA  . TRP A 1 53  ? -0.017  -9.782  18.667  1.00 15.36 ? 982  TRP A CA  1 
ATOM   224  C  C   . TRP A 1 53  ? -1.224  -10.687 18.703  1.00 15.69 ? 982  TRP A C   1 
ATOM   225  O  O   . TRP A 1 53  ? -1.940  -10.785 17.727  1.00 15.62 ? 982  TRP A O   1 
ATOM   226  C  CB  . TRP A 1 53  ? -0.133  -8.665  19.723  1.00 14.39 ? 982  TRP A CB  1 
ATOM   227  C  CG  . TRP A 1 53  ? -1.385  -7.886  19.621  1.00 12.72 ? 982  TRP A CG  1 
ATOM   228  C  CD1 . TRP A 1 53  ? -2.566  -8.141  20.287  1.00 11.93 ? 982  TRP A CD1 1 
ATOM   229  C  CD2 . TRP A 1 53  ? -1.632  -6.745  18.820  1.00 13.41 ? 982  TRP A CD2 1 
ATOM   230  N  NE1 . TRP A 1 53  ? -3.511  -7.191  19.987  1.00 12.41 ? 982  TRP A NE1 1 
ATOM   231  C  CE2 . TRP A 1 53  ? -2.974  -6.323  19.076  1.00 14.04 ? 982  TRP A CE2 1 
ATOM   232  C  CE3 . TRP A 1 53  ? -0.847  -5.979  17.928  1.00 16.12 ? 982  TRP A CE3 1 
ATOM   233  C  CZ2 . TRP A 1 53  ? -3.554  -5.191  18.445  1.00 15.24 ? 982  TRP A CZ2 1 
ATOM   234  C  CZ3 . TRP A 1 53  ? -1.445  -4.883  17.261  1.00 15.45 ? 982  TRP A CZ3 1 
ATOM   235  C  CH2 . TRP A 1 53  ? -2.783  -4.473  17.561  1.00 15.82 ? 982  TRP A CH2 1 
ATOM   236  N  N   . GLU A 1 54  ? -1.458  -11.337 19.848  1.00 16.46 ? 983  GLU A N   1 
ATOM   237  C  CA  . GLU A 1 54  ? -2.759  -11.976 20.064  1.00 16.70 ? 983  GLU A CA  1 
ATOM   238  C  C   . GLU A 1 54  ? -3.325  -11.483 21.386  1.00 15.15 ? 983  GLU A C   1 
ATOM   239  O  O   . GLU A 1 54  ? -2.601  -11.004 22.308  1.00 13.11 ? 983  GLU A O   1 
ATOM   240  C  CB  . GLU A 1 54  ? -2.724  -13.511 20.004  1.00 17.39 ? 983  GLU A CB  1 
ATOM   241  C  CG  . GLU A 1 54  ? -1.951  -14.142 21.098  1.00 19.62 ? 983  GLU A CG  1 
ATOM   242  C  CD  . GLU A 1 54  ? -1.958  -15.657 20.986  1.00 23.30 ? 983  GLU A CD  1 
ATOM   243  O  OE1 . GLU A 1 54  ? -1.186  -16.161 20.148  1.00 24.44 ? 983  GLU A OE1 1 
ATOM   244  O  OE2 . GLU A 1 54  ? -2.705  -16.344 21.747  1.00 26.92 ? 983  GLU A OE2 1 
ATOM   245  N  N   . ASP A 1 55  ? -4.647  -11.555 21.468  1.00 14.08 ? 984  ASP A N   1 
ATOM   246  C  CA  . ASP A 1 55  ? -5.298  -11.129 22.683  1.00 15.43 ? 984  ASP A CA  1 
ATOM   247  C  C   . ASP A 1 55  ? -5.458  -12.336 23.582  1.00 15.66 ? 984  ASP A C   1 
ATOM   248  O  O   . ASP A 1 55  ? -5.077  -13.425 23.185  1.00 17.29 ? 984  ASP A O   1 
ATOM   249  C  CB  . ASP A 1 55  ? -6.611  -10.406 22.405  1.00 17.06 ? 984  ASP A CB  1 
ATOM   250  C  CG  . ASP A 1 55  ? -7.661  -11.277 21.697  1.00 16.33 ? 984  ASP A CG  1 
ATOM   251  O  OD1 . ASP A 1 55  ? -7.672  -12.520 21.849  1.00 18.24 ? 984  ASP A OD1 1 
ATOM   252  O  OD2 . ASP A 1 55  ? -8.550  -10.718 20.998  1.00 18.22 ? 984  ASP A OD2 1 
ATOM   253  N  N   . SER A 1 56  ? -5.999  -12.151 24.789  1.00 17.21 ? 985  SER A N   1 
ATOM   254  C  CA  . SER A 1 56  ? -6.120  -13.279 25.719  1.00 18.27 ? 985  SER A CA  1 
ATOM   255  C  C   . SER A 1 56  ? -7.023  -14.400 25.199  1.00 19.83 ? 985  SER A C   1 
ATOM   256  O  O   . SER A 1 56  ? -6.972  -15.573 25.682  1.00 19.63 ? 985  SER A O   1 
ATOM   257  C  CB  . SER A 1 56  ? -6.660  -12.790 27.052  1.00 17.24 ? 985  SER A CB  1 
ATOM   258  O  OG  . SER A 1 56  ? -7.779  -11.959 26.857  1.00 19.29 ? 985  SER A OG  1 
ATOM   259  N  N   . ALA A 1 57  ? -7.845  -14.030 24.189  1.00 19.46 ? 986  ALA A N   1 
ATOM   260  C  CA  . ALA A 1 57  ? -8.796  -14.990 23.619  1.00 19.98 ? 986  ALA A CA  1 
ATOM   261  C  C   . ALA A 1 57  ? -8.090  -15.817 22.567  1.00 19.67 ? 986  ALA A C   1 
ATOM   262  O  O   . ALA A 1 57  ? -8.624  -16.781 22.032  1.00 20.12 ? 986  ALA A O   1 
ATOM   263  C  CB  . ALA A 1 57  ? -10.019 -14.249 23.040  1.00 20.34 ? 986  ALA A CB  1 
ATOM   264  N  N   . GLY A 1 58  ? -6.847  -15.458 22.294  1.00 18.28 ? 987  GLY A N   1 
ATOM   265  C  CA  . GLY A 1 58  ? -6.114  -16.155 21.270  1.00 18.26 ? 987  GLY A CA  1 
ATOM   266  C  C   . GLY A 1 58  ? -6.345  -15.619 19.866  1.00 16.82 ? 987  GLY A C   1 
ATOM   267  O  O   . GLY A 1 58  ? -5.804  -16.194 18.918  1.00 19.04 ? 987  GLY A O   1 
ATOM   268  N  N   . GLU A 1 59  ? -7.134  -14.561 19.711  1.00 16.17 ? 988  GLU A N   1 
ATOM   269  C  CA  . GLU A 1 59  ? -7.361  -13.937 18.405  1.00 15.68 ? 988  GLU A CA  1 
ATOM   270  C  C   . GLU A 1 59  ? -6.108  -13.167 18.032  1.00 15.44 ? 988  GLU A C   1 
ATOM   271  O  O   . GLU A 1 59  ? -5.613  -12.371 18.840  1.00 15.63 ? 988  GLU A O   1 
ATOM   272  C  CB  . GLU A 1 59  ? -8.588  -13.025 18.424  1.00 15.79 ? 988  GLU A CB  1 
ATOM   273  C  CG  . GLU A 1 59  ? -8.965  -12.400 17.065  1.00 17.92 ? 988  GLU A CG  1 
ATOM   274  C  CD  . GLU A 1 59  ? -10.314 -11.698 17.011  1.00 22.86 ? 988  GLU A CD  1 
ATOM   275  O  OE1 . GLU A 1 59  ? -10.869 -11.219 18.035  1.00 26.68 ? 988  GLU A OE1 1 
ATOM   276  O  OE2 . GLU A 1 59  ? -10.810 -11.537 15.879  1.00 26.34 ? 988  GLU A OE2 1 
ATOM   277  N  N   . LYS A 1 60  ? -5.632  -13.389 16.802  1.00 14.57 ? 989  LYS A N   1 
ATOM   278  C  CA  . LYS A 1 60  ? -4.431  -12.723 16.290  1.00 14.29 ? 989  LYS A CA  1 
ATOM   279  C  C   . LYS A 1 60  ? -4.797  -11.415 15.603  1.00 14.89 ? 989  LYS A C   1 
ATOM   280  O  O   . LYS A 1 60  ? -5.816  -11.330 14.873  1.00 14.61 ? 989  LYS A O   1 
ATOM   281  C  CB  . LYS A 1 60  ? -3.638  -13.647 15.324  1.00 15.55 ? 989  LYS A CB  1 
ATOM   282  C  CG  . LYS A 1 60  ? -3.164  -14.958 15.985  1.00 18.57 ? 989  LYS A CG  1 
ATOM   283  C  CD  . LYS A 1 60  ? -2.300  -15.728 14.984  1.00 27.25 ? 989  LYS A CD  1 
ATOM   284  C  CE  . LYS A 1 60  ? -1.541  -16.843 15.649  1.00 32.32 ? 989  LYS A CE  1 
ATOM   285  N  NZ  . LYS A 1 60  ? -0.824  -17.648 14.597  1.00 39.38 ? 989  LYS A NZ  1 
ATOM   286  N  N   . TRP A 1 61  ? -4.004  -10.379 15.923  1.00 13.12 ? 990  TRP A N   1 
ATOM   287  C  CA  . TRP A 1 61  ? -4.268  -9.005  15.467  1.00 12.25 ? 990  TRP A CA  1 
ATOM   288  C  C   . TRP A 1 61  ? -3.053  -8.401  14.786  1.00 13.87 ? 990  TRP A C   1 
ATOM   289  O  O   . TRP A 1 61  ? -1.901  -8.759  15.116  1.00 14.94 ? 990  TRP A O   1 
ATOM   290  C  CB  . TRP A 1 61  ? -4.581  -8.084  16.655  1.00 13.30 ? 990  TRP A CB  1 
ATOM   291  C  CG  . TRP A 1 61  ? -5.940  -8.352  17.236  1.00 12.48 ? 990  TRP A CG  1 
ATOM   292  C  CD1 . TRP A 1 61  ? -6.260  -9.327  18.140  1.00 15.59 ? 990  TRP A CD1 1 
ATOM   293  C  CD2 . TRP A 1 61  ? -7.142  -7.655  16.933  1.00 13.62 ? 990  TRP A CD2 1 
ATOM   294  N  NE1 . TRP A 1 61  ? -7.603  -9.268  18.455  1.00 14.98 ? 990  TRP A NE1 1 
ATOM   295  C  CE2 . TRP A 1 61  ? -8.177  -8.260  17.723  1.00 15.42 ? 990  TRP A CE2 1 
ATOM   296  C  CE3 . TRP A 1 61  ? -7.476  -6.567  16.071  1.00 14.47 ? 990  TRP A CE3 1 
ATOM   297  C  CZ2 . TRP A 1 61  ? -9.499  -7.816  17.703  1.00 15.66 ? 990  TRP A CZ2 1 
ATOM   298  C  CZ3 . TRP A 1 61  ? -8.805  -6.128  16.052  1.00 17.30 ? 990  TRP A CZ3 1 
ATOM   299  C  CH2 . TRP A 1 61  ? -9.792  -6.763  16.843  1.00 15.72 ? 990  TRP A CH2 1 
ATOM   300  N  N   . LEU A 1 62  ? -3.298  -7.472  13.864  1.00 13.83 ? 991  LEU A N   1 
ATOM   301  C  CA  . LEU A 1 62  ? -2.183  -6.664  13.336  1.00 15.19 ? 991  LEU A CA  1 
ATOM   302  C  C   . LEU A 1 62  ? -2.538  -5.180  13.527  1.00 16.84 ? 991  LEU A C   1 
ATOM   303  O  O   . LEU A 1 62  ? -3.708  -4.806  13.622  1.00 15.36 ? 991  LEU A O   1 
ATOM   304  C  CB  . LEU A 1 62  ? -1.978  -6.885  11.816  1.00 16.23 ? 991  LEU A CB  1 
ATOM   305  C  CG  . LEU A 1 62  ? -3.125  -6.433  10.883  1.00 16.26 ? 991  LEU A CG  1 
ATOM   306  C  CD1 . LEU A 1 62  ? -2.924  -4.974  10.305  1.00 19.11 ? 991  LEU A CD1 1 
ATOM   307  C  CD2 . LEU A 1 62  ? -3.254  -7.410  9.731   1.00 20.41 ? 991  LEU A CD2 1 
ATOM   308  N  N   . TYR A 1 63  ? -1.498  -4.364  13.525  1.00 15.97 ? 992  TYR A N   1 
ATOM   309  C  CA  . TYR A 1 63  ? -1.652  -2.897  13.546  1.00 16.76 ? 992  TYR A CA  1 
ATOM   310  C  C   . TYR A 1 63  ? -0.782  -2.416  12.425  1.00 15.36 ? 992  TYR A C   1 
ATOM   311  O  O   . TYR A 1 63  ? 0.367   -2.902  12.242  1.00 15.53 ? 992  TYR A O   1 
ATOM   312  C  CB  . TYR A 1 63  ? -1.103  -2.308  14.814  1.00 14.44 ? 992  TYR A CB  1 
ATOM   313  C  CG  . TYR A 1 63  ? -0.956  -0.804  14.860  1.00 16.56 ? 992  TYR A CG  1 
ATOM   314  C  CD1 . TYR A 1 63  ? -2.063  -0.006  14.965  1.00 15.86 ? 992  TYR A CD1 1 
ATOM   315  C  CD2 . TYR A 1 63  ? 0.309   -0.213  14.914  1.00 16.78 ? 992  TYR A CD2 1 
ATOM   316  C  CE1 . TYR A 1 63  ? -1.921  1.408   15.059  1.00 15.02 ? 992  TYR A CE1 1 
ATOM   317  C  CE2 . TYR A 1 63  ? 0.469   1.117   15.018  1.00 17.15 ? 992  TYR A CE2 1 
ATOM   318  C  CZ  . TYR A 1 63  ? -0.654  1.949   15.094  1.00 17.54 ? 992  TYR A CZ  1 
ATOM   319  O  OH  . TYR A 1 63  ? -0.488  3.315   15.227  1.00 16.37 ? 992  TYR A OH  1 
ATOM   320  N  N   . GLY A 1 64  ? -1.273  -1.433  11.667  1.00 16.97 ? 993  GLY A N   1 
ATOM   321  C  CA  . GLY A 1 64  ? -0.405  -0.926  10.623  1.00 19.84 ? 993  GLY A CA  1 
ATOM   322  C  C   . GLY A 1 64  ? -0.976  0.302   9.949   1.00 15.91 ? 993  GLY A C   1 
ATOM   323  O  O   . GLY A 1 64  ? -2.043  0.763   10.281  1.00 16.16 ? 993  GLY A O   1 
ATOM   324  N  N   . CYS A 1 65  ? -0.261  0.713   8.917   1.00 18.18 ? 994  CYS A N   1 
ATOM   325  C  CA  . CYS A 1 65  ? -0.508  1.985   8.194   1.00 16.04 ? 994  CYS A CA  1 
ATOM   326  C  C   . CYS A 1 65  ? -1.314  1.599   6.948   1.00 14.98 ? 994  CYS A C   1 
ATOM   327  O  O   . CYS A 1 65  ? -0.884  0.717   6.148   1.00 15.81 ? 994  CYS A O   1 
ATOM   328  C  CB  . CYS A 1 65  ? 0.850   2.547   7.761   1.00 16.81 ? 994  CYS A CB  1 
ATOM   329  S  SG  . CYS A 1 65  ? 0.689   4.016   6.788   1.00 20.55 ? 994  CYS A SG  1 
ATOM   330  N  N   . TRP A 1 66  ? -2.440  2.325   6.739   1.00 14.90 ? 995  TRP A N   1 
ATOM   331  C  CA  . TRP A 1 66  ? -3.237  2.146   5.526   1.00 16.07 ? 995  TRP A CA  1 
ATOM   332  C  C   . TRP A 1 66  ? -2.623  2.913   4.373   1.00 17.17 ? 995  TRP A C   1 
ATOM   333  O  O   . TRP A 1 66  ? -2.228  4.073   4.503   1.00 18.76 ? 995  TRP A O   1 
ATOM   334  C  CB  . TRP A 1 66  ? -4.646  2.722   5.737   1.00 17.92 ? 995  TRP A CB  1 
ATOM   335  C  CG  . TRP A 1 66  ? -5.678  1.749   6.180   1.00 19.89 ? 995  TRP A CG  1 
ATOM   336  C  CD1 . TRP A 1 66  ? -6.934  1.553   5.590   1.00 22.14 ? 995  TRP A CD1 1 
ATOM   337  C  CD2 . TRP A 1 66  ? -5.632  0.830   7.283   1.00 19.43 ? 995  TRP A CD2 1 
ATOM   338  N  NE1 . TRP A 1 66  ? -7.648  0.628   6.303   1.00 20.57 ? 995  TRP A NE1 1 
ATOM   339  C  CE2 . TRP A 1 66  ? -6.879  0.135   7.320   1.00 22.55 ? 995  TRP A CE2 1 
ATOM   340  C  CE3 . TRP A 1 66  ? -4.698  0.542   8.276   1.00 18.93 ? 995  TRP A CE3 1 
ATOM   341  C  CZ2 . TRP A 1 66  ? -7.188  -0.834  8.291   1.00 24.10 ? 995  TRP A CZ2 1 
ATOM   342  C  CZ3 . TRP A 1 66  ? -5.000  -0.417  9.208   1.00 21.06 ? 995  TRP A CZ3 1 
ATOM   343  C  CH2 . TRP A 1 66  ? -6.229  -1.145  9.196   1.00 22.47 ? 995  TRP A CH2 1 
ATOM   344  N  N   . PHE A 1 67  ? -2.578  2.279   3.211   1.00 15.56 ? 996  PHE A N   1 
ATOM   345  C  CA  . PHE A 1 67  ? -2.146  2.965   1.983   1.00 16.56 ? 996  PHE A CA  1 
ATOM   346  C  C   . PHE A 1 67  ? -3.349  3.188   1.143   1.00 18.86 ? 996  PHE A C   1 
ATOM   347  O  O   . PHE A 1 67  ? -3.976  2.213   0.763   1.00 22.35 ? 996  PHE A O   1 
ATOM   348  C  CB  . PHE A 1 67  ? -1.101  2.078   1.257   1.00 17.32 ? 996  PHE A CB  1 
ATOM   349  C  CG  . PHE A 1 67  ? 0.259   2.229   1.841   1.00 15.13 ? 996  PHE A CG  1 
ATOM   350  C  CD1 . PHE A 1 67  ? 1.234   3.014   1.230   1.00 18.47 ? 996  PHE A CD1 1 
ATOM   351  C  CD2 . PHE A 1 67  ? 0.579   1.584   3.085   1.00 18.04 ? 996  PHE A CD2 1 
ATOM   352  C  CE1 . PHE A 1 67  ? 2.491   3.171   1.813   1.00 19.85 ? 996  PHE A CE1 1 
ATOM   353  C  CE2 . PHE A 1 67  ? 1.818   1.748   3.678   1.00 17.70 ? 996  PHE A CE2 1 
ATOM   354  C  CZ  . PHE A 1 67  ? 2.780   2.552   3.061   1.00 18.60 ? 996  PHE A CZ  1 
ATOM   355  N  N   . TYR A 1 68  ? -3.641  4.451   0.809   1.00 15.93 ? 997  TYR A N   1 
ATOM   356  C  CA  . TYR A 1 68  ? -4.848  4.784   0.066   1.00 15.96 ? 997  TYR A CA  1 
ATOM   357  C  C   . TYR A 1 68  ? -4.656  4.714   -1.430  1.00 15.96 ? 997  TYR A C   1 
ATOM   358  O  O   . TYR A 1 68  ? -3.680  5.195   -1.996  1.00 15.88 ? 997  TYR A O   1 
ATOM   359  C  CB  . TYR A 1 68  ? -5.220  6.249   0.420   1.00 16.33 ? 997  TYR A CB  1 
ATOM   360  C  CG  . TYR A 1 68  ? -5.924  6.453   1.762   1.00 17.42 ? 997  TYR A CG  1 
ATOM   361  C  CD1 . TYR A 1 68  ? -5.773  5.558   2.820   1.00 24.21 ? 997  TYR A CD1 1 
ATOM   362  C  CD2 . TYR A 1 68  ? -6.767  7.534   1.938   1.00 21.45 ? 997  TYR A CD2 1 
ATOM   363  C  CE1 . TYR A 1 68  ? -6.432  5.745   4.033   1.00 19.62 ? 997  TYR A CE1 1 
ATOM   364  C  CE2 . TYR A 1 68  ? -7.442  7.727   3.151   1.00 23.78 ? 997  TYR A CE2 1 
ATOM   365  C  CZ  . TYR A 1 68  ? -7.218  6.842   4.194   1.00 20.95 ? 997  TYR A CZ  1 
ATOM   366  O  OH  . TYR A 1 68  ? -7.908  7.016   5.389   1.00 25.02 ? 997  TYR A OH  1 
ATOM   367  N  N   . ARG A 1 69  ? -5.647  4.139   -2.124  1.00 16.83 ? 998  ARG A N   1 
ATOM   368  C  CA  . ARG A 1 69  ? -5.743  4.203   -3.584  1.00 17.26 ? 998  ARG A CA  1 
ATOM   369  C  C   . ARG A 1 69  ? -6.191  5.623   -3.976  1.00 16.42 ? 998  ARG A C   1 
ATOM   370  O  O   . ARG A 1 69  ? -6.781  6.337   -3.138  1.00 16.14 ? 998  ARG A O   1 
ATOM   371  C  CB  . ARG A 1 69  ? -6.725  3.124   -4.079  1.00 19.36 ? 998  ARG A CB  1 
ATOM   372  C  CG  . ARG A 1 69  ? -6.231  1.686   -3.730  1.00 20.45 ? 998  ARG A CG  1 
ATOM   373  C  CD  . ARG A 1 69  ? -7.336  0.709   -4.081  1.00 25.63 ? 998  ARG A CD  1 
ATOM   374  N  NE  . ARG A 1 69  ? -7.250  -0.571  -3.336  1.00 24.87 ? 998  ARG A NE  1 
ATOM   375  C  CZ  . ARG A 1 69  ? -6.702  -1.647  -3.855  1.00 25.47 ? 998  ARG A CZ  1 
ATOM   376  N  NH1 . ARG A 1 69  ? -6.197  -1.631  -5.106  1.00 24.98 ? 998  ARG A NH1 1 
ATOM   377  N  NH2 . ARG A 1 69  ? -6.728  -2.773  -3.177  1.00 22.28 ? 998  ARG A NH2 1 
ATOM   378  N  N   . PRO A 1 70  ? -5.937  6.049   -5.205  1.00 17.07 ? 999  PRO A N   1 
ATOM   379  C  CA  . PRO A 1 70  ? -6.348  7.389   -5.652  1.00 16.79 ? 999  PRO A CA  1 
ATOM   380  C  C   . PRO A 1 70  ? -7.823  7.694   -5.313  1.00 17.32 ? 999  PRO A C   1 
ATOM   381  O  O   . PRO A 1 70  ? -8.147  8.803   -4.833  1.00 17.30 ? 999  PRO A O   1 
ATOM   382  C  CB  . PRO A 1 70  ? -6.112  7.322   -7.154  1.00 17.30 ? 999  PRO A CB  1 
ATOM   383  C  CG  . PRO A 1 70  ? -4.942  6.427   -7.254  1.00 18.82 ? 999  PRO A CG  1 
ATOM   384  C  CD  . PRO A 1 70  ? -5.234  5.323   -6.266  1.00 17.58 ? 999  PRO A CD  1 
ATOM   385  N  N   . ASN A 1 71  ? -8.740  6.747   -5.534  1.00 17.53 ? 1000 ASN A N   1 
ATOM   386  C  CA  . ASN A 1 71  ? -10.152 7.082   -5.219  1.00 17.26 ? 1000 ASN A CA  1 
ATOM   387  C  C   . ASN A 1 71  ? -10.553 7.126   -3.752  1.00 18.87 ? 1000 ASN A C   1 
ATOM   388  O  O   . ASN A 1 71  ? -11.725 7.399   -3.413  1.00 19.36 ? 1000 ASN A O   1 
ATOM   389  C  CB  . ASN A 1 71  ? -11.132 6.153   -5.971  1.00 19.79 ? 1000 ASN A CB  1 
ATOM   390  C  CG  . ASN A 1 71  ? -10.980 4.717   -5.568  1.00 23.04 ? 1000 ASN A CG  1 
ATOM   391  O  OD1 . ASN A 1 71  ? -10.216 4.350   -4.641  1.00 30.59 ? 1000 ASN A OD1 1 
ATOM   392  N  ND2 . ASN A 1 71  ? -11.691 3.852   -6.288  1.00 28.04 ? 1000 ASN A ND2 1 
ATOM   393  N  N   . GLU A 1 72  ? -9.597  6.847   -2.879  1.00 16.74 ? 1001 GLU A N   1 
ATOM   394  C  CA  . GLU A 1 72  ? -9.791  6.990   -1.430  1.00 17.87 ? 1001 GLU A CA  1 
ATOM   395  C  C   . GLU A 1 72  ? -9.313  8.373   -0.962  1.00 17.07 ? 1001 GLU A C   1 
ATOM   396  O  O   . GLU A 1 72  ? -9.422  8.686   0.244   1.00 20.01 ? 1001 GLU A O   1 
ATOM   397  C  CB  . GLU A 1 72  ? -9.075  5.857   -0.669  1.00 18.74 ? 1001 GLU A CB  1 
ATOM   398  C  CG  . GLU A 1 72  ? -9.696  4.540   -1.096  1.00 22.09 ? 1001 GLU A CG  1 
ATOM   399  C  CD  . GLU A 1 72  ? -9.050  3.335   -0.461  1.00 28.33 ? 1001 GLU A CD  1 
ATOM   400  O  OE1 . GLU A 1 72  ? -7.838  3.215   -0.428  1.00 24.16 ? 1001 GLU A OE1 1 
ATOM   401  O  OE2 . GLU A 1 72  ? -9.804  2.397   -0.061  1.00 31.72 ? 1001 GLU A OE2 1 
ATOM   402  N  N   . THR A 1 73  ? -8.747  9.158   -1.886  1.00 16.50 ? 1002 THR A N   1 
ATOM   403  C  CA  . THR A 1 73  ? -8.232  10.510  -1.533  1.00 14.81 ? 1002 THR A CA  1 
ATOM   404  C  C   . THR A 1 73  ? -9.103  11.569  -2.185  1.00 15.02 ? 1002 THR A C   1 
ATOM   405  O  O   . THR A 1 73  ? -9.860  11.286  -3.143  1.00 17.21 ? 1002 THR A O   1 
ATOM   406  C  CB  . THR A 1 73  ? -6.782  10.754  -2.038  1.00 14.11 ? 1002 THR A CB  1 
ATOM   407  O  OG1 . THR A 1 73  ? -6.766  10.889  -3.485  1.00 15.72 ? 1002 THR A OG1 1 
ATOM   408  C  CG2 . THR A 1 73  ? -5.837  9.588   -1.680  1.00 16.00 ? 1002 THR A CG2 1 
ATOM   409  N  N   . PHE A 1 74  ? -9.012  12.809  -1.690  1.00 13.00 ? 1003 PHE A N   1 
ATOM   410  C  CA  . PHE A 1 74  ? -9.589  13.966  -2.338  1.00 14.78 ? 1003 PHE A CA  1 
ATOM   411  C  C   . PHE A 1 74  ? -8.422  14.706  -2.941  1.00 14.78 ? 1003 PHE A C   1 
ATOM   412  O  O   . PHE A 1 74  ? -7.412  14.967  -2.269  1.00 15.95 ? 1003 PHE A O   1 
ATOM   413  C  CB  . PHE A 1 74  ? -10.299 14.824  -1.326  1.00 15.23 ? 1003 PHE A CB  1 
ATOM   414  C  CG  . PHE A 1 74  ? -11.494 14.184  -0.759  1.00 18.48 ? 1003 PHE A CG  1 
ATOM   415  C  CD1 . PHE A 1 74  ? -12.485 13.624  -1.598  1.00 18.61 ? 1003 PHE A CD1 1 
ATOM   416  C  CD2 . PHE A 1 74  ? -11.671 14.195  0.608   1.00 22.12 ? 1003 PHE A CD2 1 
ATOM   417  C  CE1 . PHE A 1 74  ? -13.630 13.049  -1.037  1.00 21.90 ? 1003 PHE A CE1 1 
ATOM   418  C  CE2 . PHE A 1 74  ? -12.840 13.661  1.183   1.00 26.29 ? 1003 PHE A CE2 1 
ATOM   419  C  CZ  . PHE A 1 74  ? -13.785 13.056  0.355   1.00 24.28 ? 1003 PHE A CZ  1 
ATOM   420  N  N   . HIS A 1 75  ? -8.527  15.024  -4.218  1.00 13.04 ? 1004 HIS A N   1 
ATOM   421  C  CA  . HIS A 1 75  ? -7.412  15.587  -4.962  1.00 13.32 ? 1004 HIS A CA  1 
ATOM   422  C  C   . HIS A 1 75  ? -7.881  16.482  -6.076  1.00 13.72 ? 1004 HIS A C   1 
ATOM   423  O  O   . HIS A 1 75  ? -9.082  16.480  -6.480  1.00 12.46 ? 1004 HIS A O   1 
ATOM   424  C  CB  . HIS A 1 75  ? -6.596  14.407  -5.580  1.00 14.56 ? 1004 HIS A CB  1 
ATOM   425  C  CG  . HIS A 1 75  ? -7.433  13.479  -6.431  1.00 15.77 ? 1004 HIS A CG  1 
ATOM   426  N  ND1 . HIS A 1 75  ? -7.696  13.747  -7.751  1.00 12.65 ? 1004 HIS A ND1 1 
ATOM   427  C  CD2 . HIS A 1 75  ? -8.054  12.297  -6.142  1.00 13.29 ? 1004 HIS A CD2 1 
ATOM   428  C  CE1 . HIS A 1 75  ? -8.489  12.801  -8.241  1.00 14.38 ? 1004 HIS A CE1 1 
ATOM   429  N  NE2 . HIS A 1 75  ? -8.716  11.914  -7.291  1.00 15.42 ? 1004 HIS A NE2 1 
ATOM   430  N  N   . LEU A 1 76  ? -6.988  17.356  -6.549  1.00 12.61 ? 1005 LEU A N   1 
ATOM   431  C  CA  . LEU A 1 76  ? -7.282  18.160  -7.708  1.00 12.67 ? 1005 LEU A CA  1 
ATOM   432  C  C   . LEU A 1 76  ? -7.772  17.278  -8.836  1.00 12.42 ? 1005 LEU A C   1 
ATOM   433  O  O   . LEU A 1 76  ? -7.178  16.230  -9.084  1.00 12.33 ? 1005 LEU A O   1 
ATOM   434  C  CB  . LEU A 1 76  ? -6.019  18.875  -8.222  1.00 15.24 ? 1005 LEU A CB  1 
ATOM   435  C  CG  . LEU A 1 76  ? -5.604  20.186  -7.524  1.00 18.13 ? 1005 LEU A CG  1 
ATOM   436  C  CD1 . LEU A 1 76  ? -4.207  20.530  -8.007  1.00 19.59 ? 1005 LEU A CD1 1 
ATOM   437  C  CD2 . LEU A 1 76  ? -6.506  21.352  -7.788  1.00 14.36 ? 1005 LEU A CD2 1 
ATOM   438  N  N   . ALA A 1 77  ? -8.811  17.699  -9.527  1.00 11.38 ? 1006 ALA A N   1 
ATOM   439  C  CA  . ALA A 1 77  ? -9.340  16.862  -10.605 1.00 12.26 ? 1006 ALA A CA  1 
ATOM   440  C  C   . ALA A 1 77  ? -8.329  16.606  -11.706 1.00 12.90 ? 1006 ALA A C   1 
ATOM   441  O  O   . ALA A 1 77  ? -8.445  15.597  -12.431 1.00 14.95 ? 1006 ALA A O   1 
ATOM   442  C  CB  . ALA A 1 77  ? -10.593 17.538  -11.166 1.00 11.49 ? 1006 ALA A CB  1 
ATOM   443  N  N   . THR A 1 78  ? -7.354  17.512  -11.850 1.00 12.11 ? 1007 THR A N   1 
ATOM   444  C  CA  . THR A 1 78  ? -6.273  17.413  -12.851 1.00 14.20 ? 1007 THR A CA  1 
ATOM   445  C  C   . THR A 1 78  ? -5.098  16.525  -12.448 1.00 13.76 ? 1007 THR A C   1 
ATOM   446  O  O   . THR A 1 78  ? -4.219  16.243  -13.291 1.00 16.66 ? 1007 THR A O   1 
ATOM   447  C  CB  . THR A 1 78  ? -5.765  18.849  -13.197 1.00 13.59 ? 1007 THR A CB  1 
ATOM   448  O  OG1 . THR A 1 78  ? -5.426  19.515  -11.956 1.00 18.07 ? 1007 THR A OG1 1 
ATOM   449  C  CG2 . THR A 1 78  ? -6.880  19.667  -13.806 1.00 16.44 ? 1007 THR A CG2 1 
ATOM   450  N  N   . ARG A 1 79  ? -5.078  16.043  -11.206 1.00 12.17 ? 1008 ARG A N   1 
ATOM   451  C  CA  . ARG A 1 79  ? -3.889  15.302  -10.707 1.00 12.96 ? 1008 ARG A CA  1 
ATOM   452  C  C   . ARG A 1 79  ? -3.727  14.046  -11.522 1.00 12.93 ? 1008 ARG A C   1 
ATOM   453  O  O   . ARG A 1 79  ? -4.700  13.328  -11.753 1.00 14.81 ? 1008 ARG A O   1 
ATOM   454  C  CB  . ARG A 1 79  ? -4.091  14.946  -9.230  1.00 12.98 ? 1008 ARG A CB  1 
ATOM   455  C  CG  . ARG A 1 79  ? -2.888  14.296  -8.585  1.00 14.08 ? 1008 ARG A CG  1 
ATOM   456  C  CD  . ARG A 1 79  ? -3.008  13.977  -7.074  1.00 16.84 ? 1008 ARG A CD  1 
ATOM   457  N  NE  . ARG A 1 79  ? -1.688  13.502  -6.621  1.00 17.93 ? 1008 ARG A NE  1 
ATOM   458  C  CZ  . ARG A 1 79  ? -0.842  14.196  -5.874  1.00 17.68 ? 1008 ARG A CZ  1 
ATOM   459  N  NH1 . ARG A 1 79  ? -1.121  15.402  -5.413  1.00 18.61 ? 1008 ARG A NH1 1 
ATOM   460  N  NH2 . ARG A 1 79  ? 0.349   13.681  -5.635  1.00 19.75 ? 1008 ARG A NH2 1 
ATOM   461  N  N   . LYS A 1 80  ? -2.492  13.726  -11.913 1.00 13.94 ? 1009 LYS A N   1 
ATOM   462  C  CA  . LYS A 1 80  ? -2.264  12.472  -12.653 1.00 14.26 ? 1009 LYS A CA  1 
ATOM   463  C  C   . LYS A 1 80  ? -1.634  11.457  -11.702 1.00 15.36 ? 1009 LYS A C   1 
ATOM   464  O  O   . LYS A 1 80  ? -0.879  11.843  -10.817 1.00 17.69 ? 1009 LYS A O   1 
ATOM   465  C  CB  . LYS A 1 80  ? -1.337  12.729  -13.852 1.00 14.94 ? 1009 LYS A CB  1 
ATOM   466  C  CG  . LYS A 1 80  ? -1.931  13.734  -14.842 1.00 16.52 ? 1009 LYS A CG  1 
ATOM   467  C  CD  . LYS A 1 80  ? -1.056  13.921  -16.074 1.00 23.41 ? 1009 LYS A CD  1 
ATOM   468  C  CE  . LYS A 1 80  ? -1.747  14.712  -17.155 1.00 27.55 ? 1009 LYS A CE  1 
ATOM   469  N  NZ  . LYS A 1 80  ? -1.052  14.437  -18.431 1.00 33.21 ? 1009 LYS A NZ  1 
ATOM   470  N  N   . PHE A 1 81  ? -2.052  10.203  -11.847 1.00 14.94 ? 1010 PHE A N   1 
ATOM   471  C  CA  . PHE A 1 81  ? -1.589  9.105   -11.028 1.00 16.22 ? 1010 PHE A CA  1 
ATOM   472  C  C   . PHE A 1 81  ? -0.806  8.126   -11.861 1.00 16.33 ? 1010 PHE A C   1 
ATOM   473  O  O   . PHE A 1 81  ? -1.143  7.857   -12.979 1.00 15.87 ? 1010 PHE A O   1 
ATOM   474  C  CB  . PHE A 1 81  ? -2.785  8.397   -10.420 1.00 17.22 ? 1010 PHE A CB  1 
ATOM   475  C  CG  . PHE A 1 81  ? -3.668  9.321   -9.615  1.00 16.02 ? 1010 PHE A CG  1 
ATOM   476  C  CD1 . PHE A 1 81  ? -3.316  9.639   -8.325  1.00 18.44 ? 1010 PHE A CD1 1 
ATOM   477  C  CD2 . PHE A 1 81  ? -4.843  9.847   -10.156 1.00 17.27 ? 1010 PHE A CD2 1 
ATOM   478  C  CE1 . PHE A 1 81  ? -4.126  10.510  -7.546  1.00 16.96 ? 1010 PHE A CE1 1 
ATOM   479  C  CE2 . PHE A 1 81  ? -5.619  10.698  -9.393  1.00 14.67 ? 1010 PHE A CE2 1 
ATOM   480  C  CZ  . PHE A 1 81  ? -5.265  11.028  -8.095  1.00 16.72 ? 1010 PHE A CZ  1 
ATOM   481  N  N   . LEU A 1 82  ? 0.248   7.573   -11.273 1.00 17.25 ? 1011 LEU A N   1 
ATOM   482  C  CA  . LEU A 1 82  ? 0.833   6.425   -11.886 1.00 17.19 ? 1011 LEU A CA  1 
ATOM   483  C  C   . LEU A 1 82  ? -0.202  5.296   -11.844 1.00 16.80 ? 1011 LEU A C   1 
ATOM   484  O  O   . LEU A 1 82  ? -1.013  5.172   -10.891 1.00 15.34 ? 1011 LEU A O   1 
ATOM   485  C  CB  . LEU A 1 82  ? 2.064   6.017   -11.081 1.00 18.44 ? 1011 LEU A CB  1 
ATOM   486  C  CG  . LEU A 1 82  ? 3.238   7.014   -11.165 1.00 19.85 ? 1011 LEU A CG  1 
ATOM   487  C  CD1 . LEU A 1 82  ? 4.234   6.790   -9.996  1.00 20.62 ? 1011 LEU A CD1 1 
ATOM   488  C  CD2 . LEU A 1 82  ? 3.918   6.936   -12.529 1.00 19.83 ? 1011 LEU A CD2 1 
ATOM   489  N  N   . GLU A 1 83  ? -0.106  4.390   -12.819 1.00 18.51 ? 1012 GLU A N   1 
ATOM   490  C  CA  . GLU A 1 83  ? -0.872  3.197   -12.692 1.00 20.61 ? 1012 GLU A CA  1 
ATOM   491  C  C   . GLU A 1 83  ? -0.304  2.512   -11.399 1.00 20.54 ? 1012 GLU A C   1 
ATOM   492  O  O   . GLU A 1 83  ? 0.900   2.521   -11.113 1.00 23.62 ? 1012 GLU A O   1 
ATOM   493  C  CB  . GLU A 1 83  ? -0.730  2.281   -13.902 1.00 22.18 ? 1012 GLU A CB  1 
ATOM   494  C  CG  . GLU A 1 83  ? -1.807  1.202   -13.973 1.00 28.67 ? 1012 GLU A CG  1 
ATOM   495  C  CD  . GLU A 1 83  ? -1.684  0.323   -15.223 1.00 34.35 ? 1012 GLU A CD  1 
ATOM   496  O  OE1 . GLU A 1 83  ? -1.306  -0.868  -15.071 1.00 37.82 ? 1012 GLU A OE1 1 
ATOM   497  O  OE2 . GLU A 1 83  ? -1.953  0.815   -16.352 1.00 38.59 ? 1012 GLU A OE2 1 
ATOM   498  N  N   . LYS A 1 84  ? -1.182  1.941   -10.630 1.00 19.80 ? 1013 LYS A N   1 
ATOM   499  C  CA  . LYS A 1 84  ? -0.789  1.302   -9.375  1.00 16.88 ? 1013 LYS A CA  1 
ATOM   500  C  C   . LYS A 1 84  ? -0.281  2.239   -8.272  1.00 16.11 ? 1013 LYS A C   1 
ATOM   501  O  O   . LYS A 1 84  ? 0.247   1.752   -7.283  1.00 15.23 ? 1013 LYS A O   1 
ATOM   502  C  CB  . LYS A 1 84  ? 0.284   0.199   -9.567  1.00 16.31 ? 1013 LYS A CB  1 
ATOM   503  C  CG  . LYS A 1 84  ? -0.030  -0.798  -10.669 1.00 15.96 ? 1013 LYS A CG  1 
ATOM   504  C  CD  . LYS A 1 84  ? -1.354  -1.437  -10.419 1.00 19.42 ? 1013 LYS A CD  1 
ATOM   505  C  CE  . LYS A 1 84  ? -1.303  -2.606  -9.412  1.00 22.80 ? 1013 LYS A CE  1 
ATOM   506  N  NZ  . LYS A 1 84  ? -2.663  -3.237  -9.358  1.00 22.51 ? 1013 LYS A NZ  1 
ATOM   507  N  N   . GLU A 1 85  ? -0.465  3.547   -8.418  1.00 14.80 ? 1014 GLU A N   1 
ATOM   508  C  CA  . GLU A 1 85  ? -0.071  4.457   -7.309  1.00 14.63 ? 1014 GLU A CA  1 
ATOM   509  C  C   . GLU A 1 85  ? -0.931  4.279   -6.080  1.00 15.13 ? 1014 GLU A C   1 
ATOM   510  O  O   . GLU A 1 85  ? -2.159  4.115   -6.175  1.00 15.63 ? 1014 GLU A O   1 
ATOM   511  C  CB  . GLU A 1 85  ? -0.142  5.924   -7.744  1.00 15.84 ? 1014 GLU A CB  1 
ATOM   512  C  CG  . GLU A 1 85  ? 0.600   6.850   -6.770  1.00 16.43 ? 1014 GLU A CG  1 
ATOM   513  C  CD  . GLU A 1 85  ? 0.918   8.223   -7.328  1.00 16.10 ? 1014 GLU A CD  1 
ATOM   514  O  OE1 . GLU A 1 85  ? 0.642   8.514   -8.530  1.00 19.34 ? 1014 GLU A OE1 1 
ATOM   515  O  OE2 . GLU A 1 85  ? 1.450   9.051   -6.549  1.00 18.48 ? 1014 GLU A OE2 1 
ATOM   516  N  N   . VAL A 1 86  ? -0.272  4.351   -4.917  1.00 14.65 ? 1015 VAL A N   1 
ATOM   517  C  CA  . VAL A 1 86  ? -0.948  4.483   -3.621  1.00 14.90 ? 1015 VAL A CA  1 
ATOM   518  C  C   . VAL A 1 86  ? -0.242  5.516   -2.753  1.00 14.12 ? 1015 VAL A C   1 
ATOM   519  O  O   . VAL A 1 86  ? 0.882   5.940   -3.040  1.00 15.13 ? 1015 VAL A O   1 
ATOM   520  C  CB  . VAL A 1 86  ? -1.005  3.147   -2.824  1.00 15.03 ? 1015 VAL A CB  1 
ATOM   521  C  CG1 . VAL A 1 86  ? -1.704  2.100   -3.681  1.00 17.98 ? 1015 VAL A CG1 1 
ATOM   522  C  CG2 . VAL A 1 86  ? 0.447   2.652   -2.528  1.00 16.60 ? 1015 VAL A CG2 1 
ATOM   523  N  N   . PHE A 1 87  ? -0.956  5.952   -1.730  1.00 14.94 ? 1016 PHE A N   1 
ATOM   524  C  CA  . PHE A 1 87  ? -0.459  7.038   -0.870  1.00 14.25 ? 1016 PHE A CA  1 
ATOM   525  C  C   . PHE A 1 87  ? -0.305  6.561   0.549   1.00 15.90 ? 1016 PHE A C   1 
ATOM   526  O  O   . PHE A 1 87  ? -1.183  5.924   1.093   1.00 16.23 ? 1016 PHE A O   1 
ATOM   527  C  CB  . PHE A 1 87  ? -1.458  8.225   -0.953  1.00 14.66 ? 1016 PHE A CB  1 
ATOM   528  C  CG  . PHE A 1 87  ? -1.539  8.752   -2.330  1.00 13.33 ? 1016 PHE A CG  1 
ATOM   529  C  CD1 . PHE A 1 87  ? -0.602  9.644   -2.760  1.00 15.09 ? 1016 PHE A CD1 1 
ATOM   530  C  CD2 . PHE A 1 87  ? -2.516  8.268   -3.209  1.00 15.89 ? 1016 PHE A CD2 1 
ATOM   531  C  CE1 . PHE A 1 87  ? -0.656  10.126  -4.106  1.00 15.37 ? 1016 PHE A CE1 1 
ATOM   532  C  CE2 . PHE A 1 87  ? -2.569  8.717   -4.530  1.00 18.48 ? 1016 PHE A CE2 1 
ATOM   533  C  CZ  . PHE A 1 87  ? -1.621  9.662   -4.966  1.00 17.87 ? 1016 PHE A CZ  1 
ATOM   534  N  N   . LYS A 1 88  ? 0.855   6.852   1.136   1.00 14.51 ? 1017 LYS A N   1 
ATOM   535  C  CA  . LYS A 1 88  ? 1.050   6.479   2.541   1.00 14.85 ? 1017 LYS A CA  1 
ATOM   536  C  C   . LYS A 1 88  ? 0.192   7.434   3.386   1.00 16.04 ? 1017 LYS A C   1 
ATOM   537  O  O   . LYS A 1 88  ? 0.400   8.667   3.377   1.00 16.44 ? 1017 LYS A O   1 
ATOM   538  C  CB  . LYS A 1 88  ? 2.510   6.694   2.897   1.00 14.50 ? 1017 LYS A CB  1 
ATOM   539  C  CG  . LYS A 1 88  ? 2.786   6.193   4.344   1.00 17.53 ? 1017 LYS A CG  1 
ATOM   540  C  CD  . LYS A 1 88  ? 4.260   6.305   4.617   1.00 22.01 ? 1017 LYS A CD  1 
ATOM   541  C  CE  . LYS A 1 88  ? 4.542   5.576   5.930   1.00 27.12 ? 1017 LYS A CE  1 
ATOM   542  N  NZ  . LYS A 1 88  ? 3.805   6.197   7.050   1.00 33.64 ? 1017 LYS A NZ  1 
ATOM   543  N  N   . SER A 1 89  ? -0.771  6.887   4.119   1.00 15.21 ? 1018 SER A N   1 
ATOM   544  C  CA  . SER A 1 89  ? -1.682  7.730   4.897   1.00 14.73 ? 1018 SER A CA  1 
ATOM   545  C  C   . SER A 1 89  ? -1.273  7.895   6.326   1.00 15.04 ? 1018 SER A C   1 
ATOM   546  O  O   . SER A 1 89  ? -0.343  7.176   6.790   1.00 16.83 ? 1018 SER A O   1 
ATOM   547  C  CB  . SER A 1 89  ? -3.109  7.187   4.806   1.00 16.41 ? 1018 SER A CB  1 
ATOM   548  O  OG  . SER A 1 89  ? -3.330  6.206   5.822   1.00 16.06 ? 1018 SER A OG  1 
ATOM   549  N  N   . ASP A 1 90  ? -2.000  8.780   7.024   1.00 14.05 ? 1019 ASP A N   1 
ATOM   550  C  CA  . ASP A 1 90  ? -1.842  8.900   8.465   1.00 14.55 ? 1019 ASP A CA  1 
ATOM   551  C  C   . ASP A 1 90  ? -2.931  8.165   9.211   1.00 14.53 ? 1019 ASP A C   1 
ATOM   552  O  O   . ASP A 1 90  ? -3.136  8.427   10.376  1.00 16.67 ? 1019 ASP A O   1 
ATOM   553  C  CB  . ASP A 1 90  ? -1.773  10.383  8.886   1.00 15.92 ? 1019 ASP A CB  1 
ATOM   554  C  CG  . ASP A 1 90  ? -2.907  11.225  8.359   1.00 15.49 ? 1019 ASP A CG  1 
ATOM   555  O  OD1 . ASP A 1 90  ? -3.810  10.710  7.654   1.00 17.97 ? 1019 ASP A OD1 1 
ATOM   556  O  OD2 . ASP A 1 90  ? -2.965  12.425  8.665   1.00 18.00 ? 1019 ASP A OD2 1 
ATOM   557  N  N   . TYR A 1 91  ? -3.567  7.218   8.530   1.00 15.02 ? 1020 TYR A N   1 
ATOM   558  C  CA  . TYR A 1 91  ? -4.602  6.421   9.164   1.00 14.39 ? 1020 TYR A CA  1 
ATOM   559  C  C   . TYR A 1 91  ? -3.968  5.071   9.518   1.00 14.55 ? 1020 TYR A C   1 
ATOM   560  O  O   . TYR A 1 91  ? -3.548  4.307   8.614   1.00 16.10 ? 1020 TYR A O   1 
ATOM   561  C  CB  . TYR A 1 91  ? -5.773  6.203   8.151   1.00 16.05 ? 1020 TYR A CB  1 
ATOM   562  C  CG  . TYR A 1 91  ? -6.907  5.398   8.721   1.00 16.20 ? 1020 TYR A CG  1 
ATOM   563  C  CD1 . TYR A 1 91  ? -7.953  6.046   9.359   1.00 16.66 ? 1020 TYR A CD1 1 
ATOM   564  C  CD2 . TYR A 1 91  ? -6.917  3.997   8.682   1.00 17.65 ? 1020 TYR A CD2 1 
ATOM   565  C  CE1 . TYR A 1 91  ? -9.021  5.337   9.912   1.00 17.13 ? 1020 TYR A CE1 1 
ATOM   566  C  CE2 . TYR A 1 91  ? -7.978  3.267   9.232   1.00 18.19 ? 1020 TYR A CE2 1 
ATOM   567  C  CZ  . TYR A 1 91  ? -8.998  3.947   9.859   1.00 18.08 ? 1020 TYR A CZ  1 
ATOM   568  O  OH  . TYR A 1 91  ? -10.088 3.237   10.408  1.00 22.59 ? 1020 TYR A OH  1 
ATOM   569  N  N   . TYR A 1 92  ? -3.917  4.787   10.826  1.00 14.38 ? 1021 TYR A N   1 
ATOM   570  C  CA  . TYR A 1 92  ? -3.381  3.504   11.310  1.00 13.71 ? 1021 TYR A CA  1 
ATOM   571  C  C   . TYR A 1 92  ? -4.479  2.860   12.112  1.00 14.23 ? 1021 TYR A C   1 
ATOM   572  O  O   . TYR A 1 92  ? -5.215  3.556   12.824  1.00 15.32 ? 1021 TYR A O   1 
ATOM   573  C  CB  . TYR A 1 92  ? -2.201  3.764   12.275  1.00 15.19 ? 1021 TYR A CB  1 
ATOM   574  C  CG  . TYR A 1 92  ? -0.898  4.227   11.617  1.00 14.85 ? 1021 TYR A CG  1 
ATOM   575  C  CD1 . TYR A 1 92  ? 0.233   3.386   11.592  1.00 16.04 ? 1021 TYR A CD1 1 
ATOM   576  C  CD2 . TYR A 1 92  ? -0.832  5.487   11.011  1.00 16.34 ? 1021 TYR A CD2 1 
ATOM   577  C  CE1 . TYR A 1 92  ? 1.433   3.829   10.972  1.00 16.80 ? 1021 TYR A CE1 1 
ATOM   578  C  CE2 . TYR A 1 92  ? 0.318   5.913   10.402  1.00 18.43 ? 1021 TYR A CE2 1 
ATOM   579  C  CZ  . TYR A 1 92  ? 1.430   5.069   10.348  1.00 16.90 ? 1021 TYR A CZ  1 
ATOM   580  O  OH  . TYR A 1 92  ? 2.627   5.509   9.754   1.00 19.48 ? 1021 TYR A OH  1 
ATOM   581  N  N   . ASN A 1 93  ? -4.616  1.542   11.989  1.00 13.98 ? 1022 ASN A N   1 
ATOM   582  C  CA  . ASN A 1 93  ? -5.624  0.874   12.785  1.00 15.11 ? 1022 ASN A CA  1 
ATOM   583  C  C   . ASN A 1 93  ? -5.274  -0.555  12.974  1.00 15.47 ? 1022 ASN A C   1 
ATOM   584  O  O   . ASN A 1 93  ? -4.310  -1.029  12.379  1.00 16.50 ? 1022 ASN A O   1 
ATOM   585  C  CB  . ASN A 1 93  ? -7.037  0.997   12.153  1.00 15.99 ? 1022 ASN A CB  1 
ATOM   586  C  CG  . ASN A 1 93  ? -8.139  1.085   13.215  1.00 16.59 ? 1022 ASN A CG  1 
ATOM   587  O  OD1 . ASN A 1 93  ? -7.994  0.634   14.322  1.00 18.66 ? 1022 ASN A OD1 1 
ATOM   588  N  ND2 . ASN A 1 93  ? -9.235  1.770   12.882  1.00 19.10 ? 1022 ASN A ND2 1 
ATOM   589  N  N   . LYS A 1 94  ? -6.016  -1.226  13.817  1.00 16.96 ? 1023 LYS A N   1 
ATOM   590  C  CA  . LYS A 1 94  ? -5.781  -2.632  14.051  1.00 16.61 ? 1023 LYS A CA  1 
ATOM   591  C  C   . LYS A 1 94  ? -6.907  -3.420  13.409  1.00 17.97 ? 1023 LYS A C   1 
ATOM   592  O  O   . LYS A 1 94  ? -8.048  -2.949  13.326  1.00 18.83 ? 1023 LYS A O   1 
ATOM   593  C  CB  . LYS A 1 94  ? -5.699  -2.907  15.551  1.00 17.09 ? 1023 LYS A CB  1 
ATOM   594  C  CG  . LYS A 1 94  ? -6.881  -2.446  16.333  1.00 19.22 ? 1023 LYS A CG  1 
ATOM   595  C  CD  . LYS A 1 94  ? -6.649  -2.776  17.780  1.00 23.91 ? 1023 LYS A CD  1 
ATOM   596  C  CE  . LYS A 1 94  ? -7.976  -2.792  18.546  1.00 27.61 ? 1023 LYS A CE  1 
ATOM   597  N  NZ  . LYS A 1 94  ? -7.754  -2.807  20.006  1.00 31.05 ? 1023 LYS A NZ  1 
ATOM   598  N  N   . VAL A 1 95  ? -6.595  -4.627  12.968  1.00 17.11 ? 1024 VAL A N   1 
ATOM   599  C  CA  . VAL A 1 95  ? -7.635  -5.527  12.461  1.00 18.77 ? 1024 VAL A CA  1 
ATOM   600  C  C   . VAL A 1 95  ? -7.233  -6.957  12.775  1.00 16.52 ? 1024 VAL A C   1 
ATOM   601  O  O   . VAL A 1 95  ? -6.036  -7.228  12.879  1.00 15.37 ? 1024 VAL A O   1 
ATOM   602  C  CB  . VAL A 1 95  ? -7.887  -5.432  10.978  1.00 20.20 ? 1024 VAL A CB  1 
ATOM   603  C  CG1 . VAL A 1 95  ? -8.503  -4.144  10.616  1.00 22.60 ? 1024 VAL A CG1 1 
ATOM   604  C  CG2 . VAL A 1 95  ? -6.606  -5.606  10.218  1.00 21.41 ? 1024 VAL A CG2 1 
ATOM   605  N  N   . PRO A 1 96  ? -8.185  -7.878  12.905  1.00 16.76 ? 1025 PRO A N   1 
ATOM   606  C  CA  . PRO A 1 96  ? -7.787  -9.257  13.092  1.00 16.92 ? 1025 PRO A CA  1 
ATOM   607  C  C   . PRO A 1 96  ? -7.099  -9.822  11.869  1.00 16.44 ? 1025 PRO A C   1 
ATOM   608  O  O   . PRO A 1 96  ? -7.440  -9.511  10.731  1.00 15.82 ? 1025 PRO A O   1 
ATOM   609  C  CB  . PRO A 1 96  ? -9.107  -10.007 13.363  1.00 18.08 ? 1025 PRO A CB  1 
ATOM   610  C  CG  . PRO A 1 96  ? -10.051 -8.934  13.779  1.00 18.67 ? 1025 PRO A CG  1 
ATOM   611  C  CD  . PRO A 1 96  ? -9.658  -7.701  12.959  1.00 17.14 ? 1025 PRO A CD  1 
ATOM   612  N  N   . VAL A 1 97  ? -6.108  -10.675 12.078  1.00 17.31 ? 1026 VAL A N   1 
ATOM   613  C  CA  . VAL A 1 97  ? -5.402  -11.289 10.976  1.00 18.79 ? 1026 VAL A CA  1 
ATOM   614  C  C   . VAL A 1 97  ? -6.348  -12.110 10.077  1.00 17.30 ? 1026 VAL A C   1 
ATOM   615  O  O   . VAL A 1 97  ? -6.050  -12.310 8.886   1.00 18.46 ? 1026 VAL A O   1 
ATOM   616  C  CB  . VAL A 1 97  ? -4.249  -12.164 11.528  1.00 19.06 ? 1026 VAL A CB  1 
ATOM   617  C  CG1 . VAL A 1 97  ? -3.698  -13.098 10.511  1.00 24.62 ? 1026 VAL A CG1 1 
ATOM   618  C  CG2 . VAL A 1 97  ? -3.147  -11.282 12.116  1.00 20.96 ? 1026 VAL A CG2 1 
ATOM   619  N  N   . SER A 1 98  ? -7.474  -12.543 10.622  1.00 18.32 ? 1027 SER A N   1 
ATOM   620  C  CA  . SER A 1 98  ? -8.488  -13.285 9.846   1.00 17.41 ? 1027 SER A CA  1 
ATOM   621  C  C   . SER A 1 98  ? -9.109  -12.444 8.711   1.00 18.54 ? 1027 SER A C   1 
ATOM   622  O  O   . SER A 1 98  ? -9.731  -12.998 7.786   1.00 18.70 ? 1027 SER A O   1 
ATOM   623  C  CB  . SER A 1 98  ? -9.597  -13.808 10.792  1.00 17.84 ? 1027 SER A CB  1 
ATOM   624  O  OG  . SER A 1 98  ? -10.329 -12.725 11.363  1.00 19.31 ? 1027 SER A OG  1 
ATOM   625  N  N   . LYS A 1 99  ? -8.949  -11.124 8.771   1.00 16.09 ? 1028 LYS A N   1 
ATOM   626  C  CA  . LYS A 1 99  ? -9.497  -10.223 7.757   1.00 17.03 ? 1028 LYS A CA  1 
ATOM   627  C  C   . LYS A 1 99  ? -8.515  -10.067 6.606   1.00 16.62 ? 1028 LYS A C   1 
ATOM   628  O  O   . LYS A 1 99  ? -8.807  -9.349  5.653   1.00 17.95 ? 1028 LYS A O   1 
ATOM   629  C  CB  . LYS A 1 99  ? -9.856  -8.862  8.390   1.00 19.53 ? 1028 LYS A CB  1 
ATOM   630  C  CG  . LYS A 1 99  ? -10.966 -9.045  9.411   1.00 23.07 ? 1028 LYS A CG  1 
ATOM   631  C  CD  . LYS A 1 99  ? -11.815 -7.801  9.629   1.00 30.12 ? 1028 LYS A CD  1 
ATOM   632  C  CE  . LYS A 1 99  ? -13.142 -8.192  10.313  1.00 31.97 ? 1028 LYS A CE  1 
ATOM   633  N  NZ  . LYS A 1 99  ? -13.569 -7.365  11.529  1.00 35.81 ? 1028 LYS A NZ  1 
ATOM   634  N  N   . ILE A 1 100 ? -7.362  -10.715 6.652   1.00 14.74 ? 1029 ILE A N   1 
ATOM   635  C  CA  . ILE A 1 100 ? -6.390  -10.619 5.522   1.00 15.36 ? 1029 ILE A CA  1 
ATOM   636  C  C   . ILE A 1 100 ? -6.863  -11.503 4.383   1.00 14.49 ? 1029 ILE A C   1 
ATOM   637  O  O   . ILE A 1 100 ? -7.161  -12.679 4.585   1.00 17.27 ? 1029 ILE A O   1 
ATOM   638  C  CB  . ILE A 1 100 ? -4.948  -11.008 5.975   1.00 14.50 ? 1029 ILE A CB  1 
ATOM   639  C  CG1 . ILE A 1 100 ? -4.396  -9.999  7.009   1.00 16.47 ? 1029 ILE A CG1 1 
ATOM   640  C  CG2 . ILE A 1 100 ? -4.010  -11.135 4.737   1.00 16.38 ? 1029 ILE A CG2 1 
ATOM   641  C  CD1 . ILE A 1 100 ? -3.209  -10.503 7.710   1.00 17.54 ? 1029 ILE A CD1 1 
ATOM   642  N  N   . LEU A 1 101 ? -6.848  -10.919 3.189   1.00 15.19 ? 1030 LEU A N   1 
ATOM   643  C  CA  . LEU A 1 101 ? -7.195  -11.614 1.946   1.00 16.67 ? 1030 LEU A CA  1 
ATOM   644  C  C   . LEU A 1 101 ? -5.998  -12.117 1.168   1.00 18.22 ? 1030 LEU A C   1 
ATOM   645  O  O   . LEU A 1 101 ? -6.157  -12.998 0.327   1.00 20.79 ? 1030 LEU A O   1 
ATOM   646  C  CB  . LEU A 1 101 ? -8.039  -10.707 1.063   1.00 17.27 ? 1030 LEU A CB  1 
ATOM   647  C  CG  . LEU A 1 101 ? -9.309  -10.275 1.770   1.00 19.54 ? 1030 LEU A CG  1 
ATOM   648  C  CD1 . LEU A 1 101 ? -9.999  -9.214  0.923   1.00 19.55 ? 1030 LEU A CD1 1 
ATOM   649  C  CD2 . LEU A 1 101 ? -10.215 -11.496 1.910   1.00 21.56 ? 1030 LEU A CD2 1 
ATOM   650  N  N   . GLY A 1 102 ? -4.803  -11.598 1.386   1.00 17.92 ? 1031 GLY A N   1 
ATOM   651  C  CA  . GLY A 1 102 ? -3.604  -12.028 0.689   1.00 16.98 ? 1031 GLY A CA  1 
ATOM   652  C  C   . GLY A 1 102 ? -2.524  -10.980 0.875   1.00 16.83 ? 1031 GLY A C   1 
ATOM   653  O  O   . GLY A 1 102 ? -2.791  -9.932  1.458   1.00 17.65 ? 1031 GLY A O   1 
ATOM   654  N  N   . LYS A 1 103 ? -1.306  -11.276 0.422   1.00 17.55 ? 1032 LYS A N   1 
ATOM   655  C  CA  . LYS A 1 103 ? -0.204  -10.308 0.480   1.00 17.91 ? 1032 LYS A CA  1 
ATOM   656  C  C   . LYS A 1 103 ? -0.045  -9.477  -0.799  1.00 15.94 ? 1032 LYS A C   1 
ATOM   657  O  O   . LYS A 1 103 ? -0.485  -9.852  -1.906  1.00 17.45 ? 1032 LYS A O   1 
ATOM   658  C  CB  . LYS A 1 103 ? 1.123   -11.067 0.761   1.00 17.55 ? 1032 LYS A CB  1 
ATOM   659  C  CG  . LYS A 1 103 ? 1.274   -11.624 2.178   1.00 20.88 ? 1032 LYS A CG  1 
ATOM   660  C  CD  . LYS A 1 103 ? 2.620   -12.289 2.305   1.00 23.99 ? 1032 LYS A CD  1 
ATOM   661  C  CE  . LYS A 1 103 ? 2.841   -12.853 3.660   1.00 28.92 ? 1032 LYS A CE  1 
ATOM   662  N  NZ  . LYS A 1 103 ? 3.819   -13.975 3.685   1.00 33.18 ? 1032 LYS A NZ  1 
ATOM   663  N  N   . CYS A 1 104 ? 0.626   -8.345  -0.664  1.00 16.55 ? 1033 CYS A N   1 
ATOM   664  C  CA  . CYS A 1 104 ? 0.983   -7.505  -1.797  1.00 16.19 ? 1033 CYS A CA  1 
ATOM   665  C  C   . CYS A 1 104 ? 2.260   -6.792  -1.430  1.00 16.17 ? 1033 CYS A C   1 
ATOM   666  O  O   . CYS A 1 104 ? 2.816   -7.057  -0.385  1.00 15.37 ? 1033 CYS A O   1 
ATOM   667  C  CB  . CYS A 1 104 ? -0.152  -6.515  -2.183  1.00 17.00 ? 1033 CYS A CB  1 
ATOM   668  S  SG  . CYS A 1 104 ? -0.682  -5.469  -0.795  1.00 19.14 ? 1033 CYS A SG  1 
ATOM   669  N  N   . VAL A 1 105 ? 2.731   -5.871  -2.278  1.00 15.39 ? 1034 VAL A N   1 
ATOM   670  C  CA  . VAL A 1 105 ? 3.951   -5.125  -1.982  1.00 15.61 ? 1034 VAL A CA  1 
ATOM   671  C  C   . VAL A 1 105 ? 3.717   -3.702  -2.408  1.00 16.18 ? 1034 VAL A C   1 
ATOM   672  O  O   . VAL A 1 105 ? 3.175   -3.473  -3.506  1.00 16.37 ? 1034 VAL A O   1 
ATOM   673  C  CB  . VAL A 1 105 ? 5.157   -5.687  -2.776  1.00 15.87 ? 1034 VAL A CB  1 
ATOM   674  C  CG1 . VAL A 1 105 ? 6.386   -4.815  -2.505  1.00 18.88 ? 1034 VAL A CG1 1 
ATOM   675  C  CG2 . VAL A 1 105 ? 5.456   -7.153  -2.323  1.00 18.52 ? 1034 VAL A CG2 1 
ATOM   676  N  N   . VAL A 1 106 ? 4.064   -2.742  -1.567  1.00 15.74 ? 1035 VAL A N   1 
ATOM   677  C  CA  . VAL A 1 106 ? 4.178   -1.354  -2.005  1.00 15.83 ? 1035 VAL A CA  1 
ATOM   678  C  C   . VAL A 1 106 ? 5.644   -0.952  -2.049  1.00 15.13 ? 1035 VAL A C   1 
ATOM   679  O  O   . VAL A 1 106 ? 6.419   -1.245  -1.125  1.00 16.18 ? 1035 VAL A O   1 
ATOM   680  C  CB  . VAL A 1 106 ? 3.504   -0.397  -1.004  1.00 14.98 ? 1035 VAL A CB  1 
ATOM   681  C  CG1 . VAL A 1 106 ? 3.637   1.054   -1.438  1.00 15.45 ? 1035 VAL A CG1 1 
ATOM   682  C  CG2 . VAL A 1 106 ? 1.976   -0.764  -0.834  1.00 18.27 ? 1035 VAL A CG2 1 
ATOM   683  N  N   . MET A 1 107 ? 6.077   -0.464  -3.208  1.00 15.16 ? 1036 MET A N   1 
ATOM   684  C  CA  . MET A 1 107 ? 7.471   -0.035  -3.399  1.00 15.20 ? 1036 MET A CA  1 
ATOM   685  C  C   . MET A 1 107 ? 7.617   1.481   -3.410  1.00 15.39 ? 1036 MET A C   1 
ATOM   686  O  O   . MET A 1 107 ? 6.747   2.204   -3.967  1.00 15.85 ? 1036 MET A O   1 
ATOM   687  C  CB  . MET A 1 107 ? 7.974   -0.557  -4.746  1.00 15.18 ? 1036 MET A CB  1 
ATOM   688  C  CG  . MET A 1 107 ? 8.129   -2.136  -4.824  1.00 15.96 ? 1036 MET A CG  1 
ATOM   689  S  SD  . MET A 1 107 ? 8.849   -2.691  -6.378  1.00 16.27 ? 1036 MET A SD  1 
ATOM   690  C  CE  . MET A 1 107 ? 10.443  -2.101  -6.073  1.00 14.21 ? 1036 MET A CE  1 
ATOM   691  N  N   . PHE A 1 108 ? 8.702   2.001   -2.844  1.00 17.26 ? 1037 PHE A N   1 
ATOM   692  C  CA  . PHE A 1 108 ? 8.999   3.425   -2.987  1.00 16.26 ? 1037 PHE A CA  1 
ATOM   693  C  C   . PHE A 1 108 ? 9.317   3.699   -4.444  1.00 16.98 ? 1037 PHE A C   1 
ATOM   694  O  O   . PHE A 1 108 ? 9.906   2.890   -5.126  1.00 17.54 ? 1037 PHE A O   1 
ATOM   695  C  CB  . PHE A 1 108 ? 10.211  3.765   -2.075  1.00 15.70 ? 1037 PHE A CB  1 
ATOM   696  C  CG  . PHE A 1 108 ? 10.581  5.232   -2.008  1.00 18.98 ? 1037 PHE A CG  1 
ATOM   697  C  CD1 . PHE A 1 108 ? 9.616   6.223   -1.920  1.00 19.85 ? 1037 PHE A CD1 1 
ATOM   698  C  CD2 . PHE A 1 108 ? 11.915  5.607   -1.899  1.00 21.27 ? 1037 PHE A CD2 1 
ATOM   699  C  CE1 . PHE A 1 108 ? 9.966   7.561   -1.796  1.00 19.65 ? 1037 PHE A CE1 1 
ATOM   700  C  CE2 . PHE A 1 108 ? 12.270  6.950   -1.786  1.00 21.87 ? 1037 PHE A CE2 1 
ATOM   701  C  CZ  . PHE A 1 108 ? 11.296  7.918   -1.722  1.00 21.98 ? 1037 PHE A CZ  1 
ATOM   702  N  N   . VAL A 1 109 ? 8.855   4.839   -4.922  1.00 16.70 ? 1038 VAL A N   1 
ATOM   703  C  CA  . VAL A 1 109 ? 8.985   5.229   -6.310  1.00 17.87 ? 1038 VAL A CA  1 
ATOM   704  C  C   . VAL A 1 109 ? 10.411  5.194   -6.846  1.00 17.24 ? 1038 VAL A C   1 
ATOM   705  O  O   . VAL A 1 109 ? 10.627  4.938   -8.038  1.00 18.44 ? 1038 VAL A O   1 
ATOM   706  C  CB  . VAL A 1 109 ? 8.300   6.592   -6.503  1.00 16.76 ? 1038 VAL A CB  1 
ATOM   707  C  CG1 . VAL A 1 109 ? 9.124   7.732   -5.870  1.00 18.14 ? 1038 VAL A CG1 1 
ATOM   708  C  CG2 . VAL A 1 109 ? 7.990   6.853   -7.974  1.00 20.97 ? 1038 VAL A CG2 1 
ATOM   709  N  N   . LYS A 1 110 ? 11.372  5.371   -5.946  1.00 18.82 ? 1039 LYS A N   1 
ATOM   710  C  CA  . LYS A 1 110 ? 12.775  5.495   -6.321  1.00 20.89 ? 1039 LYS A CA  1 
ATOM   711  C  C   . LYS A 1 110 ? 13.307  4.123   -6.680  1.00 20.29 ? 1039 LYS A C   1 
ATOM   712  O  O   . LYS A 1 110 ? 14.348  3.989   -7.273  1.00 21.03 ? 1039 LYS A O   1 
ATOM   713  C  CB  . LYS A 1 110 ? 13.577  6.108   -5.156  1.00 22.04 ? 1039 LYS A CB  1 
ATOM   714  C  CG  . LYS A 1 110 ? 13.496  7.655   -5.149  1.00 28.18 ? 1039 LYS A CG  1 
ATOM   715  C  CD  . LYS A 1 110 ? 14.893  8.319   -5.309  1.00 34.75 ? 1039 LYS A CD  1 
ATOM   716  C  CE  . LYS A 1 110 ? 14.917  9.770   -4.787  1.00 39.25 ? 1039 LYS A CE  1 
ATOM   717  N  NZ  . LYS A 1 110 ? 14.320  9.874   -3.401  1.00 41.12 ? 1039 LYS A NZ  1 
ATOM   718  N  N   . GLU A 1 111 ? 12.568  3.087   -6.297  1.00 19.59 ? 1040 GLU A N   1 
ATOM   719  C  CA  . GLU A 1 111 ? 12.974  1.727   -6.606  1.00 19.58 ? 1040 GLU A CA  1 
ATOM   720  C  C   . GLU A 1 111 ? 12.060  1.004   -7.574  1.00 18.14 ? 1040 GLU A C   1 
ATOM   721  O  O   . GLU A 1 111 ? 12.425  0.040   -8.195  1.00 15.21 ? 1040 GLU A O   1 
ATOM   722  C  CB  . GLU A 1 111 ? 12.966  0.926   -5.317  1.00 22.04 ? 1040 GLU A CB  1 
ATOM   723  C  CG  . GLU A 1 111 ? 14.263  0.932   -4.576  1.00 26.84 ? 1040 GLU A CG  1 
ATOM   724  C  CD  . GLU A 1 111 ? 14.439  2.166   -3.714  1.00 31.45 ? 1040 GLU A CD  1 
ATOM   725  O  OE1 . GLU A 1 111 ? 13.547  2.445   -2.885  1.00 32.24 ? 1040 GLU A OE1 1 
ATOM   726  O  OE2 . GLU A 1 111 ? 15.480  2.852   -3.868  1.00 34.36 ? 1040 GLU A OE2 1 
ATOM   727  N  N   . TYR A 1 112 ? 10.800  1.415   -7.600  1.00 16.83 ? 1041 TYR A N   1 
ATOM   728  C  CA  . TYR A 1 112 ? 9.776   0.683   -8.351  1.00 15.58 ? 1041 TYR A CA  1 
ATOM   729  C  C   . TYR A 1 112 ? 10.030  0.480   -9.798  1.00 16.43 ? 1041 TYR A C   1 
ATOM   730  O  O   . TYR A 1 112 ? 9.689   -0.578  -10.336 1.00 16.58 ? 1041 TYR A O   1 
ATOM   731  C  CB  . TYR A 1 112 ? 8.492   1.509   -8.248  1.00 15.44 ? 1041 TYR A CB  1 
ATOM   732  C  CG  . TYR A 1 112 ? 7.304   0.999   -9.022  1.00 15.23 ? 1041 TYR A CG  1 
ATOM   733  C  CD1 . TYR A 1 112 ? 6.596   -0.128  -8.567  1.00 15.69 ? 1041 TYR A CD1 1 
ATOM   734  C  CD2 . TYR A 1 112 ? 6.857   1.653   -10.169 1.00 15.80 ? 1041 TYR A CD2 1 
ATOM   735  C  CE1 . TYR A 1 112 ? 5.470   -0.565  -9.232  1.00 14.99 ? 1041 TYR A CE1 1 
ATOM   736  C  CE2 . TYR A 1 112 ? 5.740   1.210   -10.825 1.00 17.43 ? 1041 TYR A CE2 1 
ATOM   737  C  CZ  . TYR A 1 112 ? 5.049   0.129   -10.363 1.00 16.32 ? 1041 TYR A CZ  1 
ATOM   738  O  OH  . TYR A 1 112 ? 3.895   -0.263  -11.038 1.00 18.16 ? 1041 TYR A OH  1 
ATOM   739  N  N   . PHE A 1 113 ? 10.600  1.483   -10.462 1.00 15.92 ? 1042 PHE A N   1 
ATOM   740  C  CA  . PHE A 1 113 ? 10.887  1.355   -11.878 1.00 16.64 ? 1042 PHE A CA  1 
ATOM   741  C  C   . PHE A 1 113 ? 12.126  0.495   -12.207 1.00 18.49 ? 1042 PHE A C   1 
ATOM   742  O  O   . PHE A 1 113 ? 12.193  -0.025  -13.306 1.00 20.32 ? 1042 PHE A O   1 
ATOM   743  C  CB  . PHE A 1 113 ? 10.962  2.741   -12.549 1.00 15.77 ? 1042 PHE A CB  1 
ATOM   744  C  CG  . PHE A 1 113 ? 9.705   3.522   -12.405 1.00 16.02 ? 1042 PHE A CG  1 
ATOM   745  C  CD1 . PHE A 1 113 ? 8.608   3.240   -13.225 1.00 17.60 ? 1042 PHE A CD1 1 
ATOM   746  C  CD2 . PHE A 1 113 ? 9.580   4.458   -11.415 1.00 16.89 ? 1042 PHE A CD2 1 
ATOM   747  C  CE1 . PHE A 1 113 ? 7.421   3.889   -13.078 1.00 19.74 ? 1042 PHE A CE1 1 
ATOM   748  C  CE2 . PHE A 1 113 ? 8.369   5.149   -11.270 1.00 19.11 ? 1042 PHE A CE2 1 
ATOM   749  C  CZ  . PHE A 1 113 ? 7.297   4.855   -12.126 1.00 15.37 ? 1042 PHE A CZ  1 
ATOM   750  N  N   . LYS A 1 114 ? 13.073  0.349   -11.270 1.00 17.44 ? 1043 LYS A N   1 
ATOM   751  C  CA  . LYS A 1 114 ? 14.301  -0.404  -11.555 1.00 19.56 ? 1043 LYS A CA  1 
ATOM   752  C  C   . LYS A 1 114 ? 14.298  -1.813  -10.959 1.00 17.54 ? 1043 LYS A C   1 
ATOM   753  O  O   . LYS A 1 114 ? 15.060  -2.654  -11.405 1.00 16.69 ? 1043 LYS A O   1 
ATOM   754  C  CB  . LYS A 1 114 ? 15.569  0.359   -11.109 1.00 20.77 ? 1043 LYS A CB  1 
ATOM   755  C  CG  . LYS A 1 114 ? 15.484  1.900   -11.219 1.00 26.20 ? 1043 LYS A CG  1 
ATOM   756  C  CD  . LYS A 1 114 ? 16.804  2.546   -10.708 1.00 33.08 ? 1043 LYS A CD  1 
ATOM   757  C  CE  . LYS A 1 114 ? 17.117  3.866   -11.441 1.00 32.72 ? 1043 LYS A CE  1 
ATOM   758  N  NZ  . LYS A 1 114 ? 18.501  3.883   -12.015 1.00 35.61 ? 1043 LYS A NZ  1 
ATOM   759  N  N   . LEU A 1 115 ? 13.485  -2.076  -9.938  1.00 16.95 ? 1044 LEU A N   1 
ATOM   760  C  CA  . LEU A 1 115 ? 13.487  -3.381  -9.255  1.00 17.60 ? 1044 LEU A CA  1 
ATOM   761  C  C   . LEU A 1 115 ? 12.014  -3.937  -9.174  1.00 16.91 ? 1044 LEU A C   1 
ATOM   762  O  O   . LEU A 1 115 ? 11.036  -3.187  -9.270  1.00 17.34 ? 1044 LEU A O   1 
ATOM   763  C  CB  . LEU A 1 115 ? 13.985  -3.195  -7.792  1.00 18.04 ? 1044 LEU A CB  1 
ATOM   764  C  CG  . LEU A 1 115 ? 15.426  -2.717  -7.549  1.00 16.47 ? 1044 LEU A CG  1 
ATOM   765  C  CD1 . LEU A 1 115 ? 15.563  -2.283  -6.090  1.00 19.84 ? 1044 LEU A CD1 1 
ATOM   766  C  CD2 . LEU A 1 115 ? 16.461  -3.783  -7.883  1.00 22.45 ? 1044 LEU A CD2 1 
ATOM   767  N  N   . CYS A 1 116 ? 11.860  -5.259  -9.009  1.00 18.76 ? 1045 CYS A N   1 
ATOM   768  C  CA  . CYS A 1 116 ? 10.494  -5.837  -8.795  1.00 19.01 ? 1045 CYS A CA  1 
ATOM   769  C  C   . CYS A 1 116 ? 10.685  -6.986  -7.703  1.00 18.06 ? 1045 CYS A C   1 
ATOM   770  O  O   . CYS A 1 116 ? 11.781  -7.546  -7.579  1.00 15.14 ? 1045 CYS A O   1 
ATOM   771  C  CB  . CYS A 1 116 ? 9.861   -6.434  -10.052 1.00 30.01 ? 1045 CYS A CB  1 
ATOM   772  S  SG  . CYS A 1 116 ? 11.061  -7.445  -10.695 1.00 33.22 ? 1045 CYS A SG  1 
ATOM   773  N  N   . PRO A 1 117 ? 9.635   -7.306  -6.988  1.00 15.34 ? 1046 PRO A N   1 
ATOM   774  C  CA  . PRO A 1 117 ? 9.633   -8.301  -5.879  1.00 15.89 ? 1046 PRO A CA  1 
ATOM   775  C  C   . PRO A 1 117 ? 9.399   -9.737  -6.373  1.00 16.68 ? 1046 PRO A C   1 
ATOM   776  O  O   . PRO A 1 117 ? 8.470   -9.994  -7.144  1.00 17.42 ? 1046 PRO A O   1 
ATOM   777  C  CB  . PRO A 1 117 ? 8.484   -7.853  -4.985  1.00 16.39 ? 1046 PRO A CB  1 
ATOM   778  C  CG  . PRO A 1 117 ? 7.476   -7.266  -6.083  1.00 16.84 ? 1046 PRO A CG  1 
ATOM   779  C  CD  . PRO A 1 117 ? 8.326   -6.586  -7.097  1.00 16.63 ? 1046 PRO A CD  1 
ATOM   780  N  N   . GLU A 1 118 ? 10.304  -10.654 -6.054  1.00 14.40 ? 1047 GLU A N   1 
ATOM   781  C  CA  . GLU A 1 118 ? 10.092  -12.030 -6.404  1.00 16.22 ? 1047 GLU A CA  1 
ATOM   782  C  C   . GLU A 1 118 ? 8.813   -12.581 -5.809  1.00 14.70 ? 1047 GLU A C   1 
ATOM   783  O  O   . GLU A 1 118 ? 8.504   -12.339 -4.665  1.00 15.80 ? 1047 GLU A O   1 
ATOM   784  C  CB  . GLU A 1 118 ? 11.247  -12.833 -5.865  1.00 15.27 ? 1047 GLU A CB  1 
ATOM   785  C  CG  . GLU A 1 118 ? 12.572  -12.555 -6.555  1.00 20.42 ? 1047 GLU A CG  1 
ATOM   786  C  CD  . GLU A 1 118 ? 13.617  -13.579 -6.201  1.00 25.31 ? 1047 GLU A CD  1 
ATOM   787  O  OE1 . GLU A 1 118 ? 13.417  -14.316 -5.163  1.00 25.70 ? 1047 GLU A OE1 1 
ATOM   788  O  OE2 . GLU A 1 118 ? 14.611  -13.663 -6.988  1.00 25.29 ? 1047 GLU A OE2 1 
ATOM   789  N  N   . ASN A 1 119 ? 8.121   -13.384 -6.604  1.00 17.54 ? 1048 ASN A N   1 
ATOM   790  C  CA  . ASN A 1 119 ? 6.962   -14.150 -6.181  1.00 18.43 ? 1048 ASN A CA  1 
ATOM   791  C  C   . ASN A 1 119 ? 5.712   -13.349 -6.028  1.00 18.49 ? 1048 ASN A C   1 
ATOM   792  O  O   . ASN A 1 119 ? 4.803   -13.762 -5.312  1.00 19.52 ? 1048 ASN A O   1 
ATOM   793  C  CB  . ASN A 1 119 ? 7.239   -15.044 -4.936  1.00 21.45 ? 1048 ASN A CB  1 
ATOM   794  C  CG  . ASN A 1 119 ? 8.002   -16.342 -5.281  1.00 19.51 ? 1048 ASN A CG  1 
ATOM   795  O  OD1 . ASN A 1 119 ? 8.138   -16.761 -6.441  1.00 27.70 ? 1048 ASN A OD1 1 
ATOM   796  N  ND2 . ASN A 1 119 ? 8.524   -16.979 -4.253  1.00 29.61 ? 1048 ASN A ND2 1 
ATOM   797  N  N   . PHE A 1 120 ? 5.682   -12.152 -6.622  1.00 15.14 ? 1049 PHE A N   1 
ATOM   798  C  CA  . PHE A 1 120 ? 4.446   -11.326 -6.619  1.00 15.86 ? 1049 PHE A CA  1 
ATOM   799  C  C   . PHE A 1 120 ? 4.020   -11.047 -8.017  1.00 16.72 ? 1049 PHE A C   1 
ATOM   800  O  O   . PHE A 1 120 ? 4.877   -10.743 -8.830  1.00 16.61 ? 1049 PHE A O   1 
ATOM   801  C  CB  . PHE A 1 120 ? 4.656   -10.012 -5.900  1.00 15.44 ? 1049 PHE A CB  1 
ATOM   802  C  CG  . PHE A 1 120 ? 4.662   -10.162 -4.400  1.00 17.47 ? 1049 PHE A CG  1 
ATOM   803  C  CD1 . PHE A 1 120 ? 3.508   -9.979  -3.648  1.00 16.91 ? 1049 PHE A CD1 1 
ATOM   804  C  CD2 . PHE A 1 120 ? 5.803   -10.594 -3.740  1.00 18.32 ? 1049 PHE A CD2 1 
ATOM   805  C  CE1 . PHE A 1 120 ? 3.508   -10.119 -2.253  1.00 20.87 ? 1049 PHE A CE1 1 
ATOM   806  C  CE2 . PHE A 1 120 ? 5.802   -10.752 -2.325  1.00 20.06 ? 1049 PHE A CE2 1 
ATOM   807  C  CZ  . PHE A 1 120 ? 4.664   -10.507 -1.589  1.00 19.91 ? 1049 PHE A CZ  1 
ATOM   808  N  N   . ARG A 1 121 ? 2.713   -11.171 -8.284  1.00 16.25 ? 1050 ARG A N   1 
ATOM   809  C  CA  . ARG A 1 121 ? 2.185   -10.765 -9.593  1.00 17.46 ? 1050 ARG A CA  1 
ATOM   810  C  C   . ARG A 1 121 ? 2.122   -9.237  -9.645  1.00 15.48 ? 1050 ARG A C   1 
ATOM   811  O  O   . ARG A 1 121 ? 1.898   -8.601  -8.612  1.00 15.06 ? 1050 ARG A O   1 
ATOM   812  C  CB  . ARG A 1 121 ? 0.802   -11.396 -9.865  1.00 19.15 ? 1050 ARG A CB  1 
ATOM   813  C  CG  . ARG A 1 121 ? 0.814   -12.917 -9.861  1.00 22.08 ? 1050 ARG A CG  1 
ATOM   814  C  CD  . ARG A 1 121 ? -0.556  -13.636 -9.962  1.00 29.35 ? 1050 ARG A CD  1 
ATOM   815  N  NE  . ARG A 1 121 ? -1.326  -13.236 -11.140 1.00 33.19 ? 1050 ARG A NE  1 
ATOM   816  C  CZ  . ARG A 1 121 ? -1.307  -13.857 -12.316 1.00 35.70 ? 1050 ARG A CZ  1 
ATOM   817  N  NH1 . ARG A 1 121 ? -0.545  -14.930 -12.514 1.00 37.04 ? 1050 ARG A NH1 1 
ATOM   818  N  NH2 . ARG A 1 121 ? -2.049  -13.389 -13.317 1.00 36.71 ? 1050 ARG A NH2 1 
ATOM   819  N  N   . ASP A 1 122 ? 2.345   -8.661  -10.852 1.00 17.57 ? 1051 ASP A N   1 
ATOM   820  C  CA  . ASP A 1 122 ? 2.449   -7.203  -11.015 1.00 17.32 ? 1051 ASP A CA  1 
ATOM   821  C  C   . ASP A 1 122 ? 1.198   -6.472  -10.510 1.00 16.69 ? 1051 ASP A C   1 
ATOM   822  O  O   . ASP A 1 122 ? 1.279   -5.364  -9.969  1.00 16.50 ? 1051 ASP A O   1 
ATOM   823  C  CB  . ASP A 1 122 ? 2.670   -6.820  -12.496 1.00 16.81 ? 1051 ASP A CB  1 
ATOM   824  C  CG  . ASP A 1 122 ? 4.093   -7.065  -12.994 1.00 25.85 ? 1051 ASP A CG  1 
ATOM   825  O  OD1 . ASP A 1 122 ? 4.978   -7.520  -12.242 1.00 30.92 ? 1051 ASP A OD1 1 
ATOM   826  O  OD2 . ASP A 1 122 ? 4.410   -6.869  -14.188 1.00 28.13 ? 1051 ASP A OD2 1 
ATOM   827  N  N   . GLU A 1 123 ? 0.046   -7.127  -10.664 1.00 17.02 ? 1052 GLU A N   1 
ATOM   828  C  CA  . GLU A 1 123 ? -1.209  -6.603  -10.117 1.00 17.24 ? 1052 GLU A CA  1 
ATOM   829  C  C   . GLU A 1 123 ? -1.219  -6.365  -8.611  1.00 16.53 ? 1052 GLU A C   1 
ATOM   830  O  O   . GLU A 1 123 ? -2.071  -5.639  -8.126  1.00 17.12 ? 1052 GLU A O   1 
ATOM   831  C  CB  . GLU A 1 123 ? -2.379  -7.519  -10.472 1.00 17.83 ? 1052 GLU A CB  1 
ATOM   832  C  CG  . GLU A 1 123 ? -2.347  -8.904  -9.892  1.00 22.56 ? 1052 GLU A CG  1 
ATOM   833  C  CD  . GLU A 1 123 ? -3.420  -9.784  -10.495 1.00 30.95 ? 1052 GLU A CD  1 
ATOM   834  O  OE1 . GLU A 1 123 ? -4.404  -9.229  -11.066 1.00 34.42 ? 1052 GLU A OE1 1 
ATOM   835  O  OE2 . GLU A 1 123 ? -3.275  -11.020 -10.414 1.00 33.66 ? 1052 GLU A OE2 1 
ATOM   836  N  N   . ASP A 1 124 ? -0.302  -7.022  -7.916  1.00 14.83 ? 1053 ASP A N   1 
ATOM   837  C  CA  . ASP A 1 124 ? -0.204  -6.929  -6.448  1.00 14.18 ? 1053 ASP A CA  1 
ATOM   838  C  C   . ASP A 1 124 ? 1.012   -6.123  -6.058  1.00 14.36 ? 1053 ASP A C   1 
ATOM   839  O  O   . ASP A 1 124 ? 1.384   -6.126  -4.897  1.00 15.48 ? 1053 ASP A O   1 
ATOM   840  C  CB  . ASP A 1 124 ? -0.168  -8.319  -5.792  1.00 16.88 ? 1053 ASP A CB  1 
ATOM   841  C  CG  . ASP A 1 124 ? -1.396  -9.119  -6.086  1.00 17.60 ? 1053 ASP A CG  1 
ATOM   842  O  OD1 . ASP A 1 124 ? -2.515  -8.551  -6.095  1.00 19.06 ? 1053 ASP A OD1 1 
ATOM   843  O  OD2 . ASP A 1 124 ? -1.311  -10.327 -6.405  1.00 22.30 ? 1053 ASP A OD2 1 
ATOM   844  N  N   . VAL A 1 125 ? 1.578   -5.377  -6.998  1.00 14.67 ? 1054 VAL A N   1 
ATOM   845  C  CA  . VAL A 1 125 ? 2.742   -4.496  -6.721  1.00 14.74 ? 1054 VAL A CA  1 
ATOM   846  C  C   . VAL A 1 125 ? 2.373   -3.061  -7.020  1.00 15.23 ? 1054 VAL A C   1 
ATOM   847  O  O   . VAL A 1 125 ? 2.017   -2.711  -8.164  1.00 16.23 ? 1054 VAL A O   1 
ATOM   848  C  CB  . VAL A 1 125 ? 4.028   -4.894  -7.561  1.00 14.63 ? 1054 VAL A CB  1 
ATOM   849  C  CG1 . VAL A 1 125 ? 5.224   -4.005  -7.136  1.00 17.40 ? 1054 VAL A CG1 1 
ATOM   850  C  CG2 . VAL A 1 125 ? 4.337   -6.366  -7.333  1.00 15.44 ? 1054 VAL A CG2 1 
ATOM   851  N  N   . TYR A 1 126 ? 2.435   -2.241  -5.993  1.00 15.30 ? 1055 TYR A N   1 
ATOM   852  C  CA  . TYR A 1 126 ? 2.024   -0.851  -6.064  1.00 14.57 ? 1055 TYR A CA  1 
ATOM   853  C  C   . TYR A 1 126 ? 3.221   0.072   -5.902  1.00 16.37 ? 1055 TYR A C   1 
ATOM   854  O  O   . TYR A 1 126 ? 4.284   -0.342  -5.455  1.00 16.20 ? 1055 TYR A O   1 
ATOM   855  C  CB  . TYR A 1 126 ? 0.980   -0.593  -4.943  1.00 16.06 ? 1055 TYR A CB  1 
ATOM   856  C  CG  . TYR A 1 126 ? -0.262  -1.449  -5.119  1.00 15.49 ? 1055 TYR A CG  1 
ATOM   857  C  CD1 . TYR A 1 126 ? -1.342  -0.993  -5.918  1.00 15.89 ? 1055 TYR A CD1 1 
ATOM   858  C  CD2 . TYR A 1 126 ? -0.342  -2.710  -4.547  1.00 16.71 ? 1055 TYR A CD2 1 
ATOM   859  C  CE1 . TYR A 1 126 ? -2.466  -1.782  -6.111  1.00 14.06 ? 1055 TYR A CE1 1 
ATOM   860  C  CE2 . TYR A 1 126 ? -1.437  -3.515  -4.757  1.00 15.86 ? 1055 TYR A CE2 1 
ATOM   861  C  CZ  . TYR A 1 126 ? -2.512  -3.019  -5.525  1.00 16.77 ? 1055 TYR A CZ  1 
ATOM   862  O  OH  . TYR A 1 126 ? -3.582  -3.852  -5.722  1.00 17.82 ? 1055 TYR A OH  1 
ATOM   863  N  N   . VAL A 1 127 ? 3.063   1.342   -6.259  1.00 14.19 ? 1056 VAL A N   1 
ATOM   864  C  CA  . VAL A 1 127 ? 4.153   2.320   -6.182  1.00 15.55 ? 1056 VAL A CA  1 
ATOM   865  C  C   . VAL A 1 127 ? 3.715   3.496   -5.321  1.00 14.75 ? 1056 VAL A C   1 
ATOM   866  O  O   . VAL A 1 127 ? 2.580   3.999   -5.499  1.00 15.30 ? 1056 VAL A O   1 
ATOM   867  C  CB  . VAL A 1 127 ? 4.551   2.804   -7.583  1.00 14.68 ? 1056 VAL A CB  1 
ATOM   868  C  CG1 . VAL A 1 127 ? 3.361   3.422   -8.365  1.00 14.97 ? 1056 VAL A CG1 1 
ATOM   869  C  CG2 . VAL A 1 127 ? 5.754   3.781   -7.551  1.00 16.57 ? 1056 VAL A CG2 1 
ATOM   870  N  N   . CYS A 1 128 ? 4.600   3.943   -4.425  1.00 16.60 ? 1057 CYS A N   1 
ATOM   871  C  CA  . CYS A 1 128 ? 4.266   5.082   -3.572  1.00 15.07 ? 1057 CYS A CA  1 
ATOM   872  C  C   . CYS A 1 128 ? 5.310   6.192   -3.635  1.00 15.42 ? 1057 CYS A C   1 
ATOM   873  O  O   . CYS A 1 128 ? 6.503   5.965   -3.427  1.00 15.87 ? 1057 CYS A O   1 
ATOM   874  C  CB  . CYS A 1 128 ? 4.096   4.560   -2.129  1.00 15.59 ? 1057 CYS A CB  1 
ATOM   875  S  SG  . CYS A 1 128 ? 3.779   5.901   -0.961  1.00 17.07 ? 1057 CYS A SG  1 
ATOM   876  N  N   . GLU A 1 129 ? 4.851   7.385   -3.982  1.00 16.65 ? 1058 GLU A N   1 
ATOM   877  C  CA  . GLU A 1 129 ? 5.706   8.570   -4.085  1.00 17.69 ? 1058 GLU A CA  1 
ATOM   878  C  C   . GLU A 1 129 ? 5.406   9.600   -2.992  1.00 16.61 ? 1058 GLU A C   1 
ATOM   879  O  O   . GLU A 1 129 ? 6.312   10.324  -2.544  1.00 17.95 ? 1058 GLU A O   1 
ATOM   880  C  CB  . GLU A 1 129 ? 5.489   9.187   -5.472  1.00 19.46 ? 1058 GLU A CB  1 
ATOM   881  C  CG  . GLU A 1 129 ? 6.138   10.523  -5.718  1.00 23.53 ? 1058 GLU A CG  1 
ATOM   882  C  CD  . GLU A 1 129 ? 6.143   10.871  -7.196  1.00 28.95 ? 1058 GLU A CD  1 
ATOM   883  O  OE1 . GLU A 1 129 ? 5.152   10.569  -7.928  1.00 33.03 ? 1058 GLU A OE1 1 
ATOM   884  O  OE2 . GLU A 1 129 ? 7.157   11.455  -7.631  1.00 35.07 ? 1058 GLU A OE2 1 
ATOM   885  N  N   . SER A 1 130 ? 4.136   9.636   -2.549  1.00 16.20 ? 1059 SER A N   1 
ATOM   886  C  CA  . SER A 1 130 ? 3.628   10.682  -1.674  1.00 16.19 ? 1059 SER A CA  1 
ATOM   887  C  C   . SER A 1 130 ? 2.889   10.157  -0.494  1.00 15.57 ? 1059 SER A C   1 
ATOM   888  O  O   . SER A 1 130 ? 2.315   9.040   -0.559  1.00 16.32 ? 1059 SER A O   1 
ATOM   889  C  CB  . SER A 1 130 ? 2.670   11.570  -2.445  1.00 16.51 ? 1059 SER A CB  1 
ATOM   890  O  OG  . SER A 1 130 ? 3.446   12.270  -3.439  1.00 17.70 ? 1059 SER A OG  1 
ATOM   891  N  N   . ARG A 1 131 ? 2.890   10.958  0.579   1.00 17.00 ? 1060 ARG A N   1 
ATOM   892  C  CA  . ARG A 1 131 ? 1.968   10.733  1.692   1.00 16.08 ? 1060 ARG A CA  1 
ATOM   893  C  C   . ARG A 1 131 ? 0.682   11.482  1.413   1.00 15.36 ? 1060 ARG A C   1 
ATOM   894  O  O   . ARG A 1 131 ? 0.668   12.465  0.641   1.00 14.81 ? 1060 ARG A O   1 
ATOM   895  C  CB  . ARG A 1 131 ? 2.491   11.330  3.003   1.00 18.03 ? 1060 ARG A CB  1 
ATOM   896  C  CG  . ARG A 1 131 ? 3.821   10.911  3.417   1.00 22.73 ? 1060 ARG A CG  1 
ATOM   897  C  CD  . ARG A 1 131 ? 4.465   12.007  4.320   1.00 19.62 ? 1060 ARG A CD  1 
ATOM   898  N  NE  . ARG A 1 131 ? 5.778   11.584  4.796   1.00 24.83 ? 1060 ARG A NE  1 
ATOM   899  C  CZ  . ARG A 1 131 ? 6.021   10.526  5.609   1.00 25.97 ? 1060 ARG A CZ  1 
ATOM   900  N  NH1 . ARG A 1 131 ? 5.049   9.736   6.102   1.00 26.93 ? 1060 ARG A NH1 1 
ATOM   901  N  NH2 . ARG A 1 131 ? 7.291   10.270  5.941   1.00 26.52 ? 1060 ARG A NH2 1 
ATOM   902  N  N   . TYR A 1 132 ? -0.406  11.005  1.982   1.00 15.43 ? 1061 TYR A N   1 
ATOM   903  C  CA  . TYR A 1 132 ? -1.682  11.720  1.978   1.00 14.89 ? 1061 TYR A CA  1 
ATOM   904  C  C   . TYR A 1 132 ? -2.177  11.764  3.377   1.00 17.37 ? 1061 TYR A C   1 
ATOM   905  O  O   . TYR A 1 132 ? -2.154  10.733  4.079   1.00 17.60 ? 1061 TYR A O   1 
ATOM   906  C  CB  . TYR A 1 132 ? -2.693  10.954  1.126   1.00 15.68 ? 1061 TYR A CB  1 
ATOM   907  C  CG  . TYR A 1 132 ? -4.080  11.547  1.187   1.00 15.48 ? 1061 TYR A CG  1 
ATOM   908  C  CD1 . TYR A 1 132 ? -4.373  12.728  0.517   1.00 13.33 ? 1061 TYR A CD1 1 
ATOM   909  C  CD2 . TYR A 1 132 ? -5.109  10.886  1.873   1.00 16.09 ? 1061 TYR A CD2 1 
ATOM   910  C  CE1 . TYR A 1 132 ? -5.694  13.247  0.544   1.00 14.95 ? 1061 TYR A CE1 1 
ATOM   911  C  CE2 . TYR A 1 132 ? -6.428  11.386  1.888   1.00 14.25 ? 1061 TYR A CE2 1 
ATOM   912  C  CZ  . TYR A 1 132 ? -6.696  12.552  1.218   1.00 13.98 ? 1061 TYR A CZ  1 
ATOM   913  O  OH  . TYR A 1 132 ? -7.965  13.090  1.209   1.00 18.96 ? 1061 TYR A OH  1 
ATOM   914  N  N   . SER A 1 133 ? -2.607  12.932  3.832   1.00 15.87 ? 1062 SER A N   1 
ATOM   915  C  CA  . SER A 1 133 ? -3.284  13.029  5.112   1.00 16.69 ? 1062 SER A CA  1 
ATOM   916  C  C   . SER A 1 133 ? -4.783  13.056  4.902   1.00 16.89 ? 1062 SER A C   1 
ATOM   917  O  O   . SER A 1 133 ? -5.299  13.963  4.248   1.00 16.58 ? 1062 SER A O   1 
ATOM   918  C  CB  . SER A 1 133 ? -2.879  14.287  5.835   1.00 16.69 ? 1062 SER A CB  1 
ATOM   919  O  OG  . SER A 1 133 ? -3.714  14.463  6.994   1.00 17.11 ? 1062 SER A OG  1 
ATOM   920  N  N   . ALA A 1 134 ? -5.419  12.098  5.553   1.00 19.12 ? 1063 ALA A N   1 
ATOM   921  C  CA  . ALA A 1 134 ? -6.846  12.059  5.564   1.00 20.99 ? 1063 ALA A CA  1 
ATOM   922  C  C   . ALA A 1 134 ? -7.394  13.015  6.629   1.00 22.06 ? 1063 ALA A C   1 
ATOM   923  O  O   . ALA A 1 134 ? -8.595  13.257  6.677   1.00 23.76 ? 1063 ALA A O   1 
ATOM   924  C  CB  . ALA A 1 134 ? -7.296  10.591  5.785   1.00 21.42 ? 1063 ALA A CB  1 
ATOM   925  N  N   . LYS A 1 135 ? -6.512  13.627  7.444   1.00 20.57 ? 1064 LYS A N   1 
ATOM   926  C  CA  . LYS A 1 135 ? -6.915  14.645  8.392   1.00 21.60 ? 1064 LYS A CA  1 
ATOM   927  C  C   . LYS A 1 135 ? -7.071  15.985  7.737   1.00 20.49 ? 1064 LYS A C   1 
ATOM   928  O  O   . LYS A 1 135 ? -8.055  16.674  7.999   1.00 22.68 ? 1064 LYS A O   1 
ATOM   929  C  CB  . LYS A 1 135 ? -5.914  14.724  9.570   1.00 20.45 ? 1064 LYS A CB  1 
ATOM   930  C  CG  . LYS A 1 135 ? -5.853  13.476  10.500  1.00 22.59 ? 1064 LYS A CG  1 
ATOM   931  C  CD  . LYS A 1 135 ? -4.874  13.688  11.668  1.00 19.22 ? 1064 LYS A CD  1 
ATOM   932  C  CE  . LYS A 1 135 ? -4.647  12.419  12.522  1.00 20.34 ? 1064 LYS A CE  1 
ATOM   933  N  NZ  . LYS A 1 135 ? -3.688  12.761  13.635  1.00 21.38 ? 1064 LYS A NZ  1 
ATOM   934  N  N   . THR A 1 136 ? -6.126  16.363  6.866   1.00 19.66 ? 1065 THR A N   1 
ATOM   935  C  CA  . THR A 1 136 ? -6.108  17.639  6.182   1.00 18.81 ? 1065 THR A CA  1 
ATOM   936  C  C   . THR A 1 136 ? -6.354  17.619  4.668   1.00 18.57 ? 1065 THR A C   1 
ATOM   937  O  O   . THR A 1 136 ? -6.353  18.680  4.030   1.00 18.91 ? 1065 THR A O   1 
ATOM   938  C  CB  . THR A 1 136 ? -4.750  18.318  6.381   1.00 19.61 ? 1065 THR A CB  1 
ATOM   939  O  OG1 . THR A 1 136 ? -3.731  17.526  5.765   1.00 19.37 ? 1065 THR A OG1 1 
ATOM   940  C  CG2 . THR A 1 136 ? -4.384  18.401  7.883   1.00 21.44 ? 1065 THR A CG2 1 
ATOM   941  N  N   . LYS A 1 137 ? -6.535  16.418  4.106   1.00 17.83 ? 1066 LYS A N   1 
ATOM   942  C  CA  . LYS A 1 137 ? -6.780  16.264  2.656   1.00 18.50 ? 1066 LYS A CA  1 
ATOM   943  C  C   . LYS A 1 137 ? -5.645  16.916  1.829   1.00 19.62 ? 1066 LYS A C   1 
ATOM   944  O  O   . LYS A 1 137 ? -5.897  17.738  0.889   1.00 20.27 ? 1066 LYS A O   1 
ATOM   945  C  CB  . LYS A 1 137 ? -8.144  16.882  2.220   1.00 20.11 ? 1066 LYS A CB  1 
ATOM   946  C  CG  . LYS A 1 137 ? -9.383  16.343  2.862   1.00 22.81 ? 1066 LYS A CG  1 
ATOM   947  C  CD  . LYS A 1 137 ? -10.585 17.188  2.371   1.00 26.63 ? 1066 LYS A CD  1 
ATOM   948  C  CE  . LYS A 1 137 ? -11.809 16.856  3.135   1.00 30.26 ? 1066 LYS A CE  1 
ATOM   949  N  NZ  . LYS A 1 137 ? -13.012 17.555  2.528   1.00 34.39 ? 1066 LYS A NZ  1 
ATOM   950  N  N   . SER A 1 138 ? -4.416  16.599  2.201   1.00 17.99 ? 1067 SER A N   1 
ATOM   951  C  CA  . SER A 1 138 ? -3.195  17.135  1.606   1.00 19.14 ? 1067 SER A CA  1 
ATOM   952  C  C   . SER A 1 138 ? -2.177  16.096  1.275   1.00 17.34 ? 1067 SER A C   1 
ATOM   953  O  O   . SER A 1 138 ? -2.092  15.065  1.975   1.00 17.35 ? 1067 SER A O   1 
ATOM   954  C  CB  . SER A 1 138 ? -2.579  18.210  2.516   1.00 20.75 ? 1067 SER A CB  1 
ATOM   955  O  OG  . SER A 1 138 ? -2.154  17.591  3.688   1.00 25.63 ? 1067 SER A OG  1 
ATOM   956  N  N   . PHE A 1 139 ? -1.392  16.336  0.229   1.00 15.98 ? 1068 PHE A N   1 
ATOM   957  C  CA  . PHE A 1 139 ? -0.377  15.394  -0.239  1.00 15.80 ? 1068 PHE A CA  1 
ATOM   958  C  C   . PHE A 1 139 ? 1.004   15.986  0.015   1.00 16.06 ? 1068 PHE A C   1 
ATOM   959  O  O   . PHE A 1 139 ? 1.194   17.217  -0.043  1.00 17.46 ? 1068 PHE A O   1 
ATOM   960  C  CB  . PHE A 1 139 ? -0.480  15.136  -1.747  1.00 15.21 ? 1068 PHE A CB  1 
ATOM   961  C  CG  . PHE A 1 139 ? -1.713  14.395  -2.147  1.00 14.70 ? 1068 PHE A CG  1 
ATOM   962  C  CD1 . PHE A 1 139 ? -1.700  13.016  -2.321  1.00 16.79 ? 1068 PHE A CD1 1 
ATOM   963  C  CD2 . PHE A 1 139 ? -2.888  15.123  -2.439  1.00 14.73 ? 1068 PHE A CD2 1 
ATOM   964  C  CE1 . PHE A 1 139 ? -2.895  12.340  -2.718  1.00 16.14 ? 1068 PHE A CE1 1 
ATOM   965  C  CE2 . PHE A 1 139 ? -4.038  14.472  -2.807  1.00 14.80 ? 1068 PHE A CE2 1 
ATOM   966  C  CZ  . PHE A 1 139 ? -4.051  13.092  -2.947  1.00 12.88 ? 1068 PHE A CZ  1 
ATOM   967  N  N   . LYS A 1 140 ? 1.985   15.108  0.245   1.00 16.28 ? 1069 LYS A N   1 
ATOM   968  C  CA  . LYS A 1 140 ? 3.371   15.615  0.379   1.00 17.52 ? 1069 LYS A CA  1 
ATOM   969  C  C   . LYS A 1 140 ? 4.284   14.563  -0.156  1.00 16.51 ? 1069 LYS A C   1 
ATOM   970  O  O   . LYS A 1 140 ? 4.149   13.380  0.181   1.00 18.62 ? 1069 LYS A O   1 
ATOM   971  C  CB  . LYS A 1 140 ? 3.700   15.848  1.847   1.00 19.05 ? 1069 LYS A CB  1 
ATOM   972  C  CG  . LYS A 1 140 ? 4.859   16.817  2.101   1.00 22.75 ? 1069 LYS A CG  1 
ATOM   973  C  CD  . LYS A 1 140 ? 4.980   17.080  3.609   1.00 29.76 ? 1069 LYS A CD  1 
ATOM   974  C  CE  . LYS A 1 140 ? 6.243   17.869  3.985   1.00 31.99 ? 1069 LYS A CE  1 
ATOM   975  N  NZ  . LYS A 1 140 ? 6.190   19.277  3.465   1.00 35.58 ? 1069 LYS A NZ  1 
ATOM   976  N  N   . LYS A 1 141 ? 5.271   14.963  -0.930  1.00 18.03 ? 1070 LYS A N   1 
ATOM   977  C  CA  . LYS A 1 141 ? 6.208   14.019  -1.475  1.00 18.47 ? 1070 LYS A CA  1 
ATOM   978  C  C   . LYS A 1 141 ? 7.079   13.414  -0.334  1.00 18.28 ? 1070 LYS A C   1 
ATOM   979  O  O   . LYS A 1 141 ? 7.455   14.099  0.618   1.00 19.28 ? 1070 LYS A O   1 
ATOM   980  C  CB  . LYS A 1 141 ? 7.078   14.749  -2.497  1.00 19.75 ? 1070 LYS A CB  1 
ATOM   981  C  CG  . LYS A 1 141 ? 7.545   13.853  -3.614  1.00 26.72 ? 1070 LYS A CG  1 
ATOM   982  C  CD  . LYS A 1 141 ? 6.415   13.501  -4.572  1.00 31.63 ? 1070 LYS A CD  1 
ATOM   983  C  CE  . LYS A 1 141 ? 6.331   14.372  -5.827  1.00 37.75 ? 1070 LYS A CE  1 
ATOM   984  N  NZ  . LYS A 1 141 ? 5.007   14.080  -6.516  1.00 40.72 ? 1070 LYS A NZ  1 
ATOM   985  N  N   . ILE A 1 142 ? 7.308   12.107  -0.404  1.00 17.81 ? 1071 ILE A N   1 
ATOM   986  C  CA  . ILE A 1 142 ? 8.197   11.429  0.550   1.00 18.24 ? 1071 ILE A CA  1 
ATOM   987  C  C   . ILE A 1 142 ? 9.681   11.603  0.197   1.00 19.56 ? 1071 ILE A C   1 
ATOM   988  O  O   . ILE A 1 142 ? 10.103  11.399  -0.929  1.00 19.61 ? 1071 ILE A O   1 
ATOM   989  C  CB  . ILE A 1 142 ? 7.820   9.938   0.605   1.00 17.01 ? 1071 ILE A CB  1 
ATOM   990  C  CG1 . ILE A 1 142 ? 6.443   9.748   1.262   1.00 16.87 ? 1071 ILE A CG1 1 
ATOM   991  C  CG2 . ILE A 1 142 ? 8.904   9.131   1.347   1.00 15.02 ? 1071 ILE A CG2 1 
ATOM   992  C  CD1 . ILE A 1 142 ? 5.872   8.342   1.076   1.00 17.48 ? 1071 ILE A CD1 1 
ATOM   993  N  N   . LYS A 1 143 ? 10.463  11.988  1.179   1.00 21.60 ? 1072 LYS A N   1 
ATOM   994  C  CA  . LYS A 1 143 ? 11.894  12.147  0.964   1.00 24.13 ? 1072 LYS A CA  1 
ATOM   995  C  C   . LYS A 1 143 ? 12.668  10.866  1.314   1.00 24.49 ? 1072 LYS A C   1 
ATOM   996  O  O   . LYS A 1 143 ? 13.553  10.433  0.565   1.00 25.72 ? 1072 LYS A O   1 
ATOM   997  C  CB  . LYS A 1 143 ? 12.390  13.366  1.724   1.00 24.89 ? 1072 LYS A CB  1 
ATOM   998  C  CG  . LYS A 1 143 ? 12.501  14.604  0.807   1.00 30.00 ? 1072 LYS A CG  1 
ATOM   999  C  CD  . LYS A 1 143 ? 11.544  15.743  1.211   1.00 32.58 ? 1072 LYS A CD  1 
ATOM   1000 C  CE  . LYS A 1 143 ? 11.746  16.969  0.317   1.00 32.46 ? 1072 LYS A CE  1 
ATOM   1001 N  NZ  . LYS A 1 143 ? 13.052  17.687  0.594   1.00 32.09 ? 1072 LYS A NZ  1 
ATOM   1002 N  N   . LEU A 1 144 ? 12.300  10.264  2.443   1.00 23.48 ? 1073 LEU A N   1 
ATOM   1003 C  CA  . LEU A 1 144 ? 12.992  9.096   2.996   1.00 23.33 ? 1073 LEU A CA  1 
ATOM   1004 C  C   . LEU A 1 144 ? 11.947  8.005   3.224   1.00 21.75 ? 1073 LEU A C   1 
ATOM   1005 O  O   . LEU A 1 144 ? 10.959  8.233   3.907   1.00 21.63 ? 1073 LEU A O   1 
ATOM   1006 C  CB  . LEU A 1 144 ? 13.666  9.492   4.324   1.00 24.02 ? 1073 LEU A CB  1 
ATOM   1007 C  CG  . LEU A 1 144 ? 14.658  8.641   5.116   1.00 26.76 ? 1073 LEU A CG  1 
ATOM   1008 C  CD1 . LEU A 1 144 ? 16.044  8.641   4.486   1.00 29.78 ? 1073 LEU A CD1 1 
ATOM   1009 C  CD2 . LEU A 1 144 ? 14.796  9.169   6.571   1.00 30.44 ? 1073 LEU A CD2 1 
ATOM   1010 N  N   . TRP A 1 145 ? 12.166  6.841   2.635   1.00 21.13 ? 1074 TRP A N   1 
ATOM   1011 C  CA  . TRP A 1 145 ? 11.285  5.660   2.893   1.00 20.88 ? 1074 TRP A CA  1 
ATOM   1012 C  C   . TRP A 1 145 ? 11.657  4.990   4.222   1.00 21.30 ? 1074 TRP A C   1 
ATOM   1013 O  O   . TRP A 1 145 ? 12.783  4.503   4.395   1.00 22.09 ? 1074 TRP A O   1 
ATOM   1014 C  CB  . TRP A 1 145 ? 11.430  4.642   1.774   1.00 21.66 ? 1074 TRP A CB  1 
ATOM   1015 C  CG  . TRP A 1 145 ? 10.377  3.562   1.710   1.00 20.53 ? 1074 TRP A CG  1 
ATOM   1016 C  CD1 . TRP A 1 145 ? 10.556  2.228   1.951   1.00 22.20 ? 1074 TRP A CD1 1 
ATOM   1017 C  CD2 . TRP A 1 145 ? 9.016   3.728   1.328   1.00 18.42 ? 1074 TRP A CD2 1 
ATOM   1018 N  NE1 . TRP A 1 145 ? 9.384   1.545   1.765   1.00 21.36 ? 1074 TRP A NE1 1 
ATOM   1019 C  CE2 . TRP A 1 145 ? 8.406   2.451   1.389   1.00 17.41 ? 1074 TRP A CE2 1 
ATOM   1020 C  CE3 . TRP A 1 145 ? 8.222   4.838   0.990   1.00 20.79 ? 1074 TRP A CE3 1 
ATOM   1021 C  CZ2 . TRP A 1 145 ? 7.052   2.240   1.062   1.00 19.47 ? 1074 TRP A CZ2 1 
ATOM   1022 C  CZ3 . TRP A 1 145 ? 6.866   4.629   0.686   1.00 21.42 ? 1074 TRP A CZ3 1 
ATOM   1023 C  CH2 . TRP A 1 145 ? 6.307   3.332   0.725   1.00 18.37 ? 1074 TRP A CH2 1 
ATOM   1024 N  N   . THR A 1 146 ? 10.713  4.950   5.159   1.00 22.40 ? 1075 THR A N   1 
ATOM   1025 C  CA  . THR A 1 146 ? 11.019  4.407   6.484   1.00 24.31 ? 1075 THR A CA  1 
ATOM   1026 C  C   . THR A 1 146 ? 10.088  3.271   6.956   1.00 24.81 ? 1075 THR A C   1 
ATOM   1027 O  O   . THR A 1 146 ? 9.696   3.185   8.125   1.00 28.73 ? 1075 THR A O   1 
ATOM   1028 C  CB  . THR A 1 146 ? 11.135  5.534   7.551   1.00 24.57 ? 1075 THR A CB  1 
ATOM   1029 O  OG1 . THR A 1 146 ? 9.938   6.327   7.549   1.00 28.82 ? 1075 THR A OG1 1 
ATOM   1030 C  CG2 . THR A 1 146 ? 12.208  6.545   7.156   1.00 26.08 ? 1075 THR A CG2 1 
ATOM   1031 N  N   . MET A 1 147 ? 9.725   2.380   6.051   1.00 23.83 ? 1076 MET A N   1 
ATOM   1032 C  CA  . MET A 1 147 ? 8.872   1.258   6.469   1.00 22.74 ? 1076 MET A CA  1 
ATOM   1033 C  C   . MET A 1 147 ? 9.707   0.133   7.049   1.00 21.02 ? 1076 MET A C   1 
ATOM   1034 O  O   . MET A 1 147 ? 10.923  0.016   6.757   1.00 22.21 ? 1076 MET A O   1 
ATOM   1035 C  CB  . MET A 1 147 ? 8.055   0.761   5.283   1.00 21.78 ? 1076 MET A CB  1 
ATOM   1036 C  CG  . MET A 1 147 ? 7.250   1.870   4.557   1.00 23.73 ? 1076 MET A CG  1 
ATOM   1037 S  SD  . MET A 1 147 ? 6.083   2.780   5.658   1.00 27.81 ? 1076 MET A SD  1 
ATOM   1038 C  CE  . MET A 1 147 ? 4.879   1.448   5.911   1.00 24.66 ? 1076 MET A CE  1 
ATOM   1039 N  N   . PRO A 1 148 ? 9.119   -0.709  7.904   1.00 20.55 ? 1077 PRO A N   1 
ATOM   1040 C  CA  . PRO A 1 148 ? 9.847   -1.881  8.410   1.00 19.07 ? 1077 PRO A CA  1 
ATOM   1041 C  C   . PRO A 1 148 ? 10.338  -2.795  7.281   1.00 19.56 ? 1077 PRO A C   1 
ATOM   1042 O  O   . PRO A 1 148 ? 9.627   -2.897  6.276   1.00 19.81 ? 1077 PRO A O   1 
ATOM   1043 C  CB  . PRO A 1 148 ? 8.825   -2.660  9.253   1.00 21.83 ? 1077 PRO A CB  1 
ATOM   1044 C  CG  . PRO A 1 148 ? 7.731   -1.725  9.464   1.00 21.06 ? 1077 PRO A CG  1 
ATOM   1045 C  CD  . PRO A 1 148 ? 7.711   -0.657  8.355   1.00 21.01 ? 1077 PRO A CD  1 
ATOM   1046 N  N   . VAL A 1 149 ? 11.510  -3.396  7.432   1.00 20.45 ? 1078 VAL A N   1 
ATOM   1047 C  CA  . VAL A 1 149 ? 12.068  -4.214  6.341   1.00 21.36 ? 1078 VAL A CA  1 
ATOM   1048 C  C   . VAL A 1 149 ? 11.519  -5.647  6.450   1.00 20.25 ? 1078 VAL A C   1 
ATOM   1049 O  O   . VAL A 1 149 ? 11.682  -6.309  7.472   1.00 22.26 ? 1078 VAL A O   1 
ATOM   1050 C  CB  . VAL A 1 149 ? 13.606  -4.165  6.330   1.00 22.91 ? 1078 VAL A CB  1 
ATOM   1051 C  CG1 . VAL A 1 149 ? 14.169  -4.980  5.169   1.00 21.06 ? 1078 VAL A CG1 1 
ATOM   1052 C  CG2 . VAL A 1 149 ? 14.063  -2.705  6.226   1.00 22.61 ? 1078 VAL A CG2 1 
ATOM   1053 N  N   . SER A 1 150 ? 10.863  -6.117  5.386   1.00 20.03 ? 1079 SER A N   1 
ATOM   1054 C  CA  . SER A 1 150 ? 10.273  -7.436  5.352   1.00 19.25 ? 1079 SER A CA  1 
ATOM   1055 C  C   . SER A 1 150 ? 11.265  -8.380  4.649   1.00 18.47 ? 1079 SER A C   1 
ATOM   1056 O  O   . SER A 1 150 ? 12.392  -8.002  4.337   1.00 18.18 ? 1079 SER A O   1 
ATOM   1057 C  CB  . SER A 1 150 ? 8.991   -7.391  4.549   1.00 20.53 ? 1079 SER A CB  1 
ATOM   1058 O  OG  . SER A 1 150 ? 9.333   -7.276  3.170   1.00 19.19 ? 1079 SER A OG  1 
ATOM   1059 N  N   . SER A 1 151 ? 10.800  -9.593  4.385   1.00 17.96 ? 1080 SER A N   1 
ATOM   1060 C  CA  . SER A 1 151 ? 11.669  -10.592 3.757   1.00 17.53 ? 1080 SER A CA  1 
ATOM   1061 C  C   . SER A 1 151 ? 11.499  -10.608 2.262   1.00 15.49 ? 1080 SER A C   1 
ATOM   1062 O  O   . SER A 1 151 ? 12.026  -11.467 1.601   1.00 16.22 ? 1080 SER A O   1 
ATOM   1063 C  CB  . SER A 1 151 ? 11.369  -11.967 4.320   1.00 20.27 ? 1080 SER A CB  1 
ATOM   1064 O  OG  . SER A 1 151 ? 12.075  -12.118 5.543   1.00 25.64 ? 1080 SER A OG  1 
ATOM   1065 N  N   . VAL A 1 152 ? 10.756  -9.638  1.721   1.00 14.16 ? 1081 VAL A N   1 
ATOM   1066 C  CA  . VAL A 1 152 ? 10.580  -9.565  0.252   1.00 13.04 ? 1081 VAL A CA  1 
ATOM   1067 C  C   . VAL A 1 152 ? 11.934  -9.376  -0.456  1.00 14.98 ? 1081 VAL A C   1 
ATOM   1068 O  O   . VAL A 1 152 ? 12.759  -8.594  -0.009  1.00 15.18 ? 1081 VAL A O   1 
ATOM   1069 C  CB  . VAL A 1 152 ? 9.517   -8.503  -0.152  1.00 15.37 ? 1081 VAL A CB  1 
ATOM   1070 C  CG1 . VAL A 1 152 ? 9.476   -8.226  -1.731  1.00 14.72 ? 1081 VAL A CG1 1 
ATOM   1071 C  CG2 . VAL A 1 152 ? 8.156   -9.018  0.343   1.00 15.96 ? 1081 VAL A CG2 1 
ATOM   1072 N  N   . ARG A 1 153 ? 12.106  -10.076 -1.568  1.00 11.88 ? 1082 ARG A N   1 
ATOM   1073 C  CA  . ARG A 1 153 ? 13.478  -10.113 -2.268  1.00 14.75 ? 1082 ARG A CA  1 
ATOM   1074 C  C   . ARG A 1 153 ? 13.396  -9.437  -3.646  1.00 16.66 ? 1082 ARG A C   1 
ATOM   1075 O  O   . ARG A 1 153 ? 12.349  -9.617  -4.371  1.00 26.80 ? 1082 ARG A O   1 
ATOM   1076 C  CB  . ARG A 1 153 ? 13.851  -11.510 -2.664  1.00 15.03 ? 1082 ARG A CB  1 
ATOM   1077 C  CG  . ARG A 1 153 ? 14.453  -12.381 -1.400  1.00 11.63 ? 1082 ARG A CG  1 
ATOM   1078 C  CD  . ARG A 1 153 ? 14.724  -13.693 -1.767  1.00 22.65 ? 1082 ARG A CD  1 
ATOM   1079 N  NE  . ARG A 1 153 ? 15.090  -14.514 -0.525  1.00 7.66  ? 1082 ARG A NE  1 
ATOM   1080 C  CZ  . ARG A 1 153 ? 15.528  -15.772 -0.457  1.00 25.02 ? 1082 ARG A CZ  1 
ATOM   1081 N  NH1 . ARG A 1 153 ? 15.758  -16.415 -1.587  1.00 7.67  ? 1082 ARG A NH1 1 
ATOM   1082 N  NH2 . ARG A 1 153 ? 15.805  -16.378 0.716   1.00 13.75 ? 1082 ARG A NH2 1 
ATOM   1083 N  N   . PHE A 1 154 ? 14.261  -8.438  -3.830  1.00 16.40 ? 1083 PHE A N   1 
ATOM   1084 C  CA  . PHE A 1 154 ? 13.914  -7.395  -4.945  1.00 13.84 ? 1083 PHE A CA  1 
ATOM   1085 C  C   . PHE A 1 154 ? 15.040  -7.550  -5.844  1.00 12.12 ? 1083 PHE A C   1 
ATOM   1086 O  O   . PHE A 1 154 ? 16.248  -7.616  -5.446  1.00 14.41 ? 1083 PHE A O   1 
ATOM   1087 C  CB  . PHE A 1 154 ? 13.852  -5.917  -4.536  1.00 13.23 ? 1083 PHE A CB  1 
ATOM   1088 C  CG  . PHE A 1 154 ? 12.595  -5.537  -3.767  1.00 12.23 ? 1083 PHE A CG  1 
ATOM   1089 C  CD1 . PHE A 1 154 ? 11.403  -5.189  -4.424  1.00 15.08 ? 1083 PHE A CD1 1 
ATOM   1090 C  CD2 . PHE A 1 154 ? 12.606  -5.506  -2.390  1.00 13.85 ? 1083 PHE A CD2 1 
ATOM   1091 C  CE1 . PHE A 1 154 ? 10.289  -4.842  -3.667  1.00 12.05 ? 1083 PHE A CE1 1 
ATOM   1092 C  CE2 . PHE A 1 154 ? 11.505  -5.141  -1.666  1.00 17.06 ? 1083 PHE A CE2 1 
ATOM   1093 C  CZ  . PHE A 1 154 ? 10.348  -4.860  -2.308  1.00 11.56 ? 1083 PHE A CZ  1 
ATOM   1094 N  N   . VAL A 1 155 ? 14.661  -7.649  -7.090  1.00 15.06 ? 1084 VAL A N   1 
ATOM   1095 C  CA  . VAL A 1 155 ? 15.673  -7.917  -8.089  1.00 16.29 ? 1084 VAL A CA  1 
ATOM   1096 C  C   . VAL A 1 155 ? 15.418  -6.857  -9.141  1.00 18.92 ? 1084 VAL A C   1 
ATOM   1097 O  O   . VAL A 1 155 ? 14.293  -6.237  -9.170  1.00 17.23 ? 1084 VAL A O   1 
ATOM   1098 C  CB  . VAL A 1 155 ? 15.588  -9.381  -8.668  1.00 18.31 ? 1084 VAL A CB  1 
ATOM   1099 C  CG1 . VAL A 1 155 ? 16.120  -10.430 -7.598  1.00 20.05 ? 1084 VAL A CG1 1 
ATOM   1100 C  CG2 . VAL A 1 155 ? 14.038  -9.633  -8.999  1.00 19.08 ? 1084 VAL A CG2 1 
ATOM   1101 N  N   . PRO A 1 156 ? 16.480  -6.585  -9.919  1.00 23.11 ? 1085 PRO A N   1 
ATOM   1102 C  CA  . PRO A 1 156 ? 16.442  -5.637  -11.040 1.00 26.51 ? 1085 PRO A CA  1 
ATOM   1103 C  C   . PRO A 1 156 ? 15.526  -6.146  -12.125 1.00 27.41 ? 1085 PRO A C   1 
ATOM   1104 O  O   . PRO A 1 156 ? 15.496  -7.331  -12.378 1.00 29.43 ? 1085 PRO A O   1 
ATOM   1105 C  CB  . PRO A 1 156 ? 17.893  -5.628  -11.554 1.00 24.30 ? 1085 PRO A CB  1 
ATOM   1106 C  CG  . PRO A 1 156 ? 18.687  -6.229  -10.468 1.00 28.21 ? 1085 PRO A CG  1 
ATOM   1107 C  CD  . PRO A 1 156 ? 17.804  -7.219  -9.821  1.00 22.05 ? 1085 PRO A CD  1 
ATOM   1108 N  N   . ARG A 1 157 ? 14.776  -5.239  -12.733 1.00 30.44 ? 1086 ARG A N   1 
ATOM   1109 C  CA  . ARG A 1 157 ? 13.780  -5.601  -13.720 1.00 28.29 ? 1086 ARG A CA  1 
ATOM   1110 C  C   . ARG A 1 157 ? 14.489  -5.880  -15.031 1.00 27.91 ? 1086 ARG A C   1 
ATOM   1111 O  O   . ARG A 1 157 ? 15.369  -5.129  -15.419 1.00 28.06 ? 1086 ARG A O   1 
ATOM   1112 C  CB  . ARG A 1 157 ? 12.840  -4.426  -13.949 1.00 27.30 ? 1086 ARG A CB  1 
ATOM   1113 C  CG  . ARG A 1 157 ? 11.710  -4.322  -12.977 1.00 23.06 ? 1086 ARG A CG  1 
ATOM   1114 C  CD  . ARG A 1 157 ? 10.803  -3.140  -13.243 1.00 15.92 ? 1086 ARG A CD  1 
ATOM   1115 N  NE  . ARG A 1 157 ? 9.988   -2.871  -12.074 1.00 22.37 ? 1086 ARG A NE  1 
ATOM   1116 C  CZ  . ARG A 1 157 ? 8.845   -3.463  -11.817 1.00 13.88 ? 1086 ARG A CZ  1 
ATOM   1117 N  NH1 . ARG A 1 157 ? 8.348   -4.342  -12.658 1.00 20.51 ? 1086 ARG A NH1 1 
ATOM   1118 N  NH2 . ARG A 1 157 ? 8.183   -3.159  -10.709 1.00 15.05 ? 1086 ARG A NH2 1 
ATOM   1119 N  N   . ASP A 1 158 ? 14.095  -6.941  -15.713 1.00 30.84 ? 1087 ASP A N   1 
ATOM   1120 C  CA  . ASP A 1 158 ? 14.699  -7.276  -16.994 1.00 30.66 ? 1087 ASP A CA  1 
ATOM   1121 C  C   . ASP A 1 158 ? 14.072  -6.407  -18.053 1.00 30.46 ? 1087 ASP A C   1 
ATOM   1122 O  O   . ASP A 1 158 ? 14.589  -6.263  -19.152 1.00 31.65 ? 1087 ASP A O   1 
ATOM   1123 C  CB  . ASP A 1 158 ? 14.452  -8.743  -17.306 1.00 31.92 ? 1087 ASP A CB  1 
ATOM   1124 C  CG  . ASP A 1 158 ? 15.431  -9.642  -16.610 1.00 33.07 ? 1087 ASP A CG  1 
ATOM   1125 O  OD1 . ASP A 1 158 ? 16.519  -9.153  -16.255 1.00 37.34 ? 1087 ASP A OD1 1 
ATOM   1126 O  OD2 . ASP A 1 158 ? 15.193  -10.837 -16.368 1.00 34.81 ? 1087 ASP A OD2 1 
ATOM   1127 N  N   . VAL A 1 159 ? 12.948  -5.819  -17.676 1.00 29.76 ? 1088 VAL A N   1 
ATOM   1128 C  CA  . VAL A 1 159 ? 12.128  -4.970  -18.552 1.00 29.63 ? 1088 VAL A CA  1 
ATOM   1129 C  C   . VAL A 1 159 ? 11.693  -3.764  -17.757 1.00 28.28 ? 1088 VAL A C   1 
ATOM   1130 O  O   . VAL A 1 159 ? 10.699  -3.839  -17.052 1.00 27.95 ? 1088 VAL A O   1 
ATOM   1131 C  CB  . VAL A 1 159 ? 10.872  -5.661  -19.182 1.00 30.05 ? 1088 VAL A CB  1 
ATOM   1132 C  CG1 . VAL A 1 159 ? 10.342  -4.795  -20.372 1.00 30.01 ? 1088 VAL A CG1 1 
ATOM   1133 C  CG2 . VAL A 1 159 ? 11.182  -7.089  -19.668 1.00 30.54 ? 1088 VAL A CG2 1 
ATOM   1134 N  N   . PRO A 1 160 ? 12.435  -2.658  -17.818 1.00 28.24 ? 1089 PRO A N   1 
ATOM   1135 C  CA  . PRO A 1 160 ? 11.979  -1.420  -17.164 1.00 28.27 ? 1089 PRO A CA  1 
ATOM   1136 C  C   . PRO A 1 160 ? 10.494  -1.122  -17.430 1.00 27.36 ? 1089 PRO A C   1 
ATOM   1137 O  O   . PRO A 1 160 ? 9.993   -1.379  -18.531 1.00 26.11 ? 1089 PRO A O   1 
ATOM   1138 C  CB  . PRO A 1 160 ? 12.866  -0.343  -17.790 1.00 28.65 ? 1089 PRO A CB  1 
ATOM   1139 C  CG  . PRO A 1 160 ? 13.658  -1.040  -18.845 1.00 29.27 ? 1089 PRO A CG  1 
ATOM   1140 C  CD  . PRO A 1 160 ? 13.763  -2.478  -18.428 1.00 28.82 ? 1089 PRO A CD  1 
ATOM   1141 N  N   . LEU A 1 161 ? 9.811   -0.632  -16.404 1.00 26.54 ? 1090 LEU A N   1 
ATOM   1142 C  CA  . LEU A 1 161 ? 8.414   -0.241  -16.511 1.00 26.65 ? 1090 LEU A CA  1 
ATOM   1143 C  C   . LEU A 1 161 ? 8.398   1.161   -17.067 1.00 26.59 ? 1090 LEU A C   1 
ATOM   1144 O  O   . LEU A 1 161 ? 9.172   2.004   -16.609 1.00 26.54 ? 1090 LEU A O   1 
ATOM   1145 C  CB  . LEU A 1 161 ? 7.754   -0.169  -15.126 1.00 26.84 ? 1090 LEU A CB  1 
ATOM   1146 C  CG  . LEU A 1 161 ? 7.171   -1.431  -14.515 1.00 27.66 ? 1090 LEU A CG  1 
ATOM   1147 C  CD1 . LEU A 1 161 ? 6.566   -1.087  -13.186 1.00 28.44 ? 1090 LEU A CD1 1 
ATOM   1148 C  CD2 . LEU A 1 161 ? 6.147   -2.096  -15.423 1.00 29.26 ? 1090 LEU A CD2 1 
ATOM   1149 N  N   . PRO A 1 162 ? 7.550   1.408   -18.061 1.00 27.25 ? 1091 PRO A N   1 
ATOM   1150 C  CA  . PRO A 1 162 ? 7.265   2.773   -18.513 1.00 28.11 ? 1091 PRO A CA  1 
ATOM   1151 C  C   . PRO A 1 162 ? 6.674   3.640   -17.390 1.00 28.32 ? 1091 PRO A C   1 
ATOM   1152 O  O   . PRO A 1 162 ? 5.898   3.123   -16.587 1.00 28.20 ? 1091 PRO A O   1 
ATOM   1153 C  CB  . PRO A 1 162 ? 6.232   2.552   -19.623 1.00 28.79 ? 1091 PRO A CB  1 
ATOM   1154 C  CG  . PRO A 1 162 ? 6.519   1.151   -20.122 1.00 27.47 ? 1091 PRO A CG  1 
ATOM   1155 C  CD  . PRO A 1 162 ? 6.830   0.397   -18.862 1.00 28.11 ? 1091 PRO A CD  1 
ATOM   1156 N  N   . VAL A 1 163 ? 7.123   4.890   -17.279 1.00 29.11 ? 1092 VAL A N   1 
ATOM   1157 C  CA  . VAL A 1 163 ? 6.501   5.873   -16.388 1.00 29.55 ? 1092 VAL A CA  1 
ATOM   1158 C  C   . VAL A 1 163 ? 5.299   6.411   -17.138 1.00 30.06 ? 1092 VAL A C   1 
ATOM   1159 O  O   . VAL A 1 163 ? 5.429   6.967   -18.216 1.00 31.01 ? 1092 VAL A O   1 
ATOM   1160 C  CB  . VAL A 1 163 ? 7.452   7.031   -16.009 1.00 29.49 ? 1092 VAL A CB  1 
ATOM   1161 C  CG1 . VAL A 1 163 ? 6.706   8.125   -15.216 1.00 30.28 ? 1092 VAL A CG1 1 
ATOM   1162 C  CG2 . VAL A 1 163 ? 8.649   6.531   -15.253 1.00 29.60 ? 1092 VAL A CG2 1 
ATOM   1163 N  N   . VAL A 1 164 ? 4.129   6.209   -16.553 1.00 30.01 ? 1093 VAL A N   1 
ATOM   1164 C  CA  . VAL A 1 164 ? 2.851   6.411   -17.225 1.00 30.00 ? 1093 VAL A CA  1 
ATOM   1165 C  C   . VAL A 1 164 ? 1.921   7.036   -16.169 1.00 27.40 ? 1093 VAL A C   1 
ATOM   1166 O  O   . VAL A 1 164 ? 1.626   6.363   -15.180 1.00 26.63 ? 1093 VAL A O   1 
ATOM   1167 C  CB  . VAL A 1 164 ? 2.304   5.015   -17.691 1.00 30.62 ? 1093 VAL A CB  1 
ATOM   1168 C  CG1 . VAL A 1 164 ? 0.768   5.013   -17.894 1.00 33.52 ? 1093 VAL A CG1 1 
ATOM   1169 C  CG2 . VAL A 1 164 ? 3.014   4.588   -18.984 1.00 31.98 ? 1093 VAL A CG2 1 
ATOM   1170 N  N   . ARG A 1 165 ? 1.464   8.263   -16.364 1.00 25.32 ? 1094 ARG A N   1 
ATOM   1171 C  CA  . ARG A 1 165 ? 0.590   8.983   -15.397 1.00 23.93 ? 1094 ARG A CA  1 
ATOM   1172 C  C   . ARG A 1 165 ? -0.704  9.482   -16.050 1.00 23.41 ? 1094 ARG A C   1 
ATOM   1173 O  O   . ARG A 1 165 ? -0.673  10.173  -17.083 1.00 24.01 ? 1094 ARG A O   1 
ATOM   1174 C  CB  . ARG A 1 165 ? 1.281   10.222  -14.795 1.00 24.10 ? 1094 ARG A CB  1 
ATOM   1175 C  CG  . ARG A 1 165 ? 2.463   9.956   -13.876 1.00 26.70 ? 1094 ARG A CG  1 
ATOM   1176 C  CD  . ARG A 1 165 ? 2.804   11.126  -12.921 1.00 28.77 ? 1094 ARG A CD  1 
ATOM   1177 N  NE  . ARG A 1 165 ? 3.778   10.680  -11.904 1.00 31.63 ? 1094 ARG A NE  1 
ATOM   1178 C  CZ  . ARG A 1 165 ? 5.090   10.524  -12.129 1.00 31.13 ? 1094 ARG A CZ  1 
ATOM   1179 N  NH1 . ARG A 1 165 ? 5.611   10.806  -13.337 1.00 29.79 ? 1094 ARG A NH1 1 
ATOM   1180 N  NH2 . ARG A 1 165 ? 5.886   10.081  -11.143 1.00 30.61 ? 1094 ARG A NH2 1 
ATOM   1181 N  N   . VAL A 1 166 ? -1.825  9.170   -15.420 1.00 21.81 ? 1095 VAL A N   1 
ATOM   1182 C  CA  . VAL A 1 166 ? -3.148  9.456   -16.029 1.00 22.18 ? 1095 VAL A CA  1 
ATOM   1183 C  C   . VAL A 1 166 ? -4.108  10.026  -14.992 1.00 19.53 ? 1095 VAL A C   1 
ATOM   1184 O  O   . VAL A 1 166 ? -4.137  9.586   -13.846 1.00 18.87 ? 1095 VAL A O   1 
ATOM   1185 C  CB  . VAL A 1 166 ? -3.783  8.137   -16.543 1.00 21.74 ? 1095 VAL A CB  1 
ATOM   1186 C  CG1 . VAL A 1 166 ? -3.042  7.637   -17.803 1.00 25.23 ? 1095 VAL A CG1 1 
ATOM   1187 C  CG2 . VAL A 1 166 ? -3.795  7.063   -15.417 1.00 27.00 ? 1095 VAL A CG2 1 
ATOM   1188 N  N   . ALA A 1 167 ? -4.955  10.961  -15.402 1.00 19.39 ? 1096 ALA A N   1 
ATOM   1189 C  CA  . ALA A 1 167 ? -5.860  11.589  -14.438 1.00 18.84 ? 1096 ALA A CA  1 
ATOM   1190 C  C   . ALA A 1 167 ? -7.173  10.798  -14.331 1.00 20.14 ? 1096 ALA A C   1 
ATOM   1191 O  O   . ALA A 1 167 ? -7.520  10.071  -15.273 1.00 22.35 ? 1096 ALA A O   1 
ATOM   1192 C  CB  . ALA A 1 167 ? -6.123  13.042  -14.852 1.00 19.29 ? 1096 ALA A CB  1 
ATOM   1193 N  N   . SER A 1 168 ? -7.930  10.969  -13.245 1.00 20.54 ? 1097 SER A N   1 
ATOM   1194 C  CA  . SER A 1 168 ? -9.286  10.375  -13.129 1.00 22.05 ? 1097 SER A CA  1 
ATOM   1195 C  C   . SER A 1 168 ? -10.235 10.882  -14.200 1.00 22.19 ? 1097 SER A C   1 
ATOM   1196 O  O   . SER A 1 168 ? -10.096 12.015  -14.741 1.00 21.19 ? 1097 SER A O   1 
ATOM   1197 C  CB  . SER A 1 168 ? -9.958  10.692  -11.783 1.00 21.65 ? 1097 SER A CB  1 
ATOM   1198 O  OG  . SER A 1 168 ? -9.050  10.592  -10.731 1.00 27.10 ? 1097 SER A OG  1 
ATOM   1199 N  N   . VAL A 1 169 ? -11.232 10.052  -14.511 1.00 23.27 ? 1098 VAL A N   1 
ATOM   1200 C  CA  . VAL A 1 169 ? -12.244 10.402  -15.504 1.00 22.76 ? 1098 VAL A CA  1 
ATOM   1201 C  C   . VAL A 1 169 ? -13.507 10.775  -14.738 1.00 23.12 ? 1098 VAL A C   1 
ATOM   1202 O  O   . VAL A 1 169 ? -13.931 10.029  -13.825 1.00 23.22 ? 1098 VAL A O   1 
ATOM   1203 C  CB  . VAL A 1 169 ? -12.503 9.214   -16.424 1.00 23.91 ? 1098 VAL A CB  1 
ATOM   1204 C  CG1 . VAL A 1 169 ? -13.589 9.512   -17.407 1.00 25.48 ? 1098 VAL A CG1 1 
ATOM   1205 C  CG2 . VAL A 1 169 ? -11.183 8.803   -17.146 1.00 24.99 ? 1098 VAL A CG2 1 
ATOM   1206 N  N   . PHE A 1 170 ? -14.028 11.961  -15.034 1.00 22.08 ? 1099 PHE A N   1 
ATOM   1207 C  CA  . PHE A 1 170 ? -15.247 12.491  -14.393 1.00 22.68 ? 1099 PHE A CA  1 
ATOM   1208 C  C   . PHE A 1 170 ? -16.369 12.539  -15.396 1.00 23.99 ? 1099 PHE A C   1 
ATOM   1209 O  O   . PHE A 1 170 ? -16.250 13.244  -16.414 1.00 25.00 ? 1099 PHE A O   1 
ATOM   1210 C  CB  . PHE A 1 170 ? -15.026 13.900  -13.794 1.00 22.20 ? 1099 PHE A CB  1 
ATOM   1211 C  CG  . PHE A 1 170 ? -14.110 13.904  -12.612 1.00 19.32 ? 1099 PHE A CG  1 
ATOM   1212 C  CD1 . PHE A 1 170 ? -12.729 14.077  -12.787 1.00 19.57 ? 1099 PHE A CD1 1 
ATOM   1213 C  CD2 . PHE A 1 170 ? -14.594 13.665  -11.317 1.00 18.11 ? 1099 PHE A CD2 1 
ATOM   1214 C  CE1 . PHE A 1 170 ? -11.848 13.986  -11.692 1.00 21.40 ? 1099 PHE A CE1 1 
ATOM   1215 C  CE2 . PHE A 1 170 ? -13.732 13.601  -10.233 1.00 18.49 ? 1099 PHE A CE2 1 
ATOM   1216 C  CZ  . PHE A 1 170 ? -12.339 13.747  -10.405 1.00 18.46 ? 1099 PHE A CZ  1 
ATOM   1217 N  N   . ALA A 1 171 ? -17.473 11.854  -15.095 1.00 24.51 ? 1100 ALA A N   1 
ATOM   1218 C  CA  . ALA A 1 171 ? -18.641 11.824  -16.000 1.00 26.06 ? 1100 ALA A CA  1 
ATOM   1219 C  C   . ALA A 1 171 ? -19.241 13.208  -16.283 1.00 26.47 ? 1100 ALA A C   1 
ATOM   1220 O  O   . ALA A 1 171 ? -19.521 13.979  -15.366 1.00 27.12 ? 1100 ALA A O   1 
ATOM   1221 C  CB  . ALA A 1 171 ? -19.715 10.880  -15.439 1.00 26.80 ? 1100 ALA A CB  1 
HETATM 1222 CL CL  . CL  B 2 .   ? -3.923  17.160  -5.690  1.00 26.27 ? 2101 CL  A CL  1 
HETATM 1223 O  O   . HOH C 3 .   ? 6.848   -12.379 1.172   1.00 40.71 ? 2001 HOH A O   1 
HETATM 1224 O  O   . HOH C 3 .   ? -2.604  -14.937 26.559  1.00 33.98 ? 2002 HOH A O   1 
HETATM 1225 O  O   . HOH C 3 .   ? -16.049 5.766   -1.808  1.00 37.10 ? 2003 HOH A O   1 
HETATM 1226 O  O   . HOH C 3 .   ? -15.158 10.201  -2.448  1.00 30.98 ? 2004 HOH A O   1 
HETATM 1227 O  O   . HOH C 3 .   ? -4.436  18.582  -3.046  1.00 25.07 ? 2005 HOH A O   1 
HETATM 1228 O  O   . HOH C 3 .   ? -1.976  17.695  -8.216  1.00 36.02 ? 2006 HOH A O   1 
HETATM 1229 O  O   . HOH C 3 .   ? 0.340   15.499  7.835   1.00 30.23 ? 2007 HOH A O   1 
HETATM 1230 O  O   . HOH C 3 .   ? -1.022  16.447  9.625   1.00 45.18 ? 2008 HOH A O   1 
HETATM 1231 O  O   . HOH C 3 .   ? 1.721   -3.219  -13.039 1.00 36.91 ? 2009 HOH A O   1 
HETATM 1232 O  O   . HOH C 3 .   ? 8.101   -13.487 -1.081  1.00 41.48 ? 2010 HOH A O   1 
HETATM 1233 O  O   . HOH C 3 .   ? 0.588   13.691  5.724   1.00 33.96 ? 2011 HOH A O   1 
HETATM 1234 O  O   . HOH C 3 .   ? -17.369 7.259   0.381   1.00 38.23 ? 2012 HOH A O   1 
HETATM 1235 O  O   . HOH C 3 .   ? 7.256   -10.372 12.551  1.00 34.06 ? 2013 HOH A O   1 
HETATM 1236 O  O   . HOH C 3 .   ? 6.870   -6.179  2.223   1.00 20.93 ? 2014 HOH A O   1 
HETATM 1237 O  O   . HOH C 3 .   ? 5.458   -10.324 2.150   1.00 29.40 ? 2015 HOH A O   1 
HETATM 1238 O  O   . HOH C 3 .   ? 8.281   -11.013 5.052   1.00 41.37 ? 2016 HOH A O   1 
HETATM 1239 O  O   . HOH C 3 .   ? 8.394   -1.186  2.338   1.00 26.73 ? 2017 HOH A O   1 
HETATM 1240 O  O   . HOH C 3 .   ? -11.526 -3.109  7.243   1.00 41.31 ? 2018 HOH A O   1 
HETATM 1241 O  O   . HOH C 3 .   ? -13.597 0.244   6.907   1.00 43.62 ? 2019 HOH A O   1 
HETATM 1242 O  O   . HOH C 3 .   ? -15.581 -0.282  3.829   1.00 40.63 ? 2020 HOH A O   1 
HETATM 1243 O  O   . HOH C 3 .   ? -21.049 -1.162  -0.585  1.00 37.14 ? 2021 HOH A O   1 
HETATM 1244 O  O   . HOH C 3 .   ? -20.076 -3.320  -2.102  1.00 41.84 ? 2022 HOH A O   1 
HETATM 1245 O  O   . HOH C 3 .   ? -15.104 -8.173  -0.099  1.00 40.19 ? 2023 HOH A O   1 
HETATM 1246 O  O   . HOH C 3 .   ? -13.124 -6.964  -1.601  1.00 39.41 ? 2024 HOH A O   1 
HETATM 1247 O  O   . HOH C 3 .   ? -8.025  1.746   -7.578  1.00 38.58 ? 2025 HOH A O   1 
HETATM 1248 O  O   . HOH C 3 .   ? -13.788 0.248   -4.130  1.00 45.61 ? 2026 HOH A O   1 
HETATM 1249 O  O   . HOH C 3 .   ? -7.498  2.370   2.430   1.00 36.03 ? 2027 HOH A O   1 
HETATM 1250 O  O   . HOH C 3 .   ? 6.564   -4.818  15.710  1.00 40.99 ? 2028 HOH A O   1 
HETATM 1251 O  O   . HOH C 3 .   ? 5.151   -6.959  16.481  1.00 31.18 ? 2029 HOH A O   1 
HETATM 1252 O  O   . HOH C 3 .   ? -3.663  -15.650 24.303  1.00 38.70 ? 2030 HOH A O   1 
HETATM 1253 O  O   . HOH C 3 .   ? -7.578  -10.144 28.374  1.00 34.49 ? 2031 HOH A O   1 
HETATM 1254 O  O   . HOH C 3 .   ? -10.933 -11.557 20.485  1.00 36.95 ? 2032 HOH A O   1 
HETATM 1255 O  O   . HOH C 3 .   ? -7.573  -13.165 13.592  1.00 29.80 ? 2033 HOH A O   1 
HETATM 1256 O  O   . HOH C 3 .   ? -6.816  -15.593 15.314  1.00 36.96 ? 2034 HOH A O   1 
HETATM 1257 O  O   . HOH C 3 .   ? -5.903  0.607   0.056   1.00 32.16 ? 2035 HOH A O   1 
HETATM 1258 O  O   . HOH C 3 .   ? -9.322  4.528   6.048   1.00 40.69 ? 2036 HOH A O   1 
HETATM 1259 O  O   . HOH C 3 .   ? -6.821  -5.099  -5.167  1.00 33.38 ? 2037 HOH A O   1 
HETATM 1260 O  O   . HOH C 3 .   ? -5.567  0.604   -6.989  1.00 31.03 ? 2038 HOH A O   1 
HETATM 1261 O  O   . HOH C 3 .   ? -12.621 9.700   -1.781  1.00 33.80 ? 2039 HOH A O   1 
HETATM 1262 O  O   . HOH C 3 .   ? -8.535  4.181   -7.160  1.00 30.91 ? 2040 HOH A O   1 
HETATM 1263 O  O   . HOH C 3 .   ? -14.006 5.572   -1.434  1.00 38.11 ? 2041 HOH A O   1 
HETATM 1264 O  O   . HOH C 3 .   ? -10.677 2.036   -3.443  1.00 53.14 ? 2042 HOH A O   1 
HETATM 1265 O  O   . HOH C 3 .   ? -8.524  0.303   -0.648  1.00 36.23 ? 2043 HOH A O   1 
HETATM 1266 O  O   . HOH C 3 .   ? -11.736 10.708  -5.070  1.00 25.95 ? 2044 HOH A O   1 
HETATM 1267 O  O   . HOH C 3 .   ? -6.495  17.347  -1.694  1.00 29.28 ? 2045 HOH A O   1 
HETATM 1268 O  O   . HOH C 3 .   ? -11.252 15.917  -8.029  1.00 20.91 ? 2046 HOH A O   1 
HETATM 1269 O  O   . HOH C 3 .   ? -6.233  22.068  -11.633 1.00 31.76 ? 2047 HOH A O   1 
HETATM 1270 O  O   . HOH C 3 .   ? -2.816  18.895  -10.850 1.00 37.78 ? 2048 HOH A O   1 
HETATM 1271 O  O   . HOH C 3 .   ? -7.397  13.086  -11.440 1.00 25.00 ? 2049 HOH A O   1 
HETATM 1272 O  O   . HOH C 3 .   ? -0.221  11.381  -7.957  1.00 26.05 ? 2050 HOH A O   1 
HETATM 1273 O  O   . HOH C 3 .   ? -0.352  15.708  -11.421 1.00 37.22 ? 2051 HOH A O   1 
HETATM 1274 O  O   . HOH C 3 .   ? 2.539   1.688   -12.593 1.00 35.23 ? 2052 HOH A O   1 
HETATM 1275 O  O   . HOH C 3 .   ? -3.414  -4.152  -12.066 1.00 39.25 ? 2053 HOH A O   1 
HETATM 1276 O  O   . HOH C 3 .   ? -4.573  -1.261  -9.004  1.00 34.02 ? 2054 HOH A O   1 
HETATM 1277 O  O   . HOH C 3 .   ? -3.621  2.625   -7.993  1.00 29.87 ? 2055 HOH A O   1 
HETATM 1278 O  O   . HOH C 3 .   ? 2.201   8.109   -4.162  1.00 21.17 ? 2056 HOH A O   1 
HETATM 1279 O  O   . HOH C 3 .   ? 2.298   7.320   7.741   1.00 27.63 ? 2057 HOH A O   1 
HETATM 1280 O  O   . HOH C 3 .   ? -1.653  8.823   12.728  1.00 23.39 ? 2058 HOH A O   1 
HETATM 1281 O  O   . HOH C 3 .   ? -1.204  13.413  10.362  1.00 28.03 ? 2059 HOH A O   1 
HETATM 1282 O  O   . HOH C 3 .   ? -6.746  -5.863  20.307  1.00 37.39 ? 2060 HOH A O   1 
HETATM 1283 O  O   . HOH C 3 .   ? -5.390  -1.472  21.171  1.00 36.79 ? 2061 HOH A O   1 
HETATM 1284 O  O   . HOH C 3 .   ? -10.671 -13.305 13.890  1.00 36.97 ? 2062 HOH A O   1 
HETATM 1285 O  O   . HOH C 3 .   ? -0.716  -14.067 -0.404  1.00 37.09 ? 2063 HOH A O   1 
HETATM 1286 O  O   . HOH C 3 .   ? -2.257  -11.412 -2.959  1.00 34.79 ? 2064 HOH A O   1 
HETATM 1287 O  O   . HOH C 3 .   ? 4.719   -7.820  1.461   1.00 23.08 ? 2065 HOH A O   1 
HETATM 1288 O  O   . HOH C 3 .   ? 8.771   -2.164  -0.274  1.00 24.43 ? 2066 HOH A O   1 
HETATM 1289 O  O   . HOH C 3 .   ? 10.732  -0.115  -1.805  1.00 25.25 ? 2067 HOH A O   1 
HETATM 1290 O  O   . HOH C 3 .   ? 13.091  3.386   -9.721  1.00 45.82 ? 2068 HOH A O   1 
HETATM 1291 O  O   . HOH C 3 .   ? 16.011  8.632   -1.896  1.00 46.48 ? 2069 HOH A O   1 
HETATM 1292 O  O   . HOH C 3 .   ? 3.183   -2.882  -10.651 1.00 28.53 ? 2070 HOH A O   1 
HETATM 1293 O  O   . HOH C 3 .   ? 10.082  -11.980 -2.473  1.00 26.76 ? 2071 HOH A O   1 
HETATM 1294 O  O   . HOH C 3 .   ? 15.643  -15.441 -4.493  1.00 30.98 ? 2072 HOH A O   1 
HETATM 1295 O  O   . HOH C 3 .   ? 17.210  -13.746 -6.191  1.00 30.32 ? 2073 HOH A O   1 
HETATM 1296 O  O   . HOH C 3 .   ? 4.098   -13.871 -2.504  1.00 41.70 ? 2074 HOH A O   1 
HETATM 1297 O  O   . HOH C 3 .   ? 5.952   -8.671  -10.599 1.00 34.87 ? 2075 HOH A O   1 
HETATM 1298 O  O   . HOH C 3 .   ? -0.123  -9.213  -12.768 1.00 33.23 ? 2076 HOH A O   1 
HETATM 1299 O  O   . HOH C 3 .   ? 0.872   -11.731 -6.136  1.00 30.23 ? 2077 HOH A O   1 
HETATM 1300 O  O   . HOH C 3 .   ? -5.133  -9.743  -6.271  1.00 43.24 ? 2078 HOH A O   1 
HETATM 1301 O  O   . HOH C 3 .   ? 8.870   10.760  -3.404  1.00 35.44 ? 2079 HOH A O   1 
HETATM 1302 O  O   . HOH C 3 .   ? 2.418   14.783  -3.993  1.00 29.29 ? 2080 HOH A O   1 
HETATM 1303 O  O   . HOH C 3 .   ? 2.517   11.563  -5.918  1.00 29.12 ? 2081 HOH A O   1 
HETATM 1304 O  O   . HOH C 3 .   ? 2.393   10.248  7.051   1.00 30.14 ? 2082 HOH A O   1 
HETATM 1305 O  O   . HOH C 3 .   ? 7.003   13.715  3.397   1.00 41.15 ? 2083 HOH A O   1 
HETATM 1306 O  O   . HOH C 3 .   ? 0.155   11.151  5.906   1.00 31.53 ? 2084 HOH A O   1 
HETATM 1307 O  O   . HOH C 3 .   ? -9.754  11.638  2.489   1.00 37.87 ? 2085 HOH A O   1 
HETATM 1308 O  O   . HOH C 3 .   ? -3.516  15.458  14.123  1.00 36.28 ? 2086 HOH A O   1 
HETATM 1309 O  O   . HOH C 3 .   ? -14.206 18.591  1.579   1.00 35.13 ? 2087 HOH A O   1 
HETATM 1310 O  O   . HOH C 3 .   ? 0.453   15.207  3.596   1.00 32.54 ? 2088 HOH A O   1 
HETATM 1311 O  O   . HOH C 3 .   ? -2.189  18.827  -1.335  1.00 25.54 ? 2089 HOH A O   1 
HETATM 1312 O  O   . HOH C 3 .   ? 5.819   17.859  -1.293  1.00 42.70 ? 2090 HOH A O   1 
HETATM 1313 O  O   . HOH C 3 .   ? 9.807   12.174  4.472   1.00 39.13 ? 2091 HOH A O   1 
HETATM 1314 O  O   . HOH C 3 .   ? 14.680  6.351   1.012   1.00 43.65 ? 2092 HOH A O   1 
HETATM 1315 O  O   . HOH C 3 .   ? 6.837   7.514   7.926   1.00 29.97 ? 2093 HOH A O   1 
HETATM 1316 O  O   . HOH C 3 .   ? 11.728  -0.493  4.066   1.00 39.54 ? 2094 HOH A O   1 
HETATM 1317 O  O   . HOH C 3 .   ? 8.008   -2.987  4.345   1.00 31.36 ? 2095 HOH A O   1 
HETATM 1318 O  O   . HOH C 3 .   ? 8.843   -4.845  0.799   1.00 25.53 ? 2096 HOH A O   1 
HETATM 1319 O  O   . HOH C 3 .   ? 14.536  -12.666 2.130   1.00 29.78 ? 2097 HOH A O   1 
HETATM 1320 O  O   . HOH C 3 .   ? 12.597  -6.356  1.764   1.00 27.53 ? 2098 HOH A O   1 
HETATM 1321 O  O   . HOH C 3 .   ? 14.996  -9.503  1.640   1.00 36.94 ? 2099 HOH A O   1 
HETATM 1322 O  O   . HOH C 3 .   ? 16.432  -18.927 -0.406  1.00 26.45 ? 2100 HOH A O   1 
HETATM 1323 O  O   . HOH C 3 .   ? 18.789  -6.578  -6.620  1.00 44.62 ? 2106 HOH A O   1 
HETATM 1324 O  O   . HOH C 3 .   ? 5.580   -4.471  -10.778 1.00 32.56 ? 2102 HOH A O   1 
HETATM 1325 O  O   . HOH C 3 .   ? 9.024   -5.135  -15.274 1.00 38.59 ? 2103 HOH A O   1 
HETATM 1326 O  O   . HOH C 3 .   ? -10.662 7.242   -13.867 1.00 48.34 ? 2104 HOH A O   1 
HETATM 1327 O  O   . HOH C 3 .   ? -21.678 14.806  -17.925 1.00 43.18 ? 2105 HOH A O   1 
# 
